data_9HL3
#
_entry.id   9HL3
#
_cell.length_a   1.00
_cell.length_b   1.00
_cell.length_c   1.00
_cell.angle_alpha   90.00
_cell.angle_beta   90.00
_cell.angle_gamma   90.00
#
_symmetry.space_group_name_H-M   'P 1'
#
loop_
_entity.id
_entity.type
_entity.pdbx_description
1 polymer Mucolipin-1
2 branched 2-acetamido-2-deoxy-beta-D-glucopyranose-(1-4)-2-acetamido-2-deoxy-beta-D-glucopyranose
3 non-polymer DECANE
4 non-polymer DODECANE
5 non-polymer N-OCTANE
6 non-polymer '(2R)-3-{[(S)-hydroxy{[(1S,2R,3R,4S,5S,6R)-2,4,6-trihydroxy-3,5-bis(phosphonooxy)cyclohexyl]oxy}phosphoryl]oxy}propane-1,2-diyl dioctanoate'
7 non-polymer 2-[2-oxidanylidene-2-[(4R)-2,2,4-trimethyl-3,4-dihydroquinolin-1-yl]ethyl]isoindole-1,3-dione
8 water water
#
_entity_poly.entity_id   1
_entity_poly.type   'polypeptide(L)'
_entity_poly.pdbx_seq_one_letter_code
;MHHHHHHHHGGSDYKDHDGDYKDHDIDYKDDDDKGGSGGSENLYFQGPGTAPAGPRGSETERLLTPNPGYGTQAGPSPAP
PTPPEEEDLRRRLKYFFMSPCDKFRAKGRKPCKLMLQVVKILVVTVQLILFGLSNQLAVTFREENTIAFRHLFLLGYSDG
ADDTFAAYTREQLYQAIFHAVDQYLALPDVSLGRYAYVRGGGDPWTNGSGLALCQRYYHRGHVDPANDTFDIDPMVVTDC
IQVDPPERPPPPPSDDLTLLESSSSYKNLTLKFHKLVNVTIHFRLKTINLQSLINNEIPDCYTFSVLITFDNKAHSGRIP
ISLETQAHIQECKHPSVFQHGDNSFRLLFDVVVILTCSLSFLLCARSLLRGFLLQNEFVGFMWRQRGRVISLWERLEFVN
GWYILLVTSDVLTISGTIMKIGIEAKNLASYDVCSILLGTSTLLVWVGVIRYLTFFHNYNILIATLRVALPSVMRFCCCV
AVIYLGYCFCGWIVLGPYHVKFRSLSMVSECLFSLINGDDMFVTFAAMQAQQGRSSLVWLFSQLYLYSFISLFIYMVLSL
FIALITGAYDTIKHPGGAGAEESELQAYIAQCQDSPTSGKFRRGSGSACSLLCCCGRDPSEEHSLLVN
;
_entity_poly.pdbx_strand_id   A,B,C,D
#
# COMPACT_ATOMS: atom_id res chain seq x y z
N LEU A 89 47.33 -22.51 -37.67
CA LEU A 89 46.05 -21.81 -37.76
C LEU A 89 45.18 -22.12 -36.54
N ARG A 90 45.13 -23.40 -36.16
CA ARG A 90 44.31 -23.80 -35.03
C ARG A 90 44.77 -23.12 -33.75
N ARG A 91 46.09 -23.00 -33.57
CA ARG A 91 46.61 -22.30 -32.40
C ARG A 91 46.22 -20.83 -32.43
N ARG A 92 46.17 -20.22 -33.61
CA ARG A 92 45.75 -18.82 -33.71
C ARG A 92 44.31 -18.66 -33.23
N LEU A 93 43.43 -19.55 -33.67
CA LEU A 93 42.04 -19.49 -33.21
C LEU A 93 41.94 -19.76 -31.72
N LYS A 94 42.73 -20.70 -31.21
CA LYS A 94 42.72 -20.99 -29.78
C LYS A 94 43.13 -19.76 -28.98
N TYR A 95 44.16 -19.04 -29.45
CA TYR A 95 44.57 -17.82 -28.78
C TYR A 95 43.48 -16.75 -28.89
N PHE A 96 42.76 -16.71 -30.01
CA PHE A 96 41.73 -15.71 -30.19
C PHE A 96 40.64 -15.83 -29.14
N PHE A 97 40.40 -17.03 -28.63
CA PHE A 97 39.32 -17.30 -27.67
C PHE A 97 39.86 -17.55 -26.27
N MET A 98 40.96 -16.89 -25.90
CA MET A 98 41.64 -17.12 -24.64
C MET A 98 41.39 -15.95 -23.68
N SER A 99 41.41 -16.25 -22.38
CA SER A 99 41.14 -15.26 -21.35
C SER A 99 42.30 -14.29 -21.22
N PRO A 100 42.07 -13.12 -20.61
CA PRO A 100 43.15 -12.14 -20.48
C PRO A 100 44.38 -12.67 -19.76
N CYS A 101 44.18 -13.46 -18.71
CA CYS A 101 45.33 -14.05 -18.00
C CYS A 101 46.04 -15.08 -18.88
N ASP A 102 45.26 -15.94 -19.54
CA ASP A 102 45.87 -16.92 -20.44
C ASP A 102 46.58 -16.21 -21.60
N LYS A 103 45.96 -15.18 -22.16
CA LYS A 103 46.60 -14.43 -23.24
C LYS A 103 47.89 -13.79 -22.76
N PHE A 104 47.90 -13.24 -21.55
CA PHE A 104 49.11 -12.64 -21.01
C PHE A 104 50.21 -13.67 -20.87
N ARG A 105 49.92 -14.78 -20.19
CA ARG A 105 50.95 -15.79 -19.99
C ARG A 105 51.37 -16.46 -21.29
N ALA A 106 50.57 -16.34 -22.35
CA ALA A 106 50.95 -16.90 -23.64
C ALA A 106 51.86 -15.96 -24.42
N LYS A 107 51.43 -14.72 -24.60
CA LYS A 107 52.18 -13.75 -25.41
C LYS A 107 52.60 -12.52 -24.62
N GLY A 108 52.49 -12.54 -23.29
CA GLY A 108 52.89 -11.40 -22.50
C GLY A 108 52.12 -10.13 -22.85
N ARG A 109 50.84 -10.27 -23.16
CA ARG A 109 50.02 -9.12 -23.54
C ARG A 109 49.53 -8.38 -22.31
N LYS A 110 49.64 -7.05 -22.35
CA LYS A 110 49.17 -6.23 -21.25
C LYS A 110 47.66 -6.05 -21.34
N PRO A 111 46.92 -6.31 -20.25
CA PRO A 111 45.44 -6.22 -20.33
C PRO A 111 44.96 -4.77 -20.22
N CYS A 112 45.24 -3.98 -21.25
CA CYS A 112 44.89 -2.56 -21.21
C CYS A 112 43.38 -2.36 -21.16
N LYS A 113 42.62 -3.19 -21.87
CA LYS A 113 41.19 -2.97 -21.96
C LYS A 113 40.51 -3.12 -20.61
N LEU A 114 40.99 -4.05 -19.77
CA LEU A 114 40.38 -4.24 -18.45
C LEU A 114 40.59 -3.03 -17.56
N MET A 115 41.83 -2.52 -17.51
CA MET A 115 42.10 -1.32 -16.73
C MET A 115 41.33 -0.13 -17.28
N LEU A 116 41.22 -0.03 -18.60
CA LEU A 116 40.42 1.01 -19.21
C LEU A 116 38.96 0.91 -18.77
N GLN A 117 38.43 -0.32 -18.69
CA GLN A 117 37.05 -0.50 -18.26
C GLN A 117 36.86 -0.05 -16.82
N VAL A 118 37.81 -0.38 -15.94
CA VAL A 118 37.69 0.04 -14.54
C VAL A 118 37.72 1.56 -14.44
N VAL A 119 38.68 2.17 -15.13
CA VAL A 119 38.80 3.63 -15.11
C VAL A 119 37.54 4.27 -15.69
N LYS A 120 37.00 3.68 -16.75
CA LYS A 120 35.77 4.19 -17.35
C LYS A 120 34.62 4.13 -16.36
N ILE A 121 34.47 3.02 -15.65
CA ILE A 121 33.40 2.94 -14.65
C ILE A 121 33.53 4.09 -13.67
N LEU A 122 34.73 4.27 -13.12
CA LEU A 122 34.93 5.32 -12.12
C LEU A 122 34.58 6.70 -12.68
N VAL A 123 35.20 7.07 -13.80
CA VAL A 123 35.09 8.43 -14.29
C VAL A 123 33.69 8.72 -14.81
N VAL A 124 33.07 7.74 -15.49
CA VAL A 124 31.72 7.93 -16.01
C VAL A 124 30.73 8.10 -14.88
N THR A 125 30.85 7.30 -13.82
CA THR A 125 29.95 7.46 -12.68
C THR A 125 30.13 8.83 -12.03
N VAL A 126 31.38 9.27 -11.86
CA VAL A 126 31.63 10.58 -11.26
C VAL A 126 31.03 11.68 -12.13
N GLN A 127 31.21 11.57 -13.45
CA GLN A 127 30.64 12.56 -14.36
C GLN A 127 29.13 12.60 -14.27
N LEU A 128 28.49 11.42 -14.17
CA LEU A 128 27.04 11.38 -14.06
C LEU A 128 26.58 12.11 -12.80
N ILE A 129 27.26 11.88 -11.68
CA ILE A 129 26.86 12.55 -10.43
C ILE A 129 27.05 14.07 -10.57
N LEU A 130 28.18 14.49 -11.11
CA LEU A 130 28.45 15.92 -11.27
C LEU A 130 27.38 16.57 -12.14
N PHE A 131 27.00 15.93 -13.24
CA PHE A 131 25.91 16.46 -14.07
C PHE A 131 24.60 16.49 -13.29
N GLY A 132 24.33 15.44 -12.51
CA GLY A 132 23.11 15.38 -11.75
C GLY A 132 22.94 16.58 -10.85
N LEU A 133 24.05 17.14 -10.35
CA LEU A 133 23.94 18.36 -9.56
C LEU A 133 23.19 19.47 -10.32
N SER A 134 23.65 19.79 -11.52
CA SER A 134 23.03 20.86 -12.30
C SER A 134 21.62 20.48 -12.74
N ASN A 135 21.43 19.22 -13.12
CA ASN A 135 20.10 18.76 -13.53
C ASN A 135 19.10 18.96 -12.40
N GLN A 136 19.49 18.59 -11.18
CA GLN A 136 18.63 18.79 -10.02
C GLN A 136 18.35 20.27 -9.78
N LEU A 137 19.36 21.12 -9.93
CA LEU A 137 19.11 22.55 -9.76
C LEU A 137 18.02 23.04 -10.71
N ALA A 138 18.14 22.69 -11.99
CA ALA A 138 17.16 23.17 -12.98
C ALA A 138 15.76 22.64 -12.67
N VAL A 139 15.65 21.34 -12.37
CA VAL A 139 14.34 20.76 -12.12
C VAL A 139 13.72 21.37 -10.86
N THR A 140 14.52 21.54 -9.81
CA THR A 140 14.00 22.12 -8.59
C THR A 140 13.46 23.53 -8.86
N PHE A 141 14.20 24.32 -9.63
CA PHE A 141 13.73 25.66 -9.94
C PHE A 141 12.36 25.60 -10.63
N ARG A 142 12.24 24.76 -11.66
CA ARG A 142 10.98 24.72 -12.41
C ARG A 142 9.80 24.31 -11.52
N GLU A 143 9.92 23.17 -10.83
CA GLU A 143 8.79 22.69 -10.02
C GLU A 143 8.47 23.62 -8.86
N GLU A 144 9.49 24.17 -8.19
CA GLU A 144 9.20 25.07 -7.07
C GLU A 144 8.49 26.32 -7.54
N ASN A 145 8.92 26.90 -8.67
CA ASN A 145 8.21 28.05 -9.20
C ASN A 145 6.76 27.70 -9.56
N THR A 146 6.55 26.50 -10.12
CA THR A 146 5.18 26.11 -10.46
C THR A 146 4.31 26.01 -9.21
N ILE A 147 4.84 25.41 -8.14
CA ILE A 147 4.07 25.30 -6.90
C ILE A 147 3.75 26.69 -6.35
N ALA A 148 4.74 27.59 -6.38
CA ALA A 148 4.49 28.94 -5.91
C ALA A 148 3.40 29.62 -6.74
N PHE A 149 3.40 29.42 -8.05
CA PHE A 149 2.35 30.00 -8.89
C PHE A 149 0.99 29.44 -8.51
N ARG A 150 0.90 28.13 -8.25
CA ARG A 150 -0.39 27.57 -7.85
C ARG A 150 -0.89 28.20 -6.56
N HIS A 151 0.01 28.38 -5.58
CA HIS A 151 -0.43 29.00 -4.33
C HIS A 151 -0.76 30.47 -4.51
N LEU A 152 -0.13 31.16 -5.47
CA LEU A 152 -0.36 32.58 -5.64
C LEU A 152 -1.64 32.88 -6.41
N PHE A 153 -1.94 32.12 -7.46
CA PHE A 153 -2.97 32.51 -8.41
C PHE A 153 -4.28 31.73 -8.29
N LEU A 154 -4.28 30.59 -7.59
CA LEU A 154 -5.48 29.78 -7.46
C LEU A 154 -6.14 30.06 -6.11
N LEU A 155 -7.37 30.57 -6.14
CA LEU A 155 -8.06 30.95 -4.92
C LEU A 155 -8.46 29.72 -4.12
N GLY A 156 -7.98 29.65 -2.88
CA GLY A 156 -8.30 28.52 -2.02
C GLY A 156 -7.55 27.25 -2.32
N TYR A 157 -6.45 27.32 -3.04
CA TYR A 157 -5.68 26.13 -3.36
C TYR A 157 -4.91 25.62 -2.14
N SER A 158 -4.80 24.30 -2.04
CA SER A 158 -3.97 23.67 -1.02
C SER A 158 -3.26 22.49 -1.65
N ASP A 159 -2.13 22.12 -1.05
CA ASP A 159 -1.32 21.03 -1.60
C ASP A 159 -2.11 19.72 -1.58
N GLY A 160 -1.96 18.95 -2.65
CA GLY A 160 -2.63 17.67 -2.78
C GLY A 160 -4.03 17.72 -3.34
N ALA A 161 -4.55 18.90 -3.66
CA ALA A 161 -5.91 19.06 -4.17
C ALA A 161 -5.95 19.28 -5.67
N ASP A 162 -4.85 18.97 -6.38
CA ASP A 162 -4.76 19.33 -7.79
C ASP A 162 -5.84 18.65 -8.63
N ASP A 163 -6.09 17.36 -8.38
CA ASP A 163 -6.98 16.60 -9.26
C ASP A 163 -8.45 16.76 -8.88
N THR A 164 -8.77 17.40 -7.75
CA THR A 164 -10.14 17.67 -7.38
C THR A 164 -10.48 19.15 -7.33
N PHE A 165 -9.50 20.04 -7.51
CA PHE A 165 -9.75 21.47 -7.48
C PHE A 165 -10.72 21.86 -8.58
N ALA A 166 -11.86 22.44 -8.19
CA ALA A 166 -12.90 22.76 -9.16
C ALA A 166 -13.83 23.82 -8.57
N ALA A 167 -14.61 24.44 -9.45
CA ALA A 167 -15.64 25.38 -9.07
C ALA A 167 -17.01 24.76 -9.33
N TYR A 168 -17.99 25.16 -8.52
CA TYR A 168 -19.33 24.59 -8.61
C TYR A 168 -20.44 25.63 -8.67
N THR A 169 -20.14 26.92 -8.53
CA THR A 169 -21.13 27.97 -8.66
C THR A 169 -20.55 29.09 -9.51
N ARG A 170 -21.46 29.88 -10.11
CA ARG A 170 -21.04 31.01 -10.92
C ARG A 170 -20.21 31.98 -10.09
N GLU A 171 -20.60 32.21 -8.84
CA GLU A 171 -19.88 33.14 -7.98
C GLU A 171 -18.47 32.64 -7.69
N GLN A 172 -18.33 31.34 -7.43
CA GLN A 172 -17.00 30.77 -7.20
C GLN A 172 -16.10 30.96 -8.42
N LEU A 173 -16.63 30.72 -9.61
CA LEU A 173 -15.84 30.84 -10.82
C LEU A 173 -15.41 32.28 -11.05
N TYR A 174 -16.34 33.23 -10.89
CA TYR A 174 -16.00 34.63 -11.04
C TYR A 174 -14.94 35.04 -10.03
N GLN A 175 -15.09 34.62 -8.78
CA GLN A 175 -14.13 34.97 -7.75
C GLN A 175 -12.76 34.40 -8.06
N ALA A 176 -12.70 33.15 -8.54
CA ALA A 176 -11.41 32.56 -8.87
C ALA A 176 -10.73 33.32 -10.01
N ILE A 177 -11.48 33.65 -11.06
CA ILE A 177 -10.89 34.36 -12.20
C ILE A 177 -10.37 35.73 -11.76
N PHE A 178 -11.20 36.48 -11.02
CA PHE A 178 -10.78 37.80 -10.58
C PHE A 178 -9.61 37.72 -9.61
N HIS A 179 -9.57 36.69 -8.75
CA HIS A 179 -8.44 36.52 -7.87
C HIS A 179 -7.15 36.28 -8.65
N ALA A 180 -7.22 35.46 -9.69
CA ALA A 180 -6.03 35.22 -10.51
C ALA A 180 -5.53 36.51 -11.13
N VAL A 181 -6.44 37.29 -11.72
CA VAL A 181 -6.03 38.53 -12.37
C VAL A 181 -5.47 39.53 -11.35
N ASP A 182 -6.15 39.66 -10.20
CA ASP A 182 -5.71 40.60 -9.18
C ASP A 182 -4.34 40.22 -8.64
N GLN A 183 -4.10 38.93 -8.43
CA GLN A 183 -2.79 38.50 -7.96
C GLN A 183 -1.72 38.75 -9.01
N TYR A 184 -2.06 38.54 -10.30
CA TYR A 184 -1.12 38.90 -11.35
C TYR A 184 -0.75 40.38 -11.27
N LEU A 185 -1.74 41.24 -11.01
CA LEU A 185 -1.46 42.68 -10.97
C LEU A 185 -0.71 43.07 -9.69
N ALA A 186 -0.90 42.34 -8.60
CA ALA A 186 -0.28 42.66 -7.32
C ALA A 186 1.02 41.92 -7.07
N LEU A 187 1.46 41.09 -8.01
CA LEU A 187 2.66 40.25 -7.80
C LEU A 187 3.86 41.02 -7.26
N PRO A 188 4.23 42.19 -7.78
CA PRO A 188 5.46 42.84 -7.30
C PRO A 188 5.43 43.21 -5.82
N ASP A 189 4.26 43.35 -5.23
CA ASP A 189 4.15 43.75 -3.82
C ASP A 189 4.03 42.57 -2.86
N VAL A 190 3.55 41.42 -3.33
CA VAL A 190 3.23 40.31 -2.43
C VAL A 190 4.16 39.13 -2.62
N SER A 191 4.69 38.90 -3.81
CA SER A 191 5.43 37.68 -4.08
C SER A 191 6.78 37.68 -3.37
N LEU A 192 7.18 36.50 -2.91
CA LEU A 192 8.52 36.33 -2.34
C LEU A 192 9.60 36.27 -3.42
N GLY A 193 9.24 35.80 -4.62
CA GLY A 193 10.18 35.84 -5.73
C GLY A 193 10.16 37.17 -6.44
N ARG A 194 11.17 37.37 -7.29
CA ARG A 194 11.31 38.57 -8.10
C ARG A 194 11.02 38.21 -9.55
N TYR A 195 9.91 38.73 -10.08
CA TYR A 195 9.46 38.41 -11.42
C TYR A 195 9.36 39.68 -12.25
N ALA A 196 9.59 39.54 -13.55
CA ALA A 196 9.41 40.63 -14.51
C ALA A 196 8.31 40.27 -15.49
N TYR A 197 7.59 41.28 -15.94
CA TYR A 197 6.48 41.08 -16.87
C TYR A 197 6.99 40.99 -18.31
N VAL A 198 6.20 40.31 -19.14
CA VAL A 198 6.46 40.19 -20.57
C VAL A 198 5.22 40.68 -21.30
N ARG A 199 5.43 41.54 -22.30
CA ARG A 199 4.34 42.14 -23.06
C ARG A 199 4.44 41.76 -24.53
N GLY A 200 3.29 41.73 -25.20
CA GLY A 200 3.26 41.48 -26.63
C GLY A 200 3.80 40.12 -26.98
N GLY A 201 4.48 40.04 -28.12
CA GLY A 201 5.09 38.80 -28.54
C GLY A 201 4.17 37.82 -29.22
N GLY A 202 3.10 38.30 -29.85
CA GLY A 202 2.21 37.43 -30.59
C GLY A 202 1.02 36.95 -29.78
N ASP A 203 0.23 36.09 -30.43
CA ASP A 203 -0.99 35.61 -29.82
C ASP A 203 -0.68 34.78 -28.57
N PRO A 204 -1.59 34.78 -27.58
CA PRO A 204 -2.87 35.49 -27.53
C PRO A 204 -2.76 36.92 -27.03
N TRP A 205 -1.55 37.44 -26.88
CA TRP A 205 -1.35 38.78 -26.35
C TRP A 205 -1.23 39.79 -27.48
N THR A 206 -1.97 40.88 -27.39
CA THR A 206 -1.75 42.01 -28.27
C THR A 206 -0.53 42.79 -27.81
N ASN A 207 -0.10 43.73 -28.65
CA ASN A 207 1.07 44.53 -28.32
C ASN A 207 0.85 45.31 -27.04
N GLY A 208 1.81 45.22 -26.12
CA GLY A 208 1.72 45.91 -24.85
C GLY A 208 0.87 45.24 -23.81
N SER A 209 0.33 44.05 -24.08
CA SER A 209 -0.53 43.34 -23.14
C SER A 209 0.27 42.24 -22.46
N GLY A 210 0.13 42.13 -21.14
CA GLY A 210 0.83 41.13 -20.38
C GLY A 210 0.00 39.88 -20.09
N LEU A 211 -1.30 40.06 -19.89
CA LEU A 211 -2.18 38.95 -19.54
C LEU A 211 -3.35 38.90 -20.51
N ALA A 212 -3.68 37.69 -20.96
CA ALA A 212 -4.82 37.45 -21.84
C ALA A 212 -5.85 36.62 -21.10
N LEU A 213 -7.08 37.13 -21.00
CA LEU A 213 -8.18 36.43 -20.34
C LEU A 213 -9.22 36.12 -21.41
N CYS A 214 -9.28 34.87 -21.84
CA CYS A 214 -10.08 34.47 -22.99
C CYS A 214 -11.18 33.52 -22.55
N GLN A 215 -12.36 33.68 -23.12
CA GLN A 215 -13.46 32.74 -22.95
C GLN A 215 -13.85 32.20 -24.32
N ARG A 216 -14.01 30.88 -24.40
CA ARG A 216 -14.36 30.19 -25.63
C ARG A 216 -15.71 29.53 -25.44
N TYR A 217 -16.63 29.80 -26.39
CA TYR A 217 -18.00 29.30 -26.32
C TYR A 217 -18.46 28.93 -27.72
N TYR A 218 -19.71 28.48 -27.84
CA TYR A 218 -20.26 28.10 -29.13
C TYR A 218 -20.80 29.32 -29.87
N HIS A 219 -20.63 29.32 -31.19
CA HIS A 219 -21.06 30.45 -32.01
C HIS A 219 -22.56 30.70 -31.84
N ARG A 220 -23.36 29.65 -31.91
CA ARG A 220 -24.78 29.72 -31.61
C ARG A 220 -25.11 28.61 -30.62
N GLY A 221 -25.60 28.98 -29.45
CA GLY A 221 -26.08 27.98 -28.53
C GLY A 221 -27.40 28.34 -27.90
N HIS A 222 -28.43 27.54 -28.17
N HIS A 222 -28.42 27.54 -28.17
CA HIS A 222 -29.73 27.66 -27.52
CA HIS A 222 -29.73 27.66 -27.52
C HIS A 222 -30.03 26.31 -26.90
C HIS A 222 -30.04 26.32 -26.89
N VAL A 223 -30.05 26.25 -25.57
CA VAL A 223 -30.23 25.01 -24.83
C VAL A 223 -31.51 25.14 -24.01
N ASP A 224 -32.48 24.26 -24.27
CA ASP A 224 -33.78 24.29 -23.59
C ASP A 224 -34.08 22.87 -23.11
N PRO A 225 -33.46 22.45 -22.01
CA PRO A 225 -33.80 21.11 -21.47
C PRO A 225 -35.23 21.01 -20.99
N ALA A 226 -35.88 22.13 -20.67
CA ALA A 226 -37.28 22.09 -20.28
C ALA A 226 -38.14 21.55 -21.42
N ASN A 227 -37.85 21.97 -22.64
CA ASN A 227 -38.55 21.48 -23.83
C ASN A 227 -37.79 20.35 -24.51
N ASP A 228 -36.70 19.87 -23.92
CA ASP A 228 -35.89 18.80 -24.48
C ASP A 228 -35.47 19.13 -25.91
N THR A 229 -34.89 20.32 -26.08
CA THR A 229 -34.51 20.76 -27.41
C THR A 229 -33.28 21.66 -27.34
N PHE A 230 -32.62 21.80 -28.49
CA PHE A 230 -31.48 22.69 -28.57
C PHE A 230 -31.20 23.04 -30.03
N ASP A 231 -30.45 24.12 -30.20
CA ASP A 231 -30.01 24.61 -31.51
C ASP A 231 -28.57 25.06 -31.35
N ILE A 232 -27.65 24.30 -31.93
CA ILE A 232 -26.23 24.48 -31.70
C ILE A 232 -25.50 24.61 -33.04
N ASP A 233 -24.67 25.64 -33.15
CA ASP A 233 -23.61 25.69 -34.14
C ASP A 233 -22.30 25.48 -33.40
N PRO A 234 -21.66 24.30 -33.49
CA PRO A 234 -20.54 24.00 -32.60
C PRO A 234 -19.24 24.70 -32.94
N MET A 235 -19.23 25.65 -33.86
CA MET A 235 -18.02 26.39 -34.15
C MET A 235 -17.65 27.25 -32.94
N VAL A 236 -16.39 27.17 -32.52
CA VAL A 236 -15.95 27.80 -31.28
C VAL A 236 -15.56 29.24 -31.56
N VAL A 237 -16.08 30.16 -30.74
CA VAL A 237 -15.74 31.57 -30.78
C VAL A 237 -14.95 31.91 -29.54
N THR A 238 -13.83 32.61 -29.73
CA THR A 238 -12.94 33.04 -28.66
C THR A 238 -13.06 34.55 -28.50
N ASP A 239 -13.26 34.99 -27.26
CA ASP A 239 -13.29 36.42 -26.93
C ASP A 239 -12.27 36.67 -25.83
N CYS A 240 -11.32 37.57 -26.09
CA CYS A 240 -10.19 37.80 -25.21
C CYS A 240 -10.16 39.23 -24.72
N ILE A 241 -9.89 39.40 -23.43
CA ILE A 241 -9.67 40.69 -22.80
C ILE A 241 -8.19 40.79 -22.47
N GLN A 242 -7.57 41.92 -22.82
CA GLN A 242 -6.15 42.14 -22.64
C GLN A 242 -5.93 43.02 -21.41
N VAL A 243 -4.98 42.61 -20.57
CA VAL A 243 -4.63 43.35 -19.36
C VAL A 243 -3.16 43.69 -19.43
N ASP A 244 -2.85 44.97 -19.31
CA ASP A 244 -1.46 45.42 -19.27
C ASP A 244 -0.92 45.31 -17.85
N PRO A 245 0.33 44.89 -17.68
CA PRO A 245 0.89 44.81 -16.34
C PRO A 245 0.97 46.20 -15.71
N PRO A 246 0.88 46.29 -14.39
CA PRO A 246 0.82 47.60 -13.75
C PRO A 246 2.10 48.41 -13.98
N GLU A 247 1.93 49.72 -14.08
CA GLU A 247 3.06 50.62 -14.27
C GLU A 247 3.70 50.93 -12.92
N ARG A 248 4.96 50.53 -12.75
CA ARG A 248 5.66 50.71 -11.49
C ARG A 248 6.78 51.74 -11.65
N SER A 265 -12.83 47.08 -18.58
CA SER A 265 -11.76 46.31 -17.97
C SER A 265 -12.18 44.86 -17.79
N TYR A 266 -11.27 44.05 -17.24
CA TYR A 266 -11.55 42.64 -17.04
C TYR A 266 -12.66 42.40 -16.01
N LYS A 267 -12.91 43.36 -15.13
CA LYS A 267 -13.95 43.18 -14.13
C LYS A 267 -15.34 43.14 -14.73
N ASN A 268 -15.52 43.61 -15.96
CA ASN A 268 -16.80 43.57 -16.64
C ASN A 268 -17.02 42.26 -17.39
N LEU A 269 -16.19 41.26 -17.15
CA LEU A 269 -16.33 39.97 -17.83
C LEU A 269 -17.72 39.39 -17.56
N THR A 270 -18.38 38.96 -18.63
CA THR A 270 -19.70 38.34 -18.55
C THR A 270 -19.63 36.99 -19.25
N LEU A 271 -19.69 35.92 -18.47
CA LEU A 271 -19.53 34.58 -19.02
C LEU A 271 -20.84 34.07 -19.59
N LYS A 272 -20.75 33.41 -20.76
CA LYS A 272 -21.91 32.80 -21.42
C LYS A 272 -21.99 31.35 -20.96
N PHE A 273 -22.55 31.16 -19.76
CA PHE A 273 -22.43 29.89 -19.05
C PHE A 273 -23.04 28.74 -19.85
N HIS A 274 -24.22 28.95 -20.44
CA HIS A 274 -24.95 27.83 -21.04
C HIS A 274 -24.26 27.26 -22.26
N LYS A 275 -23.42 28.05 -22.94
CA LYS A 275 -22.67 27.57 -24.10
C LYS A 275 -21.16 27.74 -23.93
N LEU A 276 -20.69 27.87 -22.69
CA LEU A 276 -19.27 28.11 -22.44
C LEU A 276 -18.47 26.83 -22.62
N VAL A 277 -17.41 26.91 -23.41
CA VAL A 277 -16.50 25.77 -23.58
C VAL A 277 -15.38 25.81 -22.54
N ASN A 278 -14.67 26.93 -22.43
CA ASN A 278 -13.71 27.06 -21.35
C ASN A 278 -13.29 28.51 -21.18
N VAL A 279 -12.51 28.74 -20.13
CA VAL A 279 -11.88 30.03 -19.87
C VAL A 279 -10.39 29.79 -19.63
N THR A 280 -9.55 30.65 -20.19
CA THR A 280 -8.11 30.54 -20.04
C THR A 280 -7.51 31.88 -19.68
N ILE A 281 -6.45 31.82 -18.87
CA ILE A 281 -5.65 32.99 -18.52
C ILE A 281 -4.21 32.66 -18.91
N HIS A 282 -3.62 33.50 -19.76
CA HIS A 282 -2.27 33.31 -20.26
C HIS A 282 -1.40 34.48 -19.85
N PHE A 283 -0.23 34.20 -19.30
CA PHE A 283 0.73 35.28 -19.08
C PHE A 283 2.12 34.69 -18.88
N ARG A 284 3.14 35.53 -19.06
CA ARG A 284 4.53 35.11 -18.95
C ARG A 284 5.25 35.92 -17.88
N LEU A 285 6.15 35.26 -17.15
CA LEU A 285 6.95 35.90 -16.12
C LEU A 285 8.43 35.54 -16.34
N LYS A 286 9.31 36.51 -16.12
CA LYS A 286 10.75 36.31 -16.23
C LYS A 286 11.39 36.32 -14.86
N THR A 287 12.30 35.37 -14.63
CA THR A 287 13.00 35.27 -13.36
C THR A 287 14.41 34.75 -13.60
N ILE A 288 15.21 34.71 -12.53
CA ILE A 288 16.60 34.31 -12.60
C ILE A 288 16.85 33.21 -11.58
N ASN A 289 17.51 32.14 -12.01
CA ASN A 289 17.78 30.97 -11.16
C ASN A 289 19.08 31.20 -10.40
N LEU A 290 18.98 31.93 -9.28
CA LEU A 290 20.17 32.34 -8.55
C LEU A 290 20.87 31.17 -7.86
N GLN A 291 20.12 30.10 -7.54
CA GLN A 291 20.71 29.01 -6.78
C GLN A 291 21.90 28.37 -7.49
N SER A 292 22.01 28.56 -8.81
CA SER A 292 23.15 28.01 -9.54
C SER A 292 24.47 28.50 -8.97
N LEU A 293 24.48 29.65 -8.30
CA LEU A 293 25.72 30.15 -7.71
C LEU A 293 26.33 29.14 -6.73
N ILE A 294 25.49 28.33 -6.08
CA ILE A 294 26.03 27.35 -5.15
C ILE A 294 26.88 26.31 -5.87
N ASN A 295 26.61 26.06 -7.14
CA ASN A 295 27.38 25.14 -7.95
C ASN A 295 28.47 25.83 -8.75
N ASN A 296 28.78 27.09 -8.43
CA ASN A 296 29.79 27.86 -9.15
C ASN A 296 29.46 27.97 -10.64
N GLU A 297 28.17 28.12 -10.93
CA GLU A 297 27.68 28.30 -12.29
C GLU A 297 26.98 29.65 -12.40
N ILE A 298 27.01 30.21 -13.60
CA ILE A 298 26.35 31.50 -13.84
C ILE A 298 24.85 31.27 -13.94
N PRO A 299 24.03 32.00 -13.17
CA PRO A 299 22.58 31.80 -13.25
C PRO A 299 22.03 32.02 -14.65
N ASP A 300 21.02 31.22 -15.00
CA ASP A 300 20.31 31.37 -16.26
C ASP A 300 19.08 32.26 -16.07
N CYS A 301 18.55 32.74 -17.19
CA CYS A 301 17.33 33.54 -17.21
C CYS A 301 16.18 32.65 -17.68
N TYR A 302 15.16 32.50 -16.83
CA TYR A 302 14.00 31.67 -17.13
C TYR A 302 12.81 32.52 -17.52
N THR A 303 12.06 32.07 -18.52
CA THR A 303 10.75 32.61 -18.83
C THR A 303 9.72 31.51 -18.61
N PHE A 304 8.77 31.77 -17.71
CA PHE A 304 7.68 30.85 -17.41
C PHE A 304 6.43 31.32 -18.15
N SER A 305 5.90 30.49 -19.02
CA SER A 305 4.60 30.70 -19.64
C SER A 305 3.56 29.98 -18.81
N VAL A 306 2.63 30.75 -18.23
CA VAL A 306 1.65 30.25 -17.27
C VAL A 306 0.29 30.25 -17.94
N LEU A 307 -0.37 29.09 -17.89
CA LEU A 307 -1.71 28.90 -18.43
C LEU A 307 -2.61 28.39 -17.31
N ILE A 308 -3.68 29.13 -17.03
CA ILE A 308 -4.69 28.72 -16.06
C ILE A 308 -5.96 28.41 -16.83
N THR A 309 -6.48 27.19 -16.63
CA THR A 309 -7.63 26.69 -17.37
C THR A 309 -8.79 26.41 -16.44
N PHE A 310 -9.94 27.00 -16.75
CA PHE A 310 -11.23 26.67 -16.13
C PHE A 310 -12.01 25.91 -17.20
N ASP A 311 -12.15 24.60 -17.03
CA ASP A 311 -12.59 23.71 -18.10
C ASP A 311 -14.06 23.35 -17.92
N ASN A 312 -14.87 23.65 -18.93
CA ASN A 312 -16.30 23.35 -18.92
C ASN A 312 -16.70 22.47 -20.10
N LYS A 313 -15.77 21.69 -20.64
CA LYS A 313 -16.07 20.89 -21.82
C LYS A 313 -17.09 19.80 -21.54
N ALA A 314 -17.27 19.40 -20.28
CA ALA A 314 -18.23 18.36 -19.94
C ALA A 314 -19.63 18.92 -19.69
N HIS A 315 -19.77 20.22 -19.45
CA HIS A 315 -21.08 20.85 -19.24
C HIS A 315 -21.86 20.12 -18.15
N SER A 316 -21.16 19.75 -17.07
CA SER A 316 -21.72 18.89 -16.04
C SER A 316 -22.00 19.63 -14.73
N GLY A 317 -21.86 20.95 -14.71
CA GLY A 317 -22.01 21.72 -13.49
C GLY A 317 -20.77 21.77 -12.62
N ARG A 318 -19.71 21.07 -12.99
CA ARG A 318 -18.45 21.08 -12.27
C ARG A 318 -17.37 21.52 -13.24
N ILE A 319 -16.65 22.58 -12.90
CA ILE A 319 -15.62 23.14 -13.78
C ILE A 319 -14.26 22.98 -13.10
N PRO A 320 -13.45 21.99 -13.47
CA PRO A 320 -12.12 21.87 -12.88
C PRO A 320 -11.21 23.02 -13.28
N ILE A 321 -10.30 23.36 -12.37
CA ILE A 321 -9.38 24.48 -12.53
C ILE A 321 -7.97 23.93 -12.40
N SER A 322 -7.11 24.28 -13.36
CA SER A 322 -5.73 23.78 -13.36
C SER A 322 -4.79 24.90 -13.77
N LEU A 323 -3.53 24.77 -13.34
CA LEU A 323 -2.46 25.69 -13.70
C LEU A 323 -1.29 24.88 -14.25
N GLU A 324 -0.76 25.30 -15.39
CA GLU A 324 0.40 24.65 -16.00
C GLU A 324 1.41 25.70 -16.43
N THR A 325 2.67 25.27 -16.51
CA THR A 325 3.76 26.16 -16.85
C THR A 325 4.67 25.50 -17.89
N GLN A 326 5.21 26.33 -18.77
CA GLN A 326 6.29 25.94 -19.68
C GLN A 326 7.49 26.83 -19.41
N ALA A 327 8.66 26.21 -19.22
CA ALA A 327 9.87 26.93 -18.87
C ALA A 327 10.78 27.03 -20.09
N HIS A 328 11.28 28.22 -20.38
CA HIS A 328 12.24 28.45 -21.43
C HIS A 328 13.49 29.06 -20.83
N ILE A 329 14.63 28.39 -21.00
CA ILE A 329 15.89 28.81 -20.42
C ILE A 329 16.67 29.60 -21.47
N GLN A 330 17.37 30.65 -21.01
CA GLN A 330 18.12 31.50 -21.91
C GLN A 330 19.31 32.07 -21.16
N GLU A 331 20.32 32.50 -21.91
CA GLU A 331 21.48 33.15 -21.32
C GLU A 331 21.15 34.61 -21.05
N CYS A 332 21.50 35.07 -19.85
CA CYS A 332 21.23 36.46 -19.48
C CYS A 332 22.19 37.39 -20.20
N LYS A 333 21.76 38.64 -20.37
CA LYS A 333 22.54 39.63 -21.11
C LYS A 333 23.62 40.20 -20.22
N HIS A 334 24.87 39.84 -20.51
CA HIS A 334 26.03 40.35 -19.79
C HIS A 334 25.82 40.32 -18.29
N PRO A 335 25.80 39.15 -17.68
CA PRO A 335 25.70 39.07 -16.22
C PRO A 335 27.06 39.33 -15.57
N SER A 336 27.06 39.39 -14.24
CA SER A 336 28.28 39.69 -13.51
C SER A 336 28.24 38.99 -12.16
N VAL A 337 29.17 38.07 -11.94
CA VAL A 337 29.33 37.38 -10.66
C VAL A 337 30.74 37.66 -10.16
N PHE A 338 30.84 38.14 -8.93
CA PHE A 338 32.13 38.56 -8.38
C PHE A 338 33.02 37.35 -8.14
N GLN A 339 34.17 37.33 -8.80
CA GLN A 339 35.17 36.29 -8.60
C GLN A 339 34.56 34.90 -8.65
N PHE A 345 37.24 22.53 -12.90
CA PHE A 345 37.94 21.43 -13.57
C PHE A 345 36.97 20.57 -14.37
N ARG A 346 35.70 20.99 -14.42
CA ARG A 346 34.68 20.16 -15.06
C ARG A 346 35.00 19.96 -16.54
N LEU A 347 35.48 21.00 -17.21
CA LEU A 347 35.85 20.86 -18.62
C LEU A 347 36.97 19.84 -18.79
N LEU A 348 37.98 19.90 -17.93
CA LEU A 348 39.08 18.93 -18.02
C LEU A 348 38.59 17.52 -17.71
N PHE A 349 37.68 17.36 -16.76
CA PHE A 349 37.14 16.03 -16.46
C PHE A 349 36.36 15.49 -17.65
N ASP A 350 35.58 16.36 -18.31
CA ASP A 350 34.88 15.92 -19.51
C ASP A 350 35.86 15.50 -20.60
N VAL A 351 36.94 16.27 -20.75
CA VAL A 351 37.96 15.92 -21.74
C VAL A 351 38.57 14.56 -21.40
N VAL A 352 38.82 14.29 -20.12
CA VAL A 352 39.39 13.02 -19.72
C VAL A 352 38.43 11.88 -20.02
N VAL A 353 37.14 12.08 -19.74
CA VAL A 353 36.14 11.06 -20.05
C VAL A 353 36.15 10.79 -21.56
N ILE A 354 36.19 11.85 -22.36
CA ILE A 354 36.20 11.69 -23.81
C ILE A 354 37.44 10.91 -24.26
N LEU A 355 38.60 11.22 -23.67
CA LEU A 355 39.83 10.54 -24.06
C LEU A 355 39.76 9.05 -23.73
N THR A 356 39.28 8.73 -22.52
CA THR A 356 39.18 7.33 -22.13
C THR A 356 38.22 6.58 -23.04
N CYS A 357 37.06 7.19 -23.32
CA CYS A 357 36.08 6.53 -24.17
C CYS A 357 36.61 6.36 -25.59
N SER A 358 37.35 7.35 -26.10
CA SER A 358 37.91 7.25 -27.44
C SER A 358 38.95 6.13 -27.52
N LEU A 359 39.83 6.03 -26.53
CA LEU A 359 40.82 4.97 -26.54
C LEU A 359 40.15 3.60 -26.45
N SER A 360 39.14 3.47 -25.59
CA SER A 360 38.41 2.21 -25.49
C SER A 360 37.74 1.87 -26.81
N PHE A 361 37.13 2.86 -27.47
CA PHE A 361 36.49 2.63 -28.75
C PHE A 361 37.51 2.16 -29.79
N LEU A 362 38.68 2.79 -29.83
CA LEU A 362 39.70 2.39 -30.80
C LEU A 362 40.16 0.96 -30.55
N LEU A 363 40.41 0.61 -29.28
CA LEU A 363 40.86 -0.75 -28.99
C LEU A 363 39.79 -1.78 -29.34
N CYS A 364 38.53 -1.48 -29.01
CA CYS A 364 37.45 -2.41 -29.33
C CYS A 364 37.28 -2.57 -30.83
N ALA A 365 37.40 -1.47 -31.58
CA ALA A 365 37.31 -1.56 -33.04
C ALA A 365 38.45 -2.39 -33.61
N ARG A 366 39.66 -2.22 -33.08
CA ARG A 366 40.78 -3.03 -33.53
C ARG A 366 40.53 -4.51 -33.26
N SER A 367 40.00 -4.83 -32.08
CA SER A 367 39.71 -6.22 -31.75
C SER A 367 38.63 -6.79 -32.70
N LEU A 368 37.61 -5.99 -32.99
CA LEU A 368 36.55 -6.45 -33.88
C LEU A 368 37.09 -6.69 -35.29
N LEU A 369 37.97 -5.80 -35.77
CA LEU A 369 38.57 -6.01 -37.08
C LEU A 369 39.41 -7.28 -37.11
N ARG A 370 40.19 -7.51 -36.05
CA ARG A 370 40.99 -8.73 -35.99
C ARG A 370 40.11 -9.96 -36.01
N GLY A 371 39.01 -9.93 -35.26
CA GLY A 371 38.09 -11.06 -35.27
C GLY A 371 37.47 -11.28 -36.64
N PHE A 372 37.11 -10.20 -37.33
CA PHE A 372 36.55 -10.33 -38.67
C PHE A 372 37.57 -10.94 -39.63
N LEU A 373 38.83 -10.50 -39.54
CA LEU A 373 39.86 -11.08 -40.41
C LEU A 373 40.06 -12.56 -40.12
N LEU A 374 40.06 -12.94 -38.84
CA LEU A 374 40.21 -14.35 -38.50
C LEU A 374 39.02 -15.16 -39.01
N GLN A 375 37.82 -14.61 -38.92
CA GLN A 375 36.65 -15.28 -39.47
C GLN A 375 36.79 -15.50 -40.97
N ASN A 376 37.26 -14.47 -41.67
CA ASN A 376 37.47 -14.60 -43.12
C ASN A 376 38.49 -15.70 -43.41
N GLU A 377 39.58 -15.73 -42.66
CA GLU A 377 40.61 -16.74 -42.89
C GLU A 377 40.06 -18.14 -42.64
N PHE A 378 39.29 -18.32 -41.58
CA PHE A 378 38.73 -19.64 -41.29
C PHE A 378 37.74 -20.07 -42.37
N VAL A 379 36.86 -19.17 -42.79
CA VAL A 379 35.90 -19.50 -43.84
C VAL A 379 36.63 -19.87 -45.12
N GLY A 380 37.73 -19.16 -45.43
CA GLY A 380 38.53 -19.53 -46.58
C GLY A 380 39.16 -20.90 -46.43
N PHE A 381 39.65 -21.22 -45.24
CA PHE A 381 40.24 -22.53 -44.99
C PHE A 381 39.21 -23.65 -45.04
N MET A 382 37.92 -23.33 -44.94
CA MET A 382 36.86 -24.32 -45.10
C MET A 382 36.63 -24.70 -46.58
N TRP A 383 37.56 -24.34 -47.47
CA TRP A 383 37.49 -24.67 -48.91
C TRP A 383 36.05 -24.59 -49.44
N SER A 391 28.70 -21.30 -42.94
CA SER A 391 27.34 -20.88 -42.60
C SER A 391 27.35 -19.52 -41.93
N LEU A 392 26.20 -19.11 -41.39
CA LEU A 392 26.07 -17.81 -40.74
C LEU A 392 26.31 -17.92 -39.23
N TRP A 393 25.56 -18.77 -38.55
CA TRP A 393 25.70 -18.90 -37.10
C TRP A 393 27.13 -19.25 -36.71
N GLU A 394 27.83 -20.04 -37.54
CA GLU A 394 29.22 -20.33 -37.27
C GLU A 394 30.09 -19.09 -37.43
N ARG A 395 29.69 -18.17 -38.32
CA ARG A 395 30.44 -16.93 -38.47
C ARG A 395 30.21 -15.97 -37.31
N LEU A 396 29.00 -15.99 -36.72
CA LEU A 396 28.72 -15.14 -35.57
C LEU A 396 29.52 -15.55 -34.33
N GLU A 397 30.15 -16.71 -34.34
CA GLU A 397 31.02 -17.10 -33.23
C GLU A 397 32.25 -16.22 -33.14
N PHE A 398 32.61 -15.53 -34.23
CA PHE A 398 33.78 -14.66 -34.26
C PHE A 398 33.44 -13.22 -33.91
N VAL A 399 32.17 -12.90 -33.65
CA VAL A 399 31.75 -11.54 -33.33
C VAL A 399 31.59 -11.44 -31.82
N ASN A 400 32.38 -10.56 -31.20
CA ASN A 400 32.31 -10.33 -29.76
C ASN A 400 31.20 -9.32 -29.48
N GLY A 401 30.05 -9.81 -29.03
CA GLY A 401 28.95 -8.91 -28.73
C GLY A 401 29.27 -7.94 -27.62
N TRP A 402 30.12 -8.34 -26.68
CA TRP A 402 30.52 -7.45 -25.60
C TRP A 402 31.21 -6.22 -26.15
N TYR A 403 32.01 -6.38 -27.21
CA TYR A 403 32.70 -5.22 -27.78
C TYR A 403 31.76 -4.34 -28.58
N ILE A 404 30.73 -4.91 -29.20
CA ILE A 404 29.69 -4.09 -29.80
C ILE A 404 29.00 -3.25 -28.72
N LEU A 405 28.68 -3.87 -27.59
CA LEU A 405 28.11 -3.13 -26.47
C LEU A 405 29.06 -2.04 -25.99
N LEU A 406 30.35 -2.34 -25.92
CA LEU A 406 31.32 -1.37 -25.43
C LEU A 406 31.42 -0.17 -26.37
N VAL A 407 31.44 -0.41 -27.68
CA VAL A 407 31.54 0.71 -28.62
C VAL A 407 30.25 1.53 -28.59
N THR A 408 29.10 0.88 -28.46
CA THR A 408 27.85 1.62 -28.31
C THR A 408 27.89 2.49 -27.06
N SER A 409 28.38 1.94 -25.95
CA SER A 409 28.50 2.72 -24.72
C SER A 409 29.45 3.89 -24.89
N ASP A 410 30.56 3.68 -25.60
CA ASP A 410 31.50 4.77 -25.84
C ASP A 410 30.86 5.88 -26.66
N VAL A 411 30.11 5.52 -27.70
CA VAL A 411 29.44 6.53 -28.51
C VAL A 411 28.44 7.31 -27.67
N LEU A 412 27.65 6.60 -26.87
CA LEU A 412 26.68 7.28 -26.02
C LEU A 412 27.37 8.20 -25.02
N THR A 413 28.46 7.74 -24.41
CA THR A 413 29.17 8.55 -23.43
C THR A 413 29.74 9.81 -24.08
N ILE A 414 30.34 9.67 -25.26
CA ILE A 414 30.92 10.83 -25.93
C ILE A 414 29.84 11.83 -26.31
N SER A 415 28.72 11.34 -26.85
CA SER A 415 27.64 12.25 -27.21
C SER A 415 27.09 12.97 -25.98
N GLY A 416 26.90 12.24 -24.88
CA GLY A 416 26.41 12.86 -23.67
C GLY A 416 27.38 13.88 -23.11
N THR A 417 28.68 13.59 -23.17
CA THR A 417 29.68 14.54 -22.69
C THR A 417 29.70 15.80 -23.54
N ILE A 418 29.58 15.65 -24.86
CA ILE A 418 29.52 16.82 -25.73
C ILE A 418 28.28 17.66 -25.41
N MET A 419 27.14 17.00 -25.22
CA MET A 419 25.92 17.73 -24.87
C MET A 419 26.07 18.43 -23.53
N LYS A 420 26.70 17.77 -22.56
CA LYS A 420 26.91 18.39 -21.25
C LYS A 420 27.82 19.60 -21.35
N ILE A 421 28.88 19.51 -22.15
CA ILE A 421 29.75 20.67 -22.36
C ILE A 421 28.97 21.80 -23.00
N GLY A 422 28.15 21.49 -23.99
CA GLY A 422 27.34 22.53 -24.62
C GLY A 422 26.38 23.18 -23.66
N ILE A 423 25.74 22.39 -22.80
CA ILE A 423 24.81 22.94 -21.81
C ILE A 423 25.54 23.83 -20.84
N GLU A 424 26.71 23.39 -20.36
CA GLU A 424 27.49 24.23 -19.46
C GLU A 424 27.98 25.49 -20.16
N ALA A 425 28.26 25.41 -21.46
CA ALA A 425 28.61 26.59 -22.24
C ALA A 425 27.41 27.45 -22.57
N LYS A 426 26.21 27.04 -22.17
CA LYS A 426 24.96 27.77 -22.40
C LYS A 426 24.55 27.75 -23.87
N ASN A 427 25.13 26.87 -24.68
CA ASN A 427 24.68 26.70 -26.05
C ASN A 427 23.43 25.84 -26.16
N LEU A 428 23.17 24.98 -25.16
CA LEU A 428 22.01 24.10 -25.17
C LEU A 428 21.35 24.14 -23.80
N ALA A 429 20.13 23.61 -23.75
CA ALA A 429 19.41 23.50 -22.48
C ALA A 429 18.64 22.18 -22.37
N SER A 430 19.03 21.16 -23.13
CA SER A 430 18.32 19.89 -23.14
C SER A 430 18.85 18.99 -22.02
N TYR A 431 18.46 19.36 -20.79
CA TYR A 431 18.93 18.61 -19.62
C TYR A 431 18.46 17.17 -19.64
N ASP A 432 17.21 16.93 -20.02
CA ASP A 432 16.66 15.57 -19.96
C ASP A 432 17.38 14.64 -20.93
N VAL A 433 17.64 15.11 -22.16
CA VAL A 433 18.31 14.26 -23.14
C VAL A 433 19.71 13.91 -22.67
N CYS A 434 20.44 14.91 -22.17
CA CYS A 434 21.79 14.66 -21.66
C CYS A 434 21.77 13.68 -20.49
N SER A 435 20.81 13.86 -19.58
CA SER A 435 20.71 12.97 -18.43
C SER A 435 20.45 11.54 -18.88
N ILE A 436 19.54 11.36 -19.84
CA ILE A 436 19.23 10.02 -20.33
C ILE A 436 20.46 9.39 -20.98
N LEU A 437 21.14 10.15 -21.83
CA LEU A 437 22.33 9.64 -22.48
C LEU A 437 23.37 9.20 -21.46
N LEU A 438 23.68 10.07 -20.50
CA LEU A 438 24.74 9.77 -19.54
C LEU A 438 24.35 8.61 -18.62
N GLY A 439 23.08 8.56 -18.20
CA GLY A 439 22.66 7.46 -17.33
C GLY A 439 22.67 6.12 -18.04
N THR A 440 22.19 6.08 -19.28
CA THR A 440 22.26 4.84 -20.05
C THR A 440 23.71 4.42 -20.26
N SER A 441 24.59 5.38 -20.57
CA SER A 441 26.00 5.05 -20.75
C SER A 441 26.61 4.51 -19.46
N THR A 442 26.24 5.10 -18.32
CA THR A 442 26.76 4.61 -17.04
C THR A 442 26.30 3.18 -16.77
N LEU A 443 25.02 2.90 -17.01
CA LEU A 443 24.53 1.54 -16.82
C LEU A 443 25.25 0.57 -17.73
N LEU A 444 25.45 0.95 -18.99
CA LEU A 444 26.13 0.05 -19.93
C LEU A 444 27.58 -0.16 -19.54
N VAL A 445 28.25 0.89 -19.05
CA VAL A 445 29.64 0.76 -18.61
C VAL A 445 29.73 -0.21 -17.44
N TRP A 446 28.80 -0.09 -16.48
CA TRP A 446 28.80 -1.03 -15.37
C TRP A 446 28.54 -2.45 -15.84
N VAL A 447 27.61 -2.63 -16.78
CA VAL A 447 27.27 -3.97 -17.25
C VAL A 447 28.44 -4.59 -18.02
N GLY A 448 29.18 -3.77 -18.77
CA GLY A 448 30.20 -4.31 -19.66
C GLY A 448 31.34 -5.03 -18.95
N VAL A 449 31.48 -4.84 -17.64
CA VAL A 449 32.57 -5.49 -16.93
C VAL A 449 32.34 -6.98 -16.77
N ILE A 450 31.12 -7.46 -17.02
CA ILE A 450 30.82 -8.89 -16.91
C ILE A 450 31.49 -9.68 -18.05
N ARG A 451 31.96 -8.99 -19.09
CA ARG A 451 32.67 -9.67 -20.17
C ARG A 451 33.84 -10.48 -19.63
N TYR A 452 34.50 -9.99 -18.59
CA TYR A 452 35.67 -10.66 -18.05
C TYR A 452 35.31 -11.73 -17.03
N LEU A 453 34.17 -11.60 -16.35
CA LEU A 453 33.66 -12.71 -15.56
C LEU A 453 33.17 -13.85 -16.44
N THR A 454 32.82 -13.57 -17.68
CA THR A 454 32.30 -14.61 -18.58
C THR A 454 33.29 -15.76 -18.77
N PHE A 455 34.58 -15.53 -18.57
CA PHE A 455 35.59 -16.55 -18.82
C PHE A 455 35.61 -17.66 -17.76
N PHE A 456 34.91 -17.48 -16.65
CA PHE A 456 34.97 -18.42 -15.53
C PHE A 456 33.56 -18.95 -15.26
N HIS A 457 33.44 -20.28 -15.25
CA HIS A 457 32.12 -20.91 -15.22
C HIS A 457 31.35 -20.53 -13.95
N ASN A 458 32.02 -20.54 -12.79
CA ASN A 458 31.32 -20.30 -11.54
C ASN A 458 30.74 -18.88 -11.50
N TYR A 459 31.35 -17.94 -12.22
CA TYR A 459 30.88 -16.56 -12.27
C TYR A 459 30.04 -16.27 -13.50
N ASN A 460 29.81 -17.25 -14.37
CA ASN A 460 29.14 -17.05 -15.64
C ASN A 460 27.76 -17.71 -15.69
N ILE A 461 27.16 -18.01 -14.54
CA ILE A 461 25.91 -18.75 -14.53
C ILE A 461 24.81 -17.96 -15.23
N LEU A 462 24.68 -16.68 -14.88
CA LEU A 462 23.58 -15.88 -15.40
C LEU A 462 23.65 -15.76 -16.92
N ILE A 463 24.82 -15.40 -17.46
CA ILE A 463 24.95 -15.18 -18.89
C ILE A 463 24.75 -16.49 -19.66
N ALA A 464 25.33 -17.58 -19.16
CA ALA A 464 25.17 -18.86 -19.84
C ALA A 464 23.71 -19.30 -19.85
N THR A 465 23.02 -19.15 -18.72
CA THR A 465 21.60 -19.52 -18.68
C THR A 465 20.79 -18.65 -19.63
N LEU A 466 21.07 -17.34 -19.66
CA LEU A 466 20.36 -16.46 -20.57
C LEU A 466 20.57 -16.89 -22.01
N ARG A 467 21.81 -17.20 -22.38
CA ARG A 467 22.11 -17.63 -23.74
C ARG A 467 21.33 -18.89 -24.09
N VAL A 468 21.30 -19.87 -23.18
CA VAL A 468 20.63 -21.12 -23.50
C VAL A 468 19.11 -20.94 -23.52
N ALA A 469 18.58 -20.03 -22.71
CA ALA A 469 17.13 -19.95 -22.49
C ALA A 469 16.42 -18.96 -23.41
N LEU A 470 17.11 -17.97 -23.95
CA LEU A 470 16.43 -16.90 -24.68
C LEU A 470 15.50 -17.41 -25.78
N PRO A 471 15.88 -18.36 -26.63
CA PRO A 471 14.96 -18.78 -27.71
C PRO A 471 13.62 -19.28 -27.22
N SER A 472 13.63 -20.27 -26.31
CA SER A 472 12.38 -20.83 -25.81
C SER A 472 11.59 -19.78 -25.04
N VAL A 473 12.28 -18.91 -24.30
CA VAL A 473 11.59 -17.85 -23.56
C VAL A 473 10.87 -16.92 -24.52
N MET A 474 11.53 -16.53 -25.61
CA MET A 474 10.90 -15.66 -26.59
C MET A 474 9.71 -16.35 -27.25
N ARG A 475 9.85 -17.63 -27.59
CA ARG A 475 8.74 -18.35 -28.20
C ARG A 475 7.54 -18.41 -27.26
N PHE A 476 7.79 -18.67 -25.97
CA PHE A 476 6.71 -18.70 -24.98
C PHE A 476 6.07 -17.32 -24.83
N CYS A 477 6.88 -16.26 -24.79
CA CYS A 477 6.34 -14.92 -24.67
C CYS A 477 5.48 -14.56 -25.87
N CYS A 478 5.82 -15.08 -27.05
CA CYS A 478 5.00 -14.82 -28.23
C CYS A 478 3.55 -15.25 -27.99
N CYS A 479 3.35 -16.47 -27.49
CA CYS A 479 2.00 -16.96 -27.23
C CYS A 479 1.34 -16.21 -26.08
N VAL A 480 2.11 -15.90 -25.03
CA VAL A 480 1.50 -15.25 -23.87
C VAL A 480 1.08 -13.82 -24.20
N ALA A 481 1.78 -13.17 -25.14
CA ALA A 481 1.58 -11.75 -25.38
C ALA A 481 0.20 -11.46 -25.97
N VAL A 482 -0.33 -12.35 -26.81
CA VAL A 482 -1.64 -12.09 -27.40
C VAL A 482 -2.72 -12.11 -26.33
N ILE A 483 -2.66 -13.07 -25.40
CA ILE A 483 -3.60 -13.09 -24.28
C ILE A 483 -3.45 -11.82 -23.45
N TYR A 484 -2.20 -11.42 -23.19
CA TYR A 484 -1.97 -10.21 -22.41
C TYR A 484 -2.59 -9.00 -23.08
N LEU A 485 -2.42 -8.87 -24.40
CA LEU A 485 -2.94 -7.73 -25.13
C LEU A 485 -4.47 -7.73 -25.17
N GLY A 486 -5.07 -8.91 -25.36
CA GLY A 486 -6.52 -9.00 -25.29
C GLY A 486 -7.04 -8.51 -23.94
N TYR A 487 -6.42 -8.97 -22.86
CA TYR A 487 -6.82 -8.49 -21.53
C TYR A 487 -6.61 -6.99 -21.41
N CYS A 488 -5.49 -6.48 -21.92
CA CYS A 488 -5.21 -5.05 -21.83
C CYS A 488 -6.31 -4.23 -22.49
N PHE A 489 -6.65 -4.57 -23.73
CA PHE A 489 -7.67 -3.80 -24.46
C PHE A 489 -9.03 -3.92 -23.77
N CYS A 490 -9.42 -5.15 -23.41
CA CYS A 490 -10.71 -5.35 -22.77
C CYS A 490 -10.82 -4.54 -21.48
N GLY A 491 -9.81 -4.63 -20.61
CA GLY A 491 -9.85 -3.87 -19.38
C GLY A 491 -9.85 -2.37 -19.62
N TRP A 492 -9.01 -1.90 -20.55
CA TRP A 492 -8.92 -0.49 -20.83
C TRP A 492 -10.29 0.08 -21.22
N ILE A 493 -11.00 -0.61 -22.10
CA ILE A 493 -12.25 -0.02 -22.59
C ILE A 493 -13.41 -0.28 -21.63
N VAL A 494 -13.53 -1.50 -21.10
CA VAL A 494 -14.69 -1.82 -20.28
C VAL A 494 -14.58 -1.19 -18.89
N LEU A 495 -13.41 -1.30 -18.26
CA LEU A 495 -13.25 -0.88 -16.87
C LEU A 495 -12.64 0.51 -16.71
N GLY A 496 -12.05 1.07 -17.77
CA GLY A 496 -11.41 2.36 -17.66
C GLY A 496 -12.27 3.48 -17.13
N PRO A 497 -13.51 3.61 -17.59
CA PRO A 497 -14.39 4.67 -17.06
C PRO A 497 -14.72 4.51 -15.59
N TYR A 498 -14.57 3.32 -15.01
CA TYR A 498 -14.95 3.06 -13.63
C TYR A 498 -13.78 2.83 -12.69
N HIS A 499 -12.59 2.56 -13.21
CA HIS A 499 -11.45 2.13 -12.40
C HIS A 499 -10.29 3.08 -12.63
N VAL A 500 -9.78 3.68 -11.54
CA VAL A 500 -8.71 4.67 -11.65
C VAL A 500 -7.43 4.06 -12.20
N LYS A 501 -7.26 2.75 -12.10
CA LYS A 501 -6.06 2.08 -12.57
C LYS A 501 -6.16 1.61 -14.02
N PHE A 502 -7.28 1.89 -14.70
CA PHE A 502 -7.49 1.45 -16.08
C PHE A 502 -7.77 2.62 -17.01
N ARG A 503 -7.38 3.83 -16.63
CA ARG A 503 -7.75 5.01 -17.40
C ARG A 503 -7.14 5.00 -18.79
N SER A 504 -5.86 4.63 -18.89
CA SER A 504 -5.15 4.66 -20.17
C SER A 504 -4.51 3.30 -20.42
N LEU A 505 -4.11 3.07 -21.67
CA LEU A 505 -3.55 1.78 -22.06
C LEU A 505 -2.25 1.50 -21.31
N SER A 506 -1.37 2.50 -21.20
CA SER A 506 -0.12 2.30 -20.47
C SER A 506 -0.40 2.02 -18.99
N MET A 507 -1.37 2.73 -18.41
CA MET A 507 -1.74 2.46 -17.02
C MET A 507 -2.30 1.06 -16.86
N VAL A 508 -3.10 0.62 -17.83
CA VAL A 508 -3.64 -0.74 -17.79
C VAL A 508 -2.51 -1.76 -17.84
N SER A 509 -1.54 -1.55 -18.71
CA SER A 509 -0.40 -2.47 -18.79
C SER A 509 0.36 -2.49 -17.47
N GLU A 510 0.57 -1.32 -16.87
CA GLU A 510 1.25 -1.27 -15.58
C GLU A 510 0.48 -2.04 -14.52
N CYS A 511 -0.83 -1.86 -14.46
CA CYS A 511 -1.64 -2.54 -13.47
C CYS A 511 -1.60 -4.05 -13.65
N LEU A 512 -1.74 -4.51 -14.90
CA LEU A 512 -1.73 -5.95 -15.15
C LEU A 512 -0.35 -6.55 -14.87
N PHE A 513 0.71 -5.85 -15.25
CA PHE A 513 2.05 -6.34 -14.96
C PHE A 513 2.29 -6.43 -13.45
N SER A 514 1.81 -5.44 -12.70
CA SER A 514 1.91 -5.50 -11.24
C SER A 514 1.11 -6.67 -10.68
N LEU A 515 -0.07 -6.93 -11.23
CA LEU A 515 -0.88 -8.05 -10.78
C LEU A 515 -0.19 -9.38 -11.05
N ILE A 516 0.49 -9.49 -12.19
CA ILE A 516 1.22 -10.72 -12.50
C ILE A 516 2.23 -11.01 -11.40
N ASN A 517 2.85 -9.97 -10.86
CA ASN A 517 3.83 -10.10 -9.79
C ASN A 517 3.22 -10.05 -8.40
N GLY A 518 1.90 -10.15 -8.30
CA GLY A 518 1.26 -10.22 -7.00
C GLY A 518 1.18 -8.91 -6.24
N ASP A 519 1.27 -7.78 -6.93
CA ASP A 519 1.32 -6.47 -6.28
C ASP A 519 0.01 -5.73 -6.47
N ASP A 520 -0.49 -5.15 -5.38
CA ASP A 520 -1.60 -4.19 -5.44
C ASP A 520 -2.91 -4.88 -5.82
N MET A 521 -3.12 -6.09 -5.31
CA MET A 521 -4.27 -6.90 -5.70
C MET A 521 -5.56 -6.43 -5.01
N PHE A 522 -5.53 -6.36 -3.68
CA PHE A 522 -6.77 -6.05 -2.96
C PHE A 522 -7.27 -4.66 -3.29
N VAL A 523 -6.37 -3.69 -3.46
CA VAL A 523 -6.81 -2.35 -3.82
CA VAL A 523 -6.79 -2.34 -3.84
C VAL A 523 -7.46 -2.36 -5.19
N THR A 524 -6.93 -3.15 -6.13
CA THR A 524 -7.56 -3.27 -7.44
C THR A 524 -8.97 -3.83 -7.32
N PHE A 525 -9.14 -4.86 -6.46
CA PHE A 525 -10.49 -5.38 -6.24
C PHE A 525 -11.39 -4.34 -5.58
N ALA A 526 -10.85 -3.58 -4.63
CA ALA A 526 -11.66 -2.68 -3.82
C ALA A 526 -12.12 -1.46 -4.61
N ALA A 527 -11.34 -1.03 -5.59
CA ALA A 527 -11.74 0.13 -6.40
C ALA A 527 -13.09 -0.11 -7.06
N MET A 528 -13.43 -1.36 -7.36
CA MET A 528 -14.69 -1.69 -8.01
C MET A 528 -15.84 -1.90 -7.04
N GLN A 529 -15.57 -2.00 -5.74
CA GLN A 529 -16.64 -2.27 -4.78
C GLN A 529 -17.66 -1.14 -4.72
N ALA A 530 -17.31 0.05 -5.22
CA ALA A 530 -18.27 1.15 -5.23
C ALA A 530 -19.36 0.93 -6.27
N GLN A 531 -19.04 0.22 -7.37
CA GLN A 531 -20.01 -0.02 -8.42
C GLN A 531 -20.94 -1.20 -8.14
N GLN A 532 -20.69 -1.95 -7.06
CA GLN A 532 -21.53 -3.11 -6.79
C GLN A 532 -22.98 -2.72 -6.56
N GLY A 533 -23.24 -1.52 -6.04
CA GLY A 533 -24.58 -1.08 -5.75
C GLY A 533 -25.20 -0.22 -6.84
N ARG A 534 -24.39 0.20 -7.80
CA ARG A 534 -24.84 1.09 -8.87
C ARG A 534 -24.81 0.43 -10.24
N SER A 535 -23.67 -0.10 -10.65
CA SER A 535 -23.53 -0.84 -11.91
C SER A 535 -23.11 -2.26 -11.55
N SER A 536 -24.10 -3.12 -11.28
CA SER A 536 -23.81 -4.45 -10.77
C SER A 536 -23.27 -5.36 -11.86
N LEU A 537 -23.76 -5.21 -13.10
CA LEU A 537 -23.27 -6.05 -14.18
C LEU A 537 -21.79 -5.79 -14.46
N VAL A 538 -21.38 -4.52 -14.46
CA VAL A 538 -19.98 -4.19 -14.66
C VAL A 538 -19.14 -4.72 -13.51
N TRP A 539 -19.68 -4.68 -12.29
CA TRP A 539 -18.95 -5.21 -11.14
C TRP A 539 -18.75 -6.72 -11.27
N LEU A 540 -19.77 -7.45 -11.69
CA LEU A 540 -19.63 -8.89 -11.88
C LEU A 540 -18.62 -9.19 -12.97
N PHE A 541 -18.67 -8.44 -14.07
CA PHE A 541 -17.68 -8.62 -15.13
C PHE A 541 -16.27 -8.37 -14.62
N SER A 542 -16.10 -7.33 -13.78
CA SER A 542 -14.79 -7.05 -13.21
C SER A 542 -14.32 -8.18 -12.32
N GLN A 543 -15.24 -8.75 -11.53
CA GLN A 543 -14.89 -9.92 -10.72
C GLN A 543 -14.33 -11.04 -11.60
N LEU A 544 -15.07 -11.40 -12.66
CA LEU A 544 -14.60 -12.48 -13.52
CA LEU A 544 -14.60 -12.48 -13.52
C LEU A 544 -13.28 -12.13 -14.18
N TYR A 545 -13.16 -10.90 -14.69
CA TYR A 545 -11.95 -10.45 -15.36
C TYR A 545 -10.74 -10.58 -14.44
N LEU A 546 -10.82 -10.02 -13.25
CA LEU A 546 -9.67 -10.00 -12.35
C LEU A 546 -9.32 -11.39 -11.87
N TYR A 547 -10.32 -12.17 -11.45
CA TYR A 547 -10.02 -13.52 -10.96
C TYR A 547 -9.37 -14.36 -12.05
N SER A 548 -9.94 -14.34 -13.26
CA SER A 548 -9.41 -15.16 -14.33
C SER A 548 -7.99 -14.73 -14.70
N PHE A 549 -7.76 -13.42 -14.83
CA PHE A 549 -6.44 -12.95 -15.20
C PHE A 549 -5.40 -13.35 -14.15
N ILE A 550 -5.69 -13.08 -12.88
CA ILE A 550 -4.72 -13.36 -11.83
C ILE A 550 -4.42 -14.85 -11.78
N SER A 551 -5.45 -15.68 -11.77
CA SER A 551 -5.22 -17.12 -11.71
C SER A 551 -4.38 -17.59 -12.88
N LEU A 552 -4.80 -17.26 -14.10
CA LEU A 552 -4.12 -17.75 -15.29
C LEU A 552 -2.66 -17.32 -15.30
N PHE A 553 -2.39 -16.05 -15.00
CA PHE A 553 -1.04 -15.55 -15.22
C PHE A 553 -0.11 -15.91 -14.07
N ILE A 554 -0.57 -15.83 -12.82
CA ILE A 554 0.30 -16.17 -11.70
C ILE A 554 0.56 -17.67 -11.65
N TYR A 555 -0.49 -18.48 -11.81
CA TYR A 555 -0.35 -19.90 -11.52
C TYR A 555 0.08 -20.73 -12.72
N MET A 556 -0.24 -20.32 -13.95
CA MET A 556 0.13 -21.08 -15.14
C MET A 556 1.25 -20.43 -15.92
N VAL A 557 1.11 -19.17 -16.31
CA VAL A 557 2.11 -18.53 -17.16
C VAL A 557 3.44 -18.43 -16.42
N LEU A 558 3.43 -17.90 -15.21
CA LEU A 558 4.68 -17.66 -14.49
C LEU A 558 5.35 -18.97 -14.10
N SER A 559 4.56 -19.98 -13.73
CA SER A 559 5.14 -21.27 -13.38
C SER A 559 5.92 -21.85 -14.55
N LEU A 560 5.33 -21.81 -15.75
CA LEU A 560 6.01 -22.34 -16.93
C LEU A 560 7.21 -21.49 -17.31
N PHE A 561 7.10 -20.17 -17.15
CA PHE A 561 8.24 -19.30 -17.43
C PHE A 561 9.44 -19.66 -16.55
N ILE A 562 9.21 -19.76 -15.24
CA ILE A 562 10.29 -20.11 -14.33
C ILE A 562 10.78 -21.52 -14.61
N ALA A 563 9.87 -22.43 -14.99
CA ALA A 563 10.29 -23.79 -15.30
C ALA A 563 11.22 -23.82 -16.50
N LEU A 564 10.91 -23.04 -17.54
CA LEU A 564 11.79 -22.96 -18.69
C LEU A 564 13.16 -22.41 -18.29
N ILE A 565 13.18 -21.35 -17.49
CA ILE A 565 14.45 -20.75 -17.10
C ILE A 565 15.28 -21.73 -16.29
N THR A 566 14.65 -22.42 -15.34
CA THR A 566 15.40 -23.34 -14.48
C THR A 566 15.83 -24.60 -15.23
N GLY A 567 15.04 -25.05 -16.19
CA GLY A 567 15.49 -26.15 -17.04
C GLY A 567 16.69 -25.76 -17.88
N ALA A 568 16.67 -24.55 -18.42
CA ALA A 568 17.84 -24.06 -19.14
C ALA A 568 19.06 -24.02 -18.24
N TYR A 569 18.88 -23.56 -16.99
CA TYR A 569 19.99 -23.60 -16.04
C TYR A 569 20.46 -25.02 -15.79
N ASP A 570 19.53 -25.96 -15.64
CA ASP A 570 19.90 -27.36 -15.45
C ASP A 570 20.73 -27.88 -16.62
N THR A 571 20.46 -27.39 -17.83
CA THR A 571 21.24 -27.82 -18.97
C THR A 571 22.71 -27.43 -18.83
N ILE A 572 22.97 -26.22 -18.37
CA ILE A 572 24.34 -25.70 -18.30
C ILE A 572 24.93 -25.92 -16.92
N LYS A 573 24.27 -26.71 -16.10
CA LYS A 573 24.75 -26.99 -14.75
C LYS A 573 25.92 -27.97 -14.79
N LEU B 89 -8.74 -43.75 -46.61
CA LEU B 89 -9.41 -43.20 -45.43
C LEU B 89 -8.39 -42.66 -44.45
N ARG B 90 -7.34 -43.43 -44.19
CA ARG B 90 -6.32 -43.01 -43.23
C ARG B 90 -5.66 -41.71 -43.69
N ARG B 91 -5.39 -41.59 -44.99
CA ARG B 91 -4.84 -40.34 -45.50
C ARG B 91 -5.81 -39.18 -45.30
N ARG B 92 -7.12 -39.44 -45.44
CA ARG B 92 -8.10 -38.38 -45.21
C ARG B 92 -8.04 -37.87 -43.78
N LEU B 93 -7.99 -38.80 -42.81
CA LEU B 93 -7.86 -38.40 -41.42
C LEU B 93 -6.55 -37.66 -41.17
N LYS B 94 -5.46 -38.14 -41.77
CA LYS B 94 -4.17 -37.46 -41.61
C LYS B 94 -4.26 -36.03 -42.11
N TYR B 95 -4.90 -35.82 -43.27
CA TYR B 95 -5.06 -34.47 -43.79
C TYR B 95 -5.95 -33.64 -42.89
N PHE B 96 -6.96 -34.25 -42.27
CA PHE B 96 -7.88 -33.50 -41.44
C PHE B 96 -7.17 -32.89 -40.23
N PHE B 97 -6.04 -33.48 -39.81
CA PHE B 97 -5.30 -33.01 -38.64
C PHE B 97 -3.98 -32.36 -39.03
N MET B 98 -3.92 -31.72 -40.19
CA MET B 98 -2.71 -31.13 -40.72
C MET B 98 -2.71 -29.62 -40.56
N SER B 99 -1.52 -29.04 -40.45
CA SER B 99 -1.38 -27.62 -40.22
C SER B 99 -1.69 -26.83 -41.50
N PRO B 100 -1.97 -25.52 -41.36
CA PRO B 100 -2.30 -24.73 -42.55
C PRO B 100 -1.23 -24.77 -43.64
N CYS B 101 0.04 -24.71 -43.26
CA CYS B 101 1.11 -24.80 -44.25
C CYS B 101 1.16 -26.19 -44.88
N ASP B 102 1.06 -27.23 -44.05
CA ASP B 102 1.05 -28.59 -44.56
C ASP B 102 -0.17 -28.82 -45.46
N LYS B 103 -1.33 -28.34 -45.02
CA LYS B 103 -2.54 -28.47 -45.85
C LYS B 103 -2.38 -27.75 -47.18
N PHE B 104 -1.77 -26.55 -47.16
CA PHE B 104 -1.56 -25.82 -48.40
C PHE B 104 -0.64 -26.60 -49.34
N ARG B 105 0.52 -27.02 -48.84
CA ARG B 105 1.45 -27.76 -49.71
C ARG B 105 0.90 -29.10 -50.13
N ALA B 106 -0.12 -29.62 -49.44
CA ALA B 106 -0.71 -30.90 -49.83
C ALA B 106 -1.77 -30.71 -50.92
N LYS B 107 -2.74 -29.82 -50.68
CA LYS B 107 -3.85 -29.62 -51.61
C LYS B 107 -3.92 -28.19 -52.13
N GLY B 108 -2.90 -27.38 -51.93
CA GLY B 108 -2.93 -26.01 -52.42
C GLY B 108 -4.08 -25.20 -51.87
N ARG B 109 -4.42 -25.41 -50.60
CA ARG B 109 -5.52 -24.69 -49.98
C ARG B 109 -5.08 -23.32 -49.49
N LYS B 110 -5.88 -22.30 -49.79
CA LYS B 110 -5.59 -20.95 -49.34
C LYS B 110 -6.01 -20.78 -47.88
N PRO B 111 -5.12 -20.29 -47.01
CA PRO B 111 -5.49 -20.18 -45.58
C PRO B 111 -6.35 -18.97 -45.29
N CYS B 112 -7.59 -19.02 -45.76
CA CYS B 112 -8.48 -17.86 -45.61
C CYS B 112 -8.79 -17.58 -44.14
N LYS B 113 -8.94 -18.62 -43.33
CA LYS B 113 -9.35 -18.42 -41.95
C LYS B 113 -8.29 -17.65 -41.16
N LEU B 114 -7.01 -17.87 -41.45
CA LEU B 114 -5.95 -17.17 -40.72
C LEU B 114 -5.98 -15.68 -41.04
N MET B 115 -6.08 -15.33 -42.33
CA MET B 115 -6.17 -13.92 -42.70
C MET B 115 -7.42 -13.29 -42.13
N LEU B 116 -8.53 -14.04 -42.13
CA LEU B 116 -9.75 -13.55 -41.51
C LEU B 116 -9.54 -13.28 -40.03
N GLN B 117 -8.81 -14.15 -39.34
CA GLN B 117 -8.54 -13.95 -37.92
C GLN B 117 -7.73 -12.68 -37.69
N VAL B 118 -6.71 -12.44 -38.51
CA VAL B 118 -5.91 -11.23 -38.35
C VAL B 118 -6.76 -9.98 -38.59
N VAL B 119 -7.53 -10.00 -39.68
CA VAL B 119 -8.40 -8.86 -39.98
C VAL B 119 -9.40 -8.64 -38.87
N LYS B 120 -9.95 -9.74 -38.32
CA LYS B 120 -10.90 -9.64 -37.23
C LYS B 120 -10.27 -9.00 -36.02
N ILE B 121 -9.05 -9.42 -35.66
CA ILE B 121 -8.38 -8.80 -34.52
C ILE B 121 -8.30 -7.29 -34.72
N LEU B 122 -7.82 -6.88 -35.89
CA LEU B 122 -7.64 -5.45 -36.14
C LEU B 122 -8.97 -4.70 -36.03
N VAL B 123 -9.97 -5.16 -36.78
CA VAL B 123 -11.22 -4.39 -36.90
C VAL B 123 -11.99 -4.41 -35.59
N VAL B 124 -12.01 -5.55 -34.90
CA VAL B 124 -12.73 -5.65 -33.63
C VAL B 124 -12.09 -4.76 -32.59
N THR B 125 -10.75 -4.72 -32.52
CA THR B 125 -10.10 -3.82 -31.57
C THR B 125 -10.43 -2.36 -31.88
N VAL B 126 -10.38 -1.99 -33.16
CA VAL B 126 -10.69 -0.60 -33.54
C VAL B 126 -12.12 -0.26 -33.16
N GLN B 127 -13.06 -1.19 -33.42
CA GLN B 127 -14.45 -0.96 -33.06
C GLN B 127 -14.61 -0.78 -31.56
N LEU B 128 -13.91 -1.60 -30.77
CA LEU B 128 -14.01 -1.47 -29.32
C LEU B 128 -13.54 -0.10 -28.86
N ILE B 129 -12.43 0.39 -29.42
CA ILE B 129 -11.93 1.72 -29.03
C ILE B 129 -12.93 2.81 -29.43
N LEU B 130 -13.45 2.72 -30.65
CA LEU B 130 -14.41 3.72 -31.12
C LEU B 130 -15.64 3.76 -30.22
N PHE B 131 -16.15 2.58 -29.83
CA PHE B 131 -17.27 2.54 -28.89
C PHE B 131 -16.88 3.12 -27.54
N GLY B 132 -15.67 2.81 -27.08
CA GLY B 132 -15.22 3.33 -25.81
C GLY B 132 -15.27 4.83 -25.73
N LEU B 133 -15.07 5.50 -26.87
CA LEU B 133 -15.22 6.96 -26.86
C LEU B 133 -16.60 7.38 -26.33
N SER B 134 -17.67 6.86 -26.92
CA SER B 134 -19.02 7.24 -26.50
C SER B 134 -19.32 6.74 -25.08
N ASN B 135 -18.87 5.53 -24.76
CA ASN B 135 -19.07 5.01 -23.41
C ASN B 135 -18.47 5.95 -22.37
N GLN B 136 -17.23 6.40 -22.62
CA GLN B 136 -16.59 7.35 -21.72
C GLN B 136 -17.37 8.65 -21.62
N LEU B 137 -17.87 9.15 -22.75
CA LEU B 137 -18.65 10.39 -22.69
C LEU B 137 -19.84 10.23 -21.74
N ALA B 138 -20.61 9.14 -21.90
CA ALA B 138 -21.80 8.96 -21.08
C ALA B 138 -21.44 8.82 -19.60
N VAL B 139 -20.43 8.01 -19.29
CA VAL B 139 -20.06 7.78 -17.90
C VAL B 139 -19.55 9.07 -17.27
N THR B 140 -18.73 9.82 -18.00
CA THR B 140 -18.20 11.07 -17.47
C THR B 140 -19.34 12.02 -17.16
N PHE B 141 -20.32 12.12 -18.05
CA PHE B 141 -21.46 13.00 -17.79
C PHE B 141 -22.15 12.61 -16.49
N ARG B 142 -22.46 11.32 -16.33
CA ARG B 142 -23.20 10.89 -15.14
C ARG B 142 -22.42 11.20 -13.86
N GLU B 143 -21.18 10.74 -13.78
CA GLU B 143 -20.41 10.93 -12.55
C GLU B 143 -20.12 12.41 -12.27
N GLU B 144 -19.79 13.20 -13.29
CA GLU B 144 -19.50 14.61 -13.02
C GLU B 144 -20.75 15.33 -12.53
N ASN B 145 -21.92 15.05 -13.11
CA ASN B 145 -23.14 15.66 -12.61
C ASN B 145 -23.40 15.24 -11.17
N THR B 146 -23.14 13.98 -10.83
CA THR B 146 -23.37 13.54 -9.45
C THR B 146 -22.45 14.28 -8.48
N ILE B 147 -21.19 14.44 -8.84
CA ILE B 147 -20.26 15.18 -7.96
C ILE B 147 -20.72 16.62 -7.79
N ALA B 148 -21.15 17.25 -8.90
CA ALA B 148 -21.65 18.61 -8.80
C ALA B 148 -22.86 18.69 -7.88
N PHE B 149 -23.76 17.71 -7.96
CA PHE B 149 -24.92 17.70 -7.06
C PHE B 149 -24.49 17.58 -5.61
N ARG B 150 -23.50 16.73 -5.32
CA ARG B 150 -23.03 16.61 -3.94
C ARG B 150 -22.48 17.94 -3.44
N HIS B 151 -21.70 18.64 -4.27
CA HIS B 151 -21.17 19.93 -3.83
C HIS B 151 -22.26 20.99 -3.72
N LEU B 152 -23.33 20.85 -4.49
CA LEU B 152 -24.37 21.89 -4.49
C LEU B 152 -25.34 21.73 -3.32
N PHE B 153 -25.73 20.50 -2.99
CA PHE B 153 -26.85 20.27 -2.10
C PHE B 153 -26.47 19.81 -0.70
N LEU B 154 -25.25 19.37 -0.48
CA LEU B 154 -24.82 18.88 0.82
C LEU B 154 -24.02 19.98 1.53
N LEU B 155 -24.53 20.43 2.68
CA LEU B 155 -23.92 21.53 3.40
C LEU B 155 -22.59 21.09 4.02
N GLY B 156 -21.51 21.78 3.66
CA GLY B 156 -20.21 21.46 4.19
C GLY B 156 -19.56 20.24 3.60
N TYR B 157 -20.00 19.78 2.43
CA TYR B 157 -19.41 18.60 1.82
C TYR B 157 -18.05 18.92 1.22
N SER B 158 -17.14 17.95 1.30
CA SER B 158 -15.84 18.05 0.65
C SER B 158 -15.51 16.69 0.06
N ASP B 159 -14.65 16.71 -0.96
CA ASP B 159 -14.29 15.47 -1.66
C ASP B 159 -13.59 14.51 -0.71
N GLY B 160 -13.94 13.23 -0.83
CA GLY B 160 -13.35 12.19 -0.01
C GLY B 160 -14.02 11.96 1.33
N ALA B 161 -15.06 12.71 1.66
CA ALA B 161 -15.75 12.60 2.94
C ALA B 161 -17.07 11.84 2.83
N ASP B 162 -17.27 11.09 1.74
CA ASP B 162 -18.57 10.48 1.49
C ASP B 162 -18.96 9.50 2.59
N ASP B 163 -18.02 8.66 3.03
CA ASP B 163 -18.36 7.58 3.95
C ASP B 163 -18.37 8.02 5.42
N THR B 164 -17.94 9.24 5.72
CA THR B 164 -18.00 9.77 7.07
C THR B 164 -18.93 10.97 7.21
N PHE B 165 -19.47 11.49 6.10
CA PHE B 165 -20.36 12.65 6.16
C PHE B 165 -21.59 12.32 6.98
N ALA B 166 -21.80 13.07 8.06
CA ALA B 166 -22.90 12.78 8.97
C ALA B 166 -23.22 14.03 9.79
N ALA B 167 -24.40 14.03 10.38
CA ALA B 167 -24.84 15.05 11.32
C ALA B 167 -24.85 14.48 12.73
N TYR B 168 -24.62 15.35 13.71
CA TYR B 168 -24.52 14.93 15.10
C TYR B 168 -25.34 15.77 16.06
N THR B 169 -26.00 16.84 15.59
CA THR B 169 -26.88 17.64 16.43
C THR B 169 -28.15 17.96 15.65
N ARG B 170 -29.21 18.25 16.40
CA ARG B 170 -30.49 18.61 15.78
C ARG B 170 -30.32 19.82 14.87
N GLU B 171 -29.54 20.80 15.31
CA GLU B 171 -29.35 22.02 14.54
C GLU B 171 -28.60 21.72 13.24
N GLN B 172 -27.58 20.86 13.30
CA GLN B 172 -26.86 20.49 12.09
C GLN B 172 -27.79 19.83 11.08
N LEU B 173 -28.66 18.93 11.54
CA LEU B 173 -29.55 18.22 10.64
C LEU B 173 -30.56 19.19 10.01
N TYR B 174 -31.15 20.06 10.82
CA TYR B 174 -32.08 21.04 10.28
C TYR B 174 -31.39 21.93 9.25
N GLN B 175 -30.18 22.39 9.56
CA GLN B 175 -29.45 23.25 8.64
C GLN B 175 -29.15 22.53 7.33
N ALA B 176 -28.75 21.26 7.41
CA ALA B 176 -28.47 20.51 6.19
C ALA B 176 -29.71 20.35 5.33
N ILE B 177 -30.84 20.00 5.95
CA ILE B 177 -32.08 19.81 5.18
C ILE B 177 -32.49 21.12 4.51
N PHE B 178 -32.49 22.22 5.28
CA PHE B 178 -32.90 23.50 4.72
C PHE B 178 -31.93 23.98 3.66
N HIS B 179 -30.63 23.70 3.82
CA HIS B 179 -29.66 24.06 2.79
C HIS B 179 -29.95 23.31 1.50
N ALA B 180 -30.26 22.01 1.60
CA ALA B 180 -30.58 21.25 0.39
C ALA B 180 -31.79 21.84 -0.32
N VAL B 181 -32.85 22.13 0.43
CA VAL B 181 -34.05 22.67 -0.21
C VAL B 181 -33.79 24.05 -0.80
N ASP B 182 -33.07 24.90 -0.07
CA ASP B 182 -32.80 26.25 -0.57
C ASP B 182 -31.94 26.21 -1.83
N GLN B 183 -30.95 25.32 -1.86
CA GLN B 183 -30.13 25.20 -3.07
C GLN B 183 -30.96 24.67 -4.24
N TYR B 184 -31.86 23.73 -3.97
CA TYR B 184 -32.78 23.30 -5.03
C TYR B 184 -33.57 24.48 -5.58
N LEU B 185 -34.03 25.37 -4.70
CA LEU B 185 -34.84 26.49 -5.16
C LEU B 185 -34.00 27.56 -5.85
N ALA B 186 -32.72 27.67 -5.51
CA ALA B 186 -31.84 28.69 -6.06
C ALA B 186 -30.99 28.19 -7.23
N LEU B 187 -31.15 26.93 -7.64
CA LEU B 187 -30.33 26.36 -8.70
C LEU B 187 -30.19 27.23 -9.93
N PRO B 188 -31.26 27.81 -10.50
CA PRO B 188 -31.10 28.56 -11.75
C PRO B 188 -30.16 29.75 -11.66
N ASP B 189 -29.95 30.30 -10.46
CA ASP B 189 -29.12 31.49 -10.31
C ASP B 189 -27.67 31.17 -9.97
N VAL B 190 -27.40 30.02 -9.37
CA VAL B 190 -26.07 29.73 -8.84
C VAL B 190 -25.35 28.63 -9.60
N SER B 191 -26.06 27.68 -10.19
CA SER B 191 -25.41 26.51 -10.79
C SER B 191 -24.69 26.89 -12.08
N LEU B 192 -23.54 26.25 -12.29
CA LEU B 192 -22.82 26.40 -13.56
C LEU B 192 -23.48 25.59 -14.67
N GLY B 193 -24.16 24.49 -14.34
CA GLY B 193 -24.92 23.76 -15.32
C GLY B 193 -26.29 24.35 -15.55
N ARG B 194 -26.91 23.93 -16.65
CA ARG B 194 -28.26 24.36 -17.02
C ARG B 194 -29.20 23.19 -16.78
N TYR B 195 -30.11 23.35 -15.82
CA TYR B 195 -31.02 22.29 -15.41
C TYR B 195 -32.46 22.76 -15.55
N ALA B 196 -33.34 21.81 -15.85
CA ALA B 196 -34.77 22.07 -15.92
C ALA B 196 -35.47 21.24 -14.85
N TYR B 197 -36.56 21.80 -14.33
CA TYR B 197 -37.32 21.14 -13.27
C TYR B 197 -38.31 20.14 -13.85
N VAL B 198 -38.65 19.14 -13.04
CA VAL B 198 -39.65 18.13 -13.38
C VAL B 198 -40.70 18.13 -12.28
N ARG B 199 -41.98 18.15 -12.68
CA ARG B 199 -43.09 18.22 -11.75
C ARG B 199 -43.98 16.99 -11.91
N GLY B 200 -44.65 16.62 -10.82
CA GLY B 200 -45.62 15.54 -10.87
C GLY B 200 -44.98 14.22 -11.24
N GLY B 201 -45.72 13.41 -12.00
CA GLY B 201 -45.20 12.14 -12.46
C GLY B 201 -45.26 11.01 -11.46
N GLY B 202 -46.20 11.05 -10.53
CA GLY B 202 -46.37 9.97 -9.58
C GLY B 202 -45.62 10.17 -8.28
N ASP B 203 -45.70 9.14 -7.44
CA ASP B 203 -45.12 9.22 -6.11
C ASP B 203 -43.60 9.34 -6.20
N PRO B 204 -42.96 10.02 -5.24
CA PRO B 204 -43.55 10.66 -4.05
C PRO B 204 -44.02 12.08 -4.33
N TRP B 205 -44.01 12.54 -5.58
CA TRP B 205 -44.40 13.89 -5.91
C TRP B 205 -45.88 13.95 -6.26
N THR B 206 -46.59 14.91 -5.68
CA THR B 206 -47.93 15.22 -6.12
C THR B 206 -47.88 16.03 -7.41
N ASN B 207 -49.04 16.24 -8.01
CA ASN B 207 -49.11 17.00 -9.25
C ASN B 207 -48.62 18.42 -9.03
N GLY B 208 -47.71 18.87 -9.89
CA GLY B 208 -47.16 20.20 -9.78
C GLY B 208 -46.04 20.37 -8.79
N SER B 209 -45.64 19.31 -8.10
CA SER B 209 -44.60 19.37 -7.08
C SER B 209 -43.27 18.91 -7.69
N GLY B 210 -42.22 19.67 -7.43
CA GLY B 210 -40.90 19.35 -7.93
C GLY B 210 -40.04 18.59 -6.95
N LEU B 211 -40.17 18.91 -5.66
CA LEU B 211 -39.35 18.31 -4.61
C LEU B 211 -40.24 17.73 -3.52
N ALA B 212 -39.88 16.53 -3.08
CA ALA B 212 -40.59 15.87 -1.98
C ALA B 212 -39.64 15.73 -0.79
N LEU B 213 -40.06 16.25 0.36
CA LEU B 213 -39.29 16.19 1.60
C LEU B 213 -40.07 15.34 2.58
N CYS B 214 -39.65 14.10 2.79
CA CYS B 214 -40.41 13.12 3.53
C CYS B 214 -39.65 12.70 4.78
N GLN B 215 -40.36 12.55 5.89
CA GLN B 215 -39.81 11.99 7.12
C GLN B 215 -40.60 10.74 7.47
N ARG B 216 -39.89 9.67 7.80
CA ARG B 216 -40.47 8.39 8.15
C ARG B 216 -40.13 8.06 9.59
N TYR B 217 -41.15 7.76 10.39
CA TYR B 217 -40.99 7.49 11.81
C TYR B 217 -41.91 6.34 12.20
N TYR B 218 -41.89 5.98 13.49
CA TYR B 218 -42.76 4.92 13.99
C TYR B 218 -44.15 5.44 14.29
N HIS B 219 -45.15 4.60 14.03
CA HIS B 219 -46.54 5.01 14.24
C HIS B 219 -46.78 5.39 15.70
N ARG B 220 -46.32 4.57 16.63
CA ARG B 220 -46.33 4.88 18.05
C ARG B 220 -44.94 4.67 18.59
N GLY B 221 -44.33 5.72 19.12
CA GLY B 221 -43.06 5.55 19.79
C GLY B 221 -42.99 6.30 21.10
N HIS B 222 -42.85 5.57 22.20
N HIS B 222 -42.84 5.56 22.20
CA HIS B 222 -42.61 6.14 23.52
CA HIS B 222 -42.61 6.14 23.52
C HIS B 222 -41.34 5.49 24.05
C HIS B 222 -41.34 5.50 24.06
N VAL B 223 -40.27 6.28 24.18
CA VAL B 223 -38.97 5.77 24.58
C VAL B 223 -38.59 6.47 25.89
N ASP B 224 -38.39 5.68 26.95
CA ASP B 224 -38.06 6.21 28.28
C ASP B 224 -36.87 5.41 28.80
N PRO B 225 -35.66 5.73 28.33
CA PRO B 225 -34.47 5.05 28.87
C PRO B 225 -34.25 5.35 30.35
N ALA B 226 -34.77 6.46 30.86
CA ALA B 226 -34.65 6.75 32.29
C ALA B 226 -35.33 5.66 33.12
N ASN B 227 -36.50 5.21 32.69
CA ASN B 227 -37.22 4.13 33.35
C ASN B 227 -36.94 2.78 32.71
N ASP B 228 -36.03 2.71 31.74
CA ASP B 228 -35.72 1.47 31.03
C ASP B 228 -36.97 0.84 30.46
N THR B 229 -37.76 1.62 29.74
CA THR B 229 -39.02 1.13 29.20
C THR B 229 -39.32 1.79 27.87
N PHE B 230 -40.19 1.14 27.09
CA PHE B 230 -40.64 1.71 25.84
C PHE B 230 -41.95 1.05 25.42
N ASP B 231 -42.63 1.74 24.51
CA ASP B 231 -43.89 1.29 23.93
C ASP B 231 -43.84 1.66 22.44
N ILE B 232 -43.70 0.64 21.59
CA ILE B 232 -43.40 0.83 20.18
C ILE B 232 -44.42 0.07 19.35
N ASP B 233 -45.01 0.74 18.37
CA ASP B 233 -45.67 0.11 17.23
C ASP B 233 -44.77 0.32 16.02
N PRO B 234 -44.03 -0.68 15.55
CA PRO B 234 -42.99 -0.42 14.54
C PRO B 234 -43.51 -0.17 13.14
N MET B 235 -44.80 0.02 12.95
CA MET B 235 -45.31 0.34 11.61
C MET B 235 -44.85 1.74 11.22
N VAL B 236 -44.27 1.86 10.03
CA VAL B 236 -43.63 3.10 9.59
C VAL B 236 -44.68 4.02 9.00
N VAL B 237 -44.67 5.28 9.45
CA VAL B 237 -45.52 6.33 8.93
C VAL B 237 -44.65 7.33 8.19
N THR B 238 -45.07 7.68 6.98
CA THR B 238 -44.37 8.64 6.13
C THR B 238 -45.18 9.93 6.06
N ASP B 239 -44.52 11.06 6.28
CA ASP B 239 -45.13 12.37 6.14
C ASP B 239 -44.29 13.19 5.18
N CYS B 240 -44.91 13.68 4.11
CA CYS B 240 -44.20 14.34 3.02
C CYS B 240 -44.69 15.77 2.84
N ILE B 241 -43.74 16.68 2.65
CA ILE B 241 -44.01 18.06 2.30
C ILE B 241 -43.61 18.26 0.85
N GLN B 242 -44.48 18.89 0.08
CA GLN B 242 -44.28 19.08 -1.35
C GLN B 242 -43.82 20.52 -1.59
N VAL B 243 -42.78 20.68 -2.41
CA VAL B 243 -42.23 21.99 -2.76
C VAL B 243 -42.29 22.12 -4.27
N ASP B 244 -42.94 23.18 -4.75
CA ASP B 244 -42.97 23.48 -6.17
C ASP B 244 -41.71 24.24 -6.57
N PRO B 245 -41.14 23.95 -7.74
CA PRO B 245 -39.97 24.70 -8.17
C PRO B 245 -40.32 26.15 -8.40
N PRO B 246 -39.37 27.07 -8.24
CA PRO B 246 -39.70 28.50 -8.31
C PRO B 246 -40.19 28.89 -9.69
N GLU B 247 -41.09 29.87 -9.72
CA GLU B 247 -41.63 30.38 -10.97
C GLU B 247 -40.67 31.42 -11.54
N ARG B 248 -40.12 31.15 -12.71
CA ARG B 248 -39.14 32.03 -13.34
C ARG B 248 -39.72 32.67 -14.59
N SER B 265 -45.11 25.85 4.88
CA SER B 265 -44.01 25.57 3.97
C SER B 265 -43.04 24.58 4.60
N TYR B 266 -41.99 24.22 3.85
CA TYR B 266 -41.01 23.26 4.33
C TYR B 266 -40.23 23.78 5.52
N LYS B 267 -40.18 25.10 5.71
CA LYS B 267 -39.42 25.65 6.83
C LYS B 267 -40.05 25.34 8.18
N ASN B 268 -41.32 24.96 8.20
CA ASN B 268 -42.01 24.57 9.43
C ASN B 268 -41.82 23.10 9.77
N LEU B 269 -40.90 22.41 9.10
CA LEU B 269 -40.66 21.01 9.37
C LEU B 269 -40.30 20.79 10.83
N THR B 270 -40.97 19.83 11.47
CA THR B 270 -40.72 19.47 12.86
C THR B 270 -40.42 17.98 12.91
N LEU B 271 -39.17 17.63 13.18
CA LEU B 271 -38.76 16.24 13.16
C LEU B 271 -39.08 15.55 14.48
N LYS B 272 -39.56 14.31 14.39
CA LYS B 272 -39.87 13.50 15.56
C LYS B 272 -38.65 12.65 15.88
N PHE B 273 -37.68 13.29 16.55
CA PHE B 273 -36.34 12.72 16.66
C PHE B 273 -36.34 11.37 17.35
N HIS B 274 -37.10 11.23 18.44
CA HIS B 274 -36.98 10.03 19.27
C HIS B 274 -37.50 8.78 18.58
N LYS B 275 -38.37 8.92 17.57
CA LYS B 275 -38.87 7.78 16.81
C LYS B 275 -38.63 7.93 15.31
N LEU B 276 -37.67 8.75 14.92
CA LEU B 276 -37.42 9.03 13.52
C LEU B 276 -36.65 7.87 12.88
N VAL B 277 -37.16 7.36 11.77
CA VAL B 277 -36.46 6.33 11.00
C VAL B 277 -35.52 6.95 9.97
N ASN B 278 -36.03 7.86 9.13
CA ASN B 278 -35.13 8.58 8.24
C ASN B 278 -35.83 9.80 7.65
N VAL B 279 -35.03 10.60 6.93
CA VAL B 279 -35.53 11.72 6.15
C VAL B 279 -34.99 11.60 4.74
N THR B 280 -35.83 11.88 3.74
CA THR B 280 -35.42 11.78 2.36
C THR B 280 -35.89 13.02 1.60
N ILE B 281 -35.07 13.42 0.62
CA ILE B 281 -35.39 14.50 -0.30
C ILE B 281 -35.29 13.92 -1.71
N HIS B 282 -36.38 14.00 -2.46
CA HIS B 282 -36.45 13.46 -3.82
C HIS B 282 -36.74 14.58 -4.80
N PHE B 283 -35.96 14.64 -5.88
CA PHE B 283 -36.31 15.56 -6.95
C PHE B 283 -35.60 15.14 -8.23
N ARG B 284 -36.10 15.63 -9.36
CA ARG B 284 -35.56 15.29 -10.68
C ARG B 284 -35.12 16.54 -11.41
N LEU B 285 -34.02 16.43 -12.15
CA LEU B 285 -33.48 17.52 -12.96
C LEU B 285 -33.23 17.03 -14.38
N LYS B 286 -33.52 17.87 -15.36
CA LYS B 286 -33.28 17.55 -16.76
C LYS B 286 -32.12 18.39 -17.30
N THR B 287 -31.24 17.73 -18.05
CA THR B 287 -30.08 18.41 -18.63
C THR B 287 -29.76 17.77 -19.97
N ILE B 288 -28.78 18.35 -20.68
CA ILE B 288 -28.39 17.90 -22.01
C ILE B 288 -26.90 17.67 -22.03
N ASN B 289 -26.48 16.52 -22.56
CA ASN B 289 -25.08 16.12 -22.60
C ASN B 289 -24.42 16.70 -23.85
N LEU B 290 -24.04 17.98 -23.76
CA LEU B 290 -23.53 18.71 -24.91
C LEU B 290 -22.20 18.17 -25.40
N GLN B 291 -21.39 17.60 -24.51
CA GLN B 291 -20.04 17.16 -24.89
C GLN B 291 -20.06 16.18 -26.04
N SER B 292 -21.16 15.46 -26.25
CA SER B 292 -21.25 14.53 -27.36
C SER B 292 -20.90 15.19 -28.69
N LEU B 293 -21.04 16.51 -28.80
CA LEU B 293 -20.72 17.18 -30.06
C LEU B 293 -19.27 16.98 -30.47
N ILE B 294 -18.37 16.81 -29.49
CA ILE B 294 -16.97 16.60 -29.82
C ILE B 294 -16.78 15.28 -30.58
N ASN B 295 -17.66 14.32 -30.36
CA ASN B 295 -17.62 13.04 -31.06
C ASN B 295 -18.52 13.01 -32.29
N ASN B 296 -19.00 14.18 -32.74
CA ASN B 296 -19.88 14.27 -33.90
C ASN B 296 -21.15 13.46 -33.69
N GLU B 297 -21.64 13.45 -32.46
CA GLU B 297 -22.89 12.78 -32.11
C GLU B 297 -23.89 13.80 -31.61
N ILE B 298 -25.17 13.49 -31.81
CA ILE B 298 -26.24 14.39 -31.36
C ILE B 298 -26.39 14.23 -29.84
N PRO B 299 -26.36 15.33 -29.07
CA PRO B 299 -26.50 15.20 -27.62
C PRO B 299 -27.81 14.54 -27.21
N ASP B 300 -27.74 13.76 -26.14
CA ASP B 300 -28.91 13.13 -25.55
C ASP B 300 -29.48 14.01 -24.44
N CYS B 301 -30.72 13.72 -24.06
CA CYS B 301 -31.40 14.40 -22.96
C CYS B 301 -31.39 13.48 -21.75
N TYR B 302 -30.79 13.95 -20.66
CA TYR B 302 -30.68 13.18 -19.42
C TYR B 302 -31.68 13.68 -18.39
N THR B 303 -32.28 12.74 -17.66
CA THR B 303 -33.04 13.05 -16.46
C THR B 303 -32.34 12.39 -15.28
N PHE B 304 -31.94 13.20 -14.31
CA PHE B 304 -31.31 12.72 -13.09
C PHE B 304 -32.35 12.72 -11.98
N SER B 305 -32.59 11.54 -11.40
CA SER B 305 -33.40 11.41 -10.20
C SER B 305 -32.46 11.43 -9.00
N VAL B 306 -32.59 12.45 -8.16
CA VAL B 306 -31.69 12.72 -7.06
C VAL B 306 -32.41 12.37 -5.76
N LEU B 307 -31.75 11.54 -4.94
CA LEU B 307 -32.25 11.14 -3.63
C LEU B 307 -31.20 11.49 -2.59
N ILE B 308 -31.60 12.30 -1.61
CA ILE B 308 -30.74 12.64 -0.48
C ILE B 308 -31.32 11.99 0.76
N THR B 309 -30.50 11.20 1.46
CA THR B 309 -30.94 10.42 2.60
C THR B 309 -30.20 10.85 3.85
N PHE B 310 -30.97 11.18 4.89
CA PHE B 310 -30.48 11.38 6.25
C PHE B 310 -30.97 10.18 7.04
N ASP B 311 -30.05 9.27 7.37
CA ASP B 311 -30.40 7.94 7.85
C ASP B 311 -30.25 7.86 9.36
N ASN B 312 -31.33 7.50 10.05
CA ASN B 312 -31.34 7.36 11.50
C ASN B 312 -31.78 5.96 11.93
N LYS B 313 -31.60 4.97 11.06
CA LYS B 313 -32.07 3.62 11.37
C LYS B 313 -31.33 3.00 12.56
N ALA B 314 -30.12 3.47 12.87
CA ALA B 314 -29.36 2.95 13.99
C ALA B 314 -29.72 3.61 15.31
N HIS B 315 -30.35 4.78 15.29
CA HIS B 315 -30.75 5.48 16.52
C HIS B 315 -29.57 5.63 17.48
N SER B 316 -28.41 5.99 16.93
CA SER B 316 -27.15 6.00 17.67
C SER B 316 -26.64 7.40 17.95
N GLY B 317 -27.41 8.43 17.64
CA GLY B 317 -26.95 9.80 17.78
C GLY B 317 -26.12 10.31 16.62
N ARG B 318 -25.83 9.47 15.63
CA ARG B 318 -25.10 9.85 14.43
C ARG B 318 -25.97 9.53 13.23
N ILE B 319 -26.25 10.53 12.41
CA ILE B 319 -27.12 10.36 11.25
C ILE B 319 -26.31 10.58 9.98
N PRO B 320 -25.87 9.52 9.29
CA PRO B 320 -25.15 9.73 8.03
C PRO B 320 -26.03 10.33 6.95
N ILE B 321 -25.40 11.10 6.07
CA ILE B 321 -26.07 11.82 4.99
C ILE B 321 -25.44 11.39 3.68
N SER B 322 -26.27 11.00 2.72
CA SER B 322 -25.78 10.53 1.43
C SER B 322 -26.63 11.11 0.30
N LEU B 323 -26.04 11.19 -0.89
CA LEU B 323 -26.71 11.62 -2.10
C LEU B 323 -26.47 10.58 -3.18
N GLU B 324 -27.55 10.17 -3.86
CA GLU B 324 -27.46 9.21 -4.94
C GLU B 324 -28.29 9.69 -6.12
N THR B 325 -27.91 9.24 -7.32
CA THR B 325 -28.57 9.65 -8.55
C THR B 325 -28.83 8.45 -9.44
N GLN B 326 -29.96 8.51 -10.15
CA GLN B 326 -30.27 7.58 -11.22
C GLN B 326 -30.43 8.37 -12.51
N ALA B 327 -29.73 7.96 -13.56
CA ALA B 327 -29.74 8.66 -14.83
C ALA B 327 -30.61 7.90 -15.82
N HIS B 328 -31.48 8.64 -16.52
CA HIS B 328 -32.31 8.10 -17.58
C HIS B 328 -32.02 8.88 -18.85
N ILE B 329 -31.59 8.18 -19.90
CA ILE B 329 -31.22 8.79 -21.16
C ILE B 329 -32.40 8.72 -22.11
N GLN B 330 -32.59 9.77 -22.91
CA GLN B 330 -33.71 9.83 -23.84
C GLN B 330 -33.29 10.67 -25.03
N GLU B 331 -34.00 10.47 -26.14
CA GLU B 331 -33.77 11.28 -27.33
C GLU B 331 -34.50 12.61 -27.19
N CYS B 332 -33.79 13.70 -27.50
CA CYS B 332 -34.39 15.02 -27.39
C CYS B 332 -35.39 15.24 -28.52
N LYS B 333 -36.34 16.15 -28.29
CA LYS B 333 -37.42 16.41 -29.24
C LYS B 333 -36.91 17.35 -30.32
N HIS B 334 -36.74 16.82 -31.54
CA HIS B 334 -36.33 17.61 -32.70
C HIS B 334 -35.16 18.53 -32.35
N PRO B 335 -33.98 18.00 -32.14
CA PRO B 335 -32.80 18.84 -31.91
C PRO B 335 -32.27 19.36 -33.23
N SER B 336 -31.27 20.24 -33.15
CA SER B 336 -30.71 20.86 -34.34
C SER B 336 -29.24 21.16 -34.10
N VAL B 337 -28.37 20.52 -34.88
CA VAL B 337 -26.93 20.78 -34.86
C VAL B 337 -26.52 21.23 -36.25
N PHE B 338 -25.84 22.38 -36.31
CA PHE B 338 -25.47 22.97 -37.59
C PHE B 338 -24.42 22.12 -38.29
N GLN B 339 -24.75 21.64 -39.49
CA GLN B 339 -23.82 20.87 -40.31
C GLN B 339 -23.10 19.79 -39.49
N PHE B 345 -18.49 7.33 -40.84
CA PHE B 345 -18.20 6.02 -41.42
C PHE B 345 -18.43 4.90 -40.40
N ARG B 346 -18.90 5.28 -39.22
CA ARG B 346 -19.05 4.30 -38.15
C ARG B 346 -20.03 3.20 -38.54
N LEU B 347 -21.13 3.57 -39.21
CA LEU B 347 -22.09 2.57 -39.66
C LEU B 347 -21.44 1.60 -40.64
N LEU B 348 -20.65 2.12 -41.58
CA LEU B 348 -19.97 1.25 -42.54
C LEU B 348 -18.95 0.35 -41.85
N PHE B 349 -18.23 0.89 -40.86
CA PHE B 349 -17.27 0.06 -40.14
C PHE B 349 -17.96 -1.05 -39.37
N ASP B 350 -19.11 -0.75 -38.77
CA ASP B 350 -19.89 -1.79 -38.10
C ASP B 350 -20.34 -2.84 -39.09
N VAL B 351 -20.78 -2.42 -40.28
CA VAL B 351 -21.18 -3.37 -41.32
C VAL B 351 -20.00 -4.26 -41.71
N VAL B 352 -18.81 -3.66 -41.83
CA VAL B 352 -17.63 -4.45 -42.18
C VAL B 352 -17.31 -5.47 -41.10
N VAL B 353 -17.40 -5.06 -39.83
CA VAL B 353 -17.18 -6.00 -38.74
C VAL B 353 -18.17 -7.15 -38.82
N ILE B 354 -19.43 -6.82 -39.07
CA ILE B 354 -20.47 -7.86 -39.16
C ILE B 354 -20.15 -8.81 -40.31
N LEU B 355 -19.72 -8.27 -41.46
CA LEU B 355 -19.42 -9.11 -42.61
C LEU B 355 -18.27 -10.06 -42.31
N THR B 356 -17.19 -9.54 -41.72
CA THR B 356 -16.05 -10.38 -41.40
C THR B 356 -16.44 -11.47 -40.41
N CYS B 357 -17.20 -11.11 -39.37
CA CYS B 357 -17.60 -12.09 -38.37
C CYS B 357 -18.52 -13.15 -38.99
N SER B 358 -19.42 -12.73 -39.89
CA SER B 358 -20.32 -13.68 -40.52
C SER B 358 -19.56 -14.66 -41.41
N LEU B 359 -18.60 -14.16 -42.19
CA LEU B 359 -17.82 -15.06 -43.04
C LEU B 359 -17.00 -16.04 -42.18
N SER B 360 -16.39 -15.53 -41.11
CA SER B 360 -15.66 -16.43 -40.21
C SER B 360 -16.57 -17.48 -39.60
N PHE B 361 -17.77 -17.07 -39.18
CA PHE B 361 -18.73 -18.01 -38.61
C PHE B 361 -19.10 -19.09 -39.62
N LEU B 362 -19.35 -18.69 -40.87
CA LEU B 362 -19.71 -19.67 -41.89
C LEU B 362 -18.58 -20.66 -42.13
N LEU B 363 -17.35 -20.15 -42.24
CA LEU B 363 -16.21 -21.05 -42.48
C LEU B 363 -16.02 -22.01 -41.31
N CYS B 364 -16.11 -21.51 -40.09
CA CYS B 364 -15.94 -22.37 -38.92
C CYS B 364 -17.04 -23.41 -38.84
N ALA B 365 -18.28 -23.03 -39.16
CA ALA B 365 -19.37 -23.99 -39.14
C ALA B 365 -19.17 -25.07 -40.19
N ARG B 366 -18.70 -24.68 -41.38
CA ARG B 366 -18.43 -25.67 -42.41
C ARG B 366 -17.32 -26.64 -41.97
N SER B 367 -16.28 -26.11 -41.34
CA SER B 367 -15.21 -26.98 -40.84
C SER B 367 -15.74 -27.94 -39.77
N LEU B 368 -16.59 -27.44 -38.88
CA LEU B 368 -17.15 -28.30 -37.83
C LEU B 368 -18.01 -29.40 -38.45
N LEU B 369 -18.81 -29.06 -39.46
CA LEU B 369 -19.62 -30.06 -40.13
C LEU B 369 -18.75 -31.12 -40.80
N ARG B 370 -17.67 -30.69 -41.46
CA ARG B 370 -16.76 -31.64 -42.08
C ARG B 370 -16.15 -32.57 -41.04
N GLY B 371 -15.73 -32.01 -39.90
CA GLY B 371 -15.19 -32.84 -38.84
C GLY B 371 -16.20 -33.85 -38.30
N PHE B 372 -17.45 -33.41 -38.15
CA PHE B 372 -18.49 -34.32 -37.67
C PHE B 372 -18.73 -35.45 -38.67
N LEU B 373 -18.74 -35.13 -39.96
CA LEU B 373 -18.93 -36.17 -40.97
C LEU B 373 -17.76 -37.16 -40.96
N LEU B 374 -16.53 -36.65 -40.81
CA LEU B 374 -15.38 -37.55 -40.75
C LEU B 374 -15.45 -38.44 -39.51
N GLN B 375 -15.89 -37.87 -38.38
CA GLN B 375 -16.06 -38.67 -37.17
C GLN B 375 -17.09 -39.77 -37.39
N ASN B 376 -18.21 -39.45 -38.05
CA ASN B 376 -19.21 -40.47 -38.33
C ASN B 376 -18.63 -41.56 -39.22
N GLU B 377 -17.87 -41.18 -40.25
CA GLU B 377 -17.29 -42.18 -41.14
C GLU B 377 -16.31 -43.09 -40.39
N PHE B 378 -15.48 -42.51 -39.53
CA PHE B 378 -14.53 -43.31 -38.78
C PHE B 378 -15.24 -44.28 -37.83
N VAL B 379 -16.27 -43.79 -37.12
CA VAL B 379 -17.02 -44.66 -36.23
C VAL B 379 -17.67 -45.79 -37.01
N GLY B 380 -18.18 -45.48 -38.20
CA GLY B 380 -18.72 -46.54 -39.05
C GLY B 380 -17.67 -47.56 -39.45
N PHE B 381 -16.47 -47.07 -39.79
CA PHE B 381 -15.37 -47.97 -40.15
C PHE B 381 -14.89 -48.80 -38.97
N MET B 382 -15.22 -48.41 -37.74
CA MET B 382 -14.91 -49.22 -36.57
C MET B 382 -15.85 -50.42 -36.40
N TRP B 383 -16.60 -50.78 -37.45
CA TRP B 383 -17.53 -51.92 -37.43
C TRP B 383 -18.21 -52.10 -36.08
N SER B 391 -16.38 -45.24 -28.45
CA SER B 391 -16.35 -44.52 -27.19
C SER B 391 -16.64 -43.04 -27.40
N LEU B 392 -16.76 -42.29 -26.30
CA LEU B 392 -17.07 -40.87 -26.38
C LEU B 392 -15.80 -40.03 -26.53
N TRP B 393 -14.84 -40.20 -25.62
CA TRP B 393 -13.63 -39.38 -25.66
C TRP B 393 -12.92 -39.49 -27.00
N GLU B 394 -13.01 -40.65 -27.65
CA GLU B 394 -12.42 -40.79 -28.98
C GLU B 394 -13.17 -39.97 -30.02
N ARG B 395 -14.48 -39.79 -29.82
CA ARG B 395 -15.25 -38.94 -30.72
C ARG B 395 -14.90 -37.47 -30.54
N LEU B 396 -14.61 -37.05 -29.30
CA LEU B 396 -14.26 -35.66 -29.04
C LEU B 396 -12.94 -35.25 -29.68
N GLU B 397 -12.13 -36.21 -30.15
CA GLU B 397 -10.92 -35.87 -30.88
C GLU B 397 -11.22 -35.19 -32.20
N PHE B 398 -12.44 -35.34 -32.71
CA PHE B 398 -12.83 -34.75 -33.99
C PHE B 398 -13.49 -33.38 -33.83
N VAL B 399 -13.64 -32.89 -32.61
CA VAL B 399 -14.30 -31.62 -32.34
C VAL B 399 -13.23 -30.57 -32.08
N ASN B 400 -13.12 -29.59 -32.96
CA ASN B 400 -12.16 -28.51 -32.82
C ASN B 400 -12.73 -27.48 -31.85
N GLY B 401 -12.25 -27.51 -30.60
CA GLY B 401 -12.75 -26.56 -29.62
C GLY B 401 -12.43 -25.12 -29.97
N TRP B 402 -11.31 -24.91 -30.68
CA TRP B 402 -10.97 -23.55 -31.10
C TRP B 402 -12.05 -22.97 -32.01
N TYR B 403 -12.66 -23.80 -32.84
CA TYR B 403 -13.71 -23.31 -33.73
C TYR B 403 -15.01 -23.05 -32.97
N ILE B 404 -15.29 -23.83 -31.92
CA ILE B 404 -16.41 -23.50 -31.05
C ILE B 404 -16.19 -22.14 -30.41
N LEU B 405 -14.96 -21.90 -29.92
CA LEU B 405 -14.62 -20.59 -29.36
C LEU B 405 -14.79 -19.50 -30.42
N LEU B 406 -14.36 -19.77 -31.64
CA LEU B 406 -14.45 -18.76 -32.70
C LEU B 406 -15.90 -18.42 -33.03
N VAL B 407 -16.76 -19.42 -33.12
CA VAL B 407 -18.16 -19.14 -33.43
C VAL B 407 -18.84 -18.41 -32.28
N THR B 408 -18.48 -18.76 -31.04
CA THR B 408 -19.00 -18.02 -29.89
C THR B 408 -18.56 -16.56 -29.96
N SER B 409 -17.28 -16.33 -30.29
CA SER B 409 -16.78 -14.96 -30.42
C SER B 409 -17.51 -14.21 -31.53
N ASP B 410 -17.77 -14.88 -32.64
CA ASP B 410 -18.48 -14.23 -33.74
C ASP B 410 -19.90 -13.84 -33.32
N VAL B 411 -20.59 -14.73 -32.61
CA VAL B 411 -21.94 -14.42 -32.14
C VAL B 411 -21.90 -13.22 -31.20
N LEU B 412 -20.95 -13.23 -30.25
CA LEU B 412 -20.85 -12.10 -29.32
C LEU B 412 -20.54 -10.81 -30.06
N THR B 413 -19.63 -10.86 -31.01
CA THR B 413 -19.26 -9.65 -31.76
C THR B 413 -20.45 -9.11 -32.55
N ILE B 414 -21.20 -9.98 -33.21
CA ILE B 414 -22.33 -9.53 -34.00
C ILE B 414 -23.41 -8.93 -33.09
N SER B 415 -23.70 -9.59 -31.96
CA SER B 415 -24.69 -9.04 -31.04
C SER B 415 -24.25 -7.68 -30.50
N GLY B 416 -22.98 -7.56 -30.12
CA GLY B 416 -22.48 -6.28 -29.63
C GLY B 416 -22.54 -5.20 -30.68
N THR B 417 -22.21 -5.54 -31.93
CA THR B 417 -22.26 -4.56 -33.01
C THR B 417 -23.69 -4.10 -33.27
N ILE B 418 -24.65 -5.04 -33.23
CA ILE B 418 -26.05 -4.65 -33.41
C ILE B 418 -26.49 -3.73 -32.27
N MET B 419 -26.11 -4.06 -31.04
CA MET B 419 -26.46 -3.21 -29.91
C MET B 419 -25.83 -1.83 -30.04
N LYS B 420 -24.58 -1.78 -30.49
CA LYS B 420 -23.90 -0.49 -30.67
C LYS B 420 -24.59 0.35 -31.75
N ILE B 421 -25.00 -0.29 -32.85
CA ILE B 421 -25.74 0.43 -33.89
C ILE B 421 -27.05 0.97 -33.32
N GLY B 422 -27.76 0.15 -32.53
CA GLY B 422 -28.99 0.61 -31.93
C GLY B 422 -28.78 1.78 -30.99
N ILE B 423 -27.71 1.73 -30.18
CA ILE B 423 -27.43 2.84 -29.27
C ILE B 423 -27.11 4.10 -30.06
N GLU B 424 -26.29 3.99 -31.10
CA GLU B 424 -25.99 5.15 -31.93
C GLU B 424 -27.24 5.67 -32.64
N ALA B 425 -28.16 4.78 -32.99
CA ALA B 425 -29.44 5.18 -33.56
C ALA B 425 -30.39 5.72 -32.51
N LYS B 426 -30.01 5.73 -31.24
CA LYS B 426 -30.81 6.21 -30.12
C LYS B 426 -32.01 5.33 -29.83
N ASN B 427 -32.01 4.10 -30.35
CA ASN B 427 -33.03 3.12 -29.99
C ASN B 427 -32.77 2.45 -28.65
N LEU B 428 -31.51 2.43 -28.20
CA LEU B 428 -31.14 1.80 -26.95
C LEU B 428 -30.20 2.73 -26.18
N ALA B 429 -30.01 2.41 -24.90
CA ALA B 429 -29.08 3.16 -24.06
C ALA B 429 -28.29 2.25 -23.13
N SER B 430 -28.22 0.96 -23.42
CA SER B 430 -27.53 -0.01 -22.54
C SER B 430 -26.03 -0.03 -22.87
N TYR B 431 -25.35 1.04 -22.43
CA TYR B 431 -23.93 1.17 -22.70
C TYR B 431 -23.12 0.06 -22.05
N ASP B 432 -23.46 -0.30 -20.82
CA ASP B 432 -22.66 -1.29 -20.09
C ASP B 432 -22.74 -2.67 -20.75
N VAL B 433 -23.94 -3.09 -21.16
CA VAL B 433 -24.10 -4.40 -21.79
C VAL B 433 -23.31 -4.46 -23.09
N CYS B 434 -23.42 -3.41 -23.91
CA CYS B 434 -22.68 -3.35 -25.16
C CYS B 434 -21.18 -3.38 -24.92
N SER B 435 -20.72 -2.62 -23.93
CA SER B 435 -19.29 -2.59 -23.62
C SER B 435 -18.80 -3.97 -23.20
N ILE B 436 -19.57 -4.66 -22.36
CA ILE B 436 -19.16 -6.00 -21.91
C ILE B 436 -19.12 -6.96 -23.09
N LEU B 437 -20.15 -6.94 -23.93
CA LEU B 437 -20.17 -7.82 -25.10
C LEU B 437 -18.96 -7.58 -25.98
N LEU B 438 -18.70 -6.32 -26.33
CA LEU B 438 -17.62 -6.01 -27.26
C LEU B 438 -16.25 -6.32 -26.64
N GLY B 439 -16.06 -6.02 -25.35
CA GLY B 439 -14.78 -6.32 -24.72
C GLY B 439 -14.51 -7.80 -24.61
N THR B 440 -15.53 -8.58 -24.23
CA THR B 440 -15.36 -10.03 -24.18
C THR B 440 -15.06 -10.57 -25.57
N SER B 441 -15.75 -10.06 -26.59
CA SER B 441 -15.49 -10.52 -27.95
C SER B 441 -14.07 -10.17 -28.39
N THR B 442 -13.59 -8.99 -28.01
CA THR B 442 -12.22 -8.59 -28.36
C THR B 442 -11.21 -9.52 -27.69
N LEU B 443 -11.41 -9.81 -26.41
CA LEU B 443 -10.51 -10.72 -25.72
C LEU B 443 -10.51 -12.10 -26.38
N LEU B 444 -11.70 -12.61 -26.72
CA LEU B 444 -11.78 -13.92 -27.34
C LEU B 444 -11.14 -13.93 -28.72
N VAL B 445 -11.30 -12.84 -29.48
CA VAL B 445 -10.67 -12.75 -30.79
C VAL B 445 -9.16 -12.77 -30.66
N TRP B 446 -8.62 -12.04 -29.69
CA TRP B 446 -7.18 -12.08 -29.47
C TRP B 446 -6.71 -13.48 -29.06
N VAL B 447 -7.47 -14.15 -28.19
CA VAL B 447 -7.06 -15.47 -27.73
C VAL B 447 -7.13 -16.48 -28.87
N GLY B 448 -8.10 -16.35 -29.77
CA GLY B 448 -8.32 -17.36 -30.78
C GLY B 448 -7.17 -17.55 -31.75
N VAL B 449 -6.23 -16.61 -31.80
CA VAL B 449 -5.12 -16.72 -32.74
C VAL B 449 -4.12 -17.78 -32.29
N ILE B 450 -4.21 -18.25 -31.05
CA ILE B 450 -3.30 -19.27 -30.56
C ILE B 450 -3.58 -20.63 -31.19
N ARG B 451 -4.75 -20.79 -31.83
CA ARG B 451 -5.07 -22.04 -32.50
C ARG B 451 -4.00 -22.41 -33.52
N TYR B 452 -3.38 -21.41 -34.15
CA TYR B 452 -2.38 -21.67 -35.17
C TYR B 452 -0.98 -21.85 -34.58
N LEU B 453 -0.70 -21.24 -33.43
CA LEU B 453 0.53 -21.58 -32.70
C LEU B 453 0.47 -22.99 -32.14
N THR B 454 -0.74 -23.53 -31.93
CA THR B 454 -0.87 -24.85 -31.35
C THR B 454 -0.19 -25.94 -32.18
N PHE B 455 0.04 -25.70 -33.48
CA PHE B 455 0.62 -26.71 -34.35
C PHE B 455 2.10 -26.91 -34.14
N PHE B 456 2.77 -26.04 -33.40
CA PHE B 456 4.22 -26.08 -33.23
C PHE B 456 4.56 -26.24 -31.76
N HIS B 457 5.36 -27.27 -31.46
CA HIS B 457 5.58 -27.66 -30.06
C HIS B 457 6.22 -26.54 -29.26
N ASN B 458 7.22 -25.86 -29.83
CA ASN B 458 7.95 -24.84 -29.08
C ASN B 458 7.04 -23.68 -28.69
N TYR B 459 5.99 -23.43 -29.47
CA TYR B 459 5.04 -22.36 -29.19
C TYR B 459 3.77 -22.86 -28.51
N ASN B 460 3.67 -24.15 -28.21
CA ASN B 460 2.45 -24.75 -27.68
C ASN B 460 2.61 -25.21 -26.23
N ILE B 461 3.60 -24.69 -25.50
CA ILE B 461 3.89 -25.20 -24.16
C ILE B 461 2.70 -24.95 -23.24
N LEU B 462 2.17 -23.73 -23.26
CA LEU B 462 1.11 -23.36 -22.32
C LEU B 462 -0.14 -24.21 -22.53
N ILE B 463 -0.59 -24.34 -23.77
CA ILE B 463 -1.83 -25.06 -24.05
C ILE B 463 -1.66 -26.54 -23.72
N ALA B 464 -0.52 -27.13 -24.11
CA ALA B 464 -0.29 -28.54 -23.83
C ALA B 464 -0.25 -28.80 -22.32
N THR B 465 0.44 -27.93 -21.57
CA THR B 465 0.48 -28.11 -20.12
C THR B 465 -0.91 -27.97 -19.51
N LEU B 466 -1.69 -26.99 -19.96
CA LEU B 466 -3.06 -26.85 -19.47
C LEU B 466 -3.86 -28.12 -19.74
N ARG B 467 -3.75 -28.66 -20.96
CA ARG B 467 -4.49 -29.88 -21.30
C ARG B 467 -4.11 -31.02 -20.38
N VAL B 468 -2.81 -31.20 -20.14
CA VAL B 468 -2.38 -32.33 -19.31
C VAL B 468 -2.73 -32.12 -17.84
N ALA B 469 -2.75 -30.86 -17.38
CA ALA B 469 -2.82 -30.59 -15.95
C ALA B 469 -4.25 -30.34 -15.45
N LEU B 470 -5.17 -29.95 -16.31
CA LEU B 470 -6.50 -29.54 -15.84
C LEU B 470 -7.18 -30.55 -14.93
N PRO B 471 -7.19 -31.86 -15.24
CA PRO B 471 -7.92 -32.80 -14.36
C PRO B 471 -7.41 -32.81 -12.93
N SER B 472 -6.10 -33.00 -12.74
CA SER B 472 -5.54 -33.04 -11.40
C SER B 472 -5.71 -31.71 -10.69
N VAL B 473 -5.56 -30.61 -11.43
CA VAL B 473 -5.72 -29.29 -10.82
C VAL B 473 -7.15 -29.11 -10.31
N MET B 474 -8.14 -29.53 -11.11
CA MET B 474 -9.52 -29.42 -10.68
C MET B 474 -9.79 -30.30 -9.47
N ARG B 475 -9.25 -31.52 -9.47
CA ARG B 475 -9.46 -32.40 -8.32
C ARG B 475 -8.85 -31.80 -7.05
N PHE B 476 -7.67 -31.20 -7.16
CA PHE B 476 -7.04 -30.55 -6.02
C PHE B 476 -7.85 -29.35 -5.55
N CYS B 477 -8.35 -28.54 -6.49
CA CYS B 477 -9.16 -27.38 -6.13
C CYS B 477 -10.44 -27.81 -5.42
N CYS B 478 -10.99 -28.97 -5.79
CA CYS B 478 -12.18 -29.46 -5.09
C CYS B 478 -11.94 -29.55 -3.60
N CYS B 479 -10.83 -30.18 -3.20
CA CYS B 479 -10.53 -30.32 -1.77
C CYS B 479 -10.18 -28.98 -1.14
N VAL B 480 -9.44 -28.13 -1.85
CA VAL B 480 -9.03 -26.86 -1.24
C VAL B 480 -10.21 -25.91 -1.05
N ALA B 481 -11.24 -26.05 -1.89
CA ALA B 481 -12.33 -25.07 -1.91
C ALA B 481 -13.16 -25.14 -0.63
N VAL B 482 -13.34 -26.32 -0.05
CA VAL B 482 -14.14 -26.42 1.16
C VAL B 482 -13.45 -25.70 2.32
N ILE B 483 -12.13 -25.86 2.44
CA ILE B 483 -11.39 -25.11 3.46
C ILE B 483 -11.51 -23.62 3.20
N TYR B 484 -11.36 -23.22 1.93
CA TYR B 484 -11.49 -21.81 1.60
C TYR B 484 -12.84 -21.26 2.01
N LEU B 485 -13.92 -22.00 1.74
CA LEU B 485 -15.26 -21.53 2.04
C LEU B 485 -15.50 -21.47 3.54
N GLY B 486 -15.01 -22.47 4.28
CA GLY B 486 -15.10 -22.40 5.73
C GLY B 486 -14.44 -21.16 6.28
N TYR B 487 -13.22 -20.87 5.81
CA TYR B 487 -12.55 -19.65 6.24
C TYR B 487 -13.34 -18.41 5.83
N CYS B 488 -13.89 -18.41 4.62
CA CYS B 488 -14.65 -17.26 4.17
C CYS B 488 -15.83 -16.96 5.09
N PHE B 489 -16.64 -17.97 5.37
CA PHE B 489 -17.82 -17.77 6.23
C PHE B 489 -17.40 -17.35 7.63
N CYS B 490 -16.41 -18.05 8.20
CA CYS B 490 -15.99 -17.74 9.56
C CYS B 490 -15.50 -16.31 9.66
N GLY B 491 -14.62 -15.89 8.75
CA GLY B 491 -14.13 -14.53 8.78
C GLY B 491 -15.23 -13.51 8.55
N TRP B 492 -16.11 -13.77 7.59
CA TRP B 492 -17.19 -12.85 7.28
C TRP B 492 -18.04 -12.57 8.53
N ILE B 493 -18.40 -13.61 9.27
CA ILE B 493 -19.32 -13.40 10.38
C ILE B 493 -18.58 -12.92 11.63
N VAL B 494 -17.44 -13.53 11.96
CA VAL B 494 -16.77 -13.21 13.22
C VAL B 494 -16.06 -11.86 13.12
N LEU B 495 -15.34 -11.62 12.03
CA LEU B 495 -14.49 -10.44 11.92
C LEU B 495 -15.13 -9.30 11.15
N GLY B 496 -16.21 -9.55 10.41
CA GLY B 496 -16.82 -8.52 9.60
C GLY B 496 -17.22 -7.26 10.35
N PRO B 497 -17.83 -7.38 11.52
CA PRO B 497 -18.19 -6.17 12.28
C PRO B 497 -17.00 -5.35 12.74
N TYR B 498 -15.80 -5.92 12.80
CA TYR B 498 -14.63 -5.23 13.31
C TYR B 498 -13.59 -4.89 12.26
N HIS B 499 -13.66 -5.49 11.07
CA HIS B 499 -12.61 -5.40 10.07
C HIS B 499 -13.19 -4.87 8.77
N VAL B 500 -12.63 -3.76 8.27
CA VAL B 500 -13.17 -3.13 7.07
C VAL B 500 -13.05 -4.02 5.84
N LYS B 501 -12.13 -4.99 5.86
CA LYS B 501 -11.92 -5.89 4.73
C LYS B 501 -12.77 -7.14 4.79
N PHE B 502 -13.63 -7.29 5.81
CA PHE B 502 -14.47 -8.47 5.97
C PHE B 502 -15.96 -8.11 6.02
N ARG B 503 -16.34 -6.95 5.50
CA ARG B 503 -17.71 -6.47 5.64
C ARG B 503 -18.70 -7.39 4.93
N SER B 504 -18.37 -7.83 3.72
CA SER B 504 -19.27 -8.64 2.92
C SER B 504 -18.54 -9.90 2.45
N LEU B 505 -19.33 -10.87 1.99
CA LEU B 505 -18.76 -12.15 1.58
C LEU B 505 -17.82 -11.99 0.39
N SER B 506 -18.21 -11.19 -0.60
CA SER B 506 -17.34 -10.95 -1.75
C SER B 506 -16.06 -10.23 -1.33
N MET B 507 -16.18 -9.26 -0.42
CA MET B 507 -15.00 -8.59 0.10
C MET B 507 -14.10 -9.56 0.85
N VAL B 508 -14.69 -10.48 1.62
CA VAL B 508 -13.90 -11.47 2.34
C VAL B 508 -13.15 -12.36 1.36
N SER B 509 -13.83 -12.79 0.30
CA SER B 509 -13.16 -13.62 -0.71
C SER B 509 -12.02 -12.86 -1.36
N GLU B 510 -12.23 -11.58 -1.68
CA GLU B 510 -11.15 -10.78 -2.26
C GLU B 510 -9.96 -10.68 -1.31
N CYS B 511 -10.24 -10.42 -0.04
CA CYS B 511 -9.15 -10.28 0.93
C CYS B 511 -8.37 -11.58 1.08
N LEU B 512 -9.08 -12.71 1.19
CA LEU B 512 -8.39 -13.98 1.36
C LEU B 512 -7.61 -14.36 0.10
N PHE B 513 -8.18 -14.10 -1.08
CA PHE B 513 -7.46 -14.39 -2.32
C PHE B 513 -6.20 -13.54 -2.44
N SER B 514 -6.28 -12.27 -2.04
CA SER B 514 -5.09 -11.42 -2.04
C SER B 514 -4.06 -11.93 -1.03
N LEU B 515 -4.52 -12.40 0.13
CA LEU B 515 -3.60 -12.94 1.13
C LEU B 515 -2.90 -14.18 0.60
N ILE B 516 -3.62 -15.03 -0.13
CA ILE B 516 -3.00 -16.22 -0.71
C ILE B 516 -1.81 -15.82 -1.59
N ASN B 517 -1.94 -14.70 -2.29
CA ASN B 517 -0.89 -14.21 -3.17
C ASN B 517 0.07 -13.26 -2.47
N GLY B 518 0.03 -13.18 -1.14
CA GLY B 518 0.99 -12.39 -0.40
C GLY B 518 0.77 -10.90 -0.45
N ASP B 519 -0.45 -10.44 -0.73
CA ASP B 519 -0.75 -9.03 -0.92
C ASP B 519 -1.53 -8.49 0.26
N ASP B 520 -1.13 -7.30 0.75
CA ASP B 520 -1.91 -6.54 1.72
C ASP B 520 -1.99 -7.26 3.06
N MET B 521 -0.87 -7.85 3.49
CA MET B 521 -0.86 -8.68 4.70
C MET B 521 -0.78 -7.83 5.96
N PHE B 522 0.22 -6.94 6.04
CA PHE B 522 0.41 -6.18 7.27
C PHE B 522 -0.76 -5.27 7.56
N VAL B 523 -1.36 -4.68 6.52
CA VAL B 523 -2.51 -3.82 6.75
CA VAL B 523 -2.52 -3.83 6.72
C VAL B 523 -3.68 -4.64 7.29
N THR B 524 -3.84 -5.87 6.80
CA THR B 524 -4.88 -6.75 7.34
C THR B 524 -4.63 -7.02 8.82
N PHE B 525 -3.38 -7.30 9.20
CA PHE B 525 -3.07 -7.48 10.61
C PHE B 525 -3.33 -6.20 11.41
N ALA B 526 -2.97 -5.04 10.85
CA ALA B 526 -3.02 -3.79 11.59
C ALA B 526 -4.44 -3.31 11.82
N ALA B 527 -5.35 -3.64 10.90
CA ALA B 527 -6.74 -3.21 11.09
C ALA B 527 -7.31 -3.73 12.40
N MET B 528 -6.82 -4.87 12.89
CA MET B 528 -7.31 -5.46 14.13
C MET B 528 -6.61 -4.94 15.36
N GLN B 529 -5.49 -4.22 15.22
CA GLN B 529 -4.73 -3.77 16.37
C GLN B 529 -5.52 -2.79 17.24
N ALA B 530 -6.60 -2.22 16.71
CA ALA B 530 -7.41 -1.31 17.51
C ALA B 530 -8.25 -2.06 18.54
N GLN B 531 -8.62 -3.31 18.24
CA GLN B 531 -9.44 -4.11 19.16
C GLN B 531 -8.62 -4.79 20.24
N GLN B 532 -7.29 -4.73 20.18
CA GLN B 532 -6.48 -5.41 21.19
C GLN B 532 -6.76 -4.87 22.59
N GLY B 533 -7.12 -3.60 22.70
CA GLY B 533 -7.36 -2.99 24.00
C GLY B 533 -8.82 -2.96 24.41
N ARG B 534 -9.72 -3.29 23.48
CA ARG B 534 -11.15 -3.22 23.71
C ARG B 534 -11.83 -4.58 23.65
N SER B 535 -11.62 -5.34 22.57
CA SER B 535 -12.14 -6.70 22.44
C SER B 535 -10.93 -7.62 22.25
N SER B 536 -10.34 -8.06 23.37
CA SER B 536 -9.09 -8.80 23.30
C SER B 536 -9.30 -10.23 22.80
N LEU B 537 -10.43 -10.84 23.17
CA LEU B 537 -10.68 -12.20 22.72
C LEU B 537 -10.84 -12.26 21.21
N VAL B 538 -11.56 -11.29 20.64
CA VAL B 538 -11.72 -11.24 19.18
C VAL B 538 -10.37 -10.99 18.52
N TRP B 539 -9.53 -10.16 19.13
CA TRP B 539 -8.20 -9.90 18.57
C TRP B 539 -7.36 -11.17 18.57
N LEU B 540 -7.39 -11.94 19.65
CA LEU B 540 -6.63 -13.18 19.70
C LEU B 540 -7.15 -14.16 18.64
N PHE B 541 -8.47 -14.26 18.51
CA PHE B 541 -9.03 -15.12 17.47
C PHE B 541 -8.59 -14.69 16.10
N SER B 542 -8.54 -13.37 15.85
CA SER B 542 -8.10 -12.87 14.55
C SER B 542 -6.64 -13.22 14.32
N GLN B 543 -5.81 -13.13 15.36
CA GLN B 543 -4.41 -13.56 15.23
C GLN B 543 -4.35 -15.00 14.76
N LEU B 544 -5.04 -15.91 15.46
CA LEU B 544 -5.00 -17.32 15.08
CA LEU B 544 -5.00 -17.32 15.08
C LEU B 544 -5.52 -17.52 13.67
N TYR B 545 -6.66 -16.89 13.36
CA TYR B 545 -7.27 -17.04 12.04
C TYR B 545 -6.31 -16.64 10.93
N LEU B 546 -5.73 -15.44 11.04
CA LEU B 546 -4.89 -14.93 9.97
C LEU B 546 -3.61 -15.74 9.84
N TYR B 547 -2.94 -16.03 10.96
CA TYR B 547 -1.70 -16.79 10.89
C TYR B 547 -1.94 -18.16 10.28
N SER B 548 -2.98 -18.87 10.75
CA SER B 548 -3.25 -20.21 10.24
C SER B 548 -3.58 -20.18 8.76
N PHE B 549 -4.45 -19.26 8.35
CA PHE B 549 -4.83 -19.20 6.95
C PHE B 549 -3.62 -18.92 6.05
N ILE B 550 -2.84 -17.90 6.41
CA ILE B 550 -1.71 -17.51 5.57
C ILE B 550 -0.72 -18.67 5.46
N SER B 551 -0.35 -19.25 6.61
CA SER B 551 0.62 -20.34 6.57
C SER B 551 0.11 -21.49 5.72
N LEU B 552 -1.11 -21.97 6.00
CA LEU B 552 -1.63 -23.13 5.29
C LEU B 552 -1.70 -22.87 3.79
N PHE B 553 -2.20 -21.72 3.38
CA PHE B 553 -2.48 -21.55 1.95
C PHE B 553 -1.24 -21.16 1.17
N ILE B 554 -0.38 -20.30 1.71
CA ILE B 554 0.82 -19.92 0.97
C ILE B 554 1.81 -21.07 0.94
N TYR B 555 2.04 -21.73 2.08
CA TYR B 555 3.15 -22.67 2.18
C TYR B 555 2.79 -24.09 1.76
N MET B 556 1.54 -24.52 1.93
CA MET B 556 1.13 -25.88 1.59
C MET B 556 0.30 -25.92 0.31
N VAL B 557 -0.80 -25.18 0.25
CA VAL B 557 -1.71 -25.27 -0.88
C VAL B 557 -1.00 -24.82 -2.17
N LEU B 558 -0.38 -23.64 -2.12
CA LEU B 558 0.20 -23.08 -3.34
C LEU B 558 1.41 -23.90 -3.80
N SER B 559 2.20 -24.39 -2.86
CA SER B 559 3.34 -25.23 -3.23
C SER B 559 2.90 -26.46 -4.01
N LEU B 560 1.86 -27.13 -3.52
CA LEU B 560 1.36 -28.32 -4.21
C LEU B 560 0.71 -27.97 -5.54
N PHE B 561 0.02 -26.83 -5.60
CA PHE B 561 -0.57 -26.38 -6.86
C PHE B 561 0.50 -26.20 -7.93
N ILE B 562 1.55 -25.45 -7.59
CA ILE B 562 2.64 -25.21 -8.54
C ILE B 562 3.35 -26.52 -8.86
N ALA B 563 3.49 -27.40 -7.87
CA ALA B 563 4.13 -28.69 -8.12
C ALA B 563 3.35 -29.52 -9.13
N LEU B 564 2.02 -29.53 -9.00
CA LEU B 564 1.20 -30.24 -9.97
C LEU B 564 1.37 -29.65 -11.37
N ILE B 565 1.34 -28.32 -11.47
CA ILE B 565 1.47 -27.69 -12.78
C ILE B 565 2.82 -28.00 -13.40
N THR B 566 3.90 -27.90 -12.61
CA THR B 566 5.24 -28.12 -13.16
C THR B 566 5.48 -29.60 -13.46
N GLY B 567 4.89 -30.51 -12.71
CA GLY B 567 4.97 -31.91 -13.07
C GLY B 567 4.25 -32.21 -14.37
N ALA B 568 3.08 -31.60 -14.56
CA ALA B 568 2.39 -31.73 -15.83
C ALA B 568 3.25 -31.21 -16.97
N TYR B 569 3.91 -30.07 -16.76
CA TYR B 569 4.84 -29.56 -17.78
C TYR B 569 5.96 -30.55 -18.04
N ASP B 570 6.52 -31.13 -16.97
CA ASP B 570 7.58 -32.12 -17.14
C ASP B 570 7.11 -33.30 -17.99
N THR B 571 5.83 -33.67 -17.87
CA THR B 571 5.32 -34.77 -18.67
C THR B 571 5.40 -34.45 -20.16
N ILE B 572 5.05 -33.23 -20.55
CA ILE B 572 4.98 -32.87 -21.97
C ILE B 572 6.27 -32.20 -22.41
N LYS B 573 7.32 -32.31 -21.60
CA LYS B 573 8.60 -31.70 -21.93
C LYS B 573 9.34 -32.55 -22.96
N LEU C 89 -10.78 -62.64 11.00
CA LEU C 89 -10.26 -61.45 11.66
C LEU C 89 -9.69 -60.47 10.65
N ARG C 90 -8.86 -60.97 9.74
CA ARG C 90 -8.25 -60.09 8.75
C ARG C 90 -9.31 -59.42 7.89
N ARG C 91 -10.36 -60.14 7.52
CA ARG C 91 -11.45 -59.53 6.77
C ARG C 91 -12.15 -58.45 7.59
N ARG C 92 -12.28 -58.65 8.89
CA ARG C 92 -12.90 -57.63 9.74
C ARG C 92 -12.09 -56.35 9.71
N LEU C 93 -10.76 -56.45 9.85
CA LEU C 93 -9.92 -55.28 9.78
C LEU C 93 -9.97 -54.64 8.40
N LYS C 94 -10.00 -55.46 7.35
CA LYS C 94 -10.11 -54.92 6.00
C LYS C 94 -11.38 -54.10 5.85
N TYR C 95 -12.50 -54.62 6.38
CA TYR C 95 -13.75 -53.87 6.33
C TYR C 95 -13.68 -52.61 7.16
N PHE C 96 -12.93 -52.65 8.28
CA PHE C 96 -12.84 -51.47 9.13
C PHE C 96 -12.19 -50.30 8.42
N PHE C 97 -11.34 -50.56 7.43
CA PHE C 97 -10.60 -49.53 6.72
C PHE C 97 -11.12 -49.36 5.29
N MET C 98 -12.42 -49.47 5.10
CA MET C 98 -13.04 -49.50 3.78
C MET C 98 -13.89 -48.25 3.56
N SER C 99 -13.94 -47.79 2.32
CA SER C 99 -14.60 -46.55 1.99
C SER C 99 -16.12 -46.70 2.09
N PRO C 100 -16.86 -45.59 2.21
CA PRO C 100 -18.31 -45.70 2.36
C PRO C 100 -18.99 -46.46 1.23
N CYS C 101 -18.57 -46.21 -0.03
CA CYS C 101 -19.14 -46.96 -1.14
C CYS C 101 -18.76 -48.44 -1.06
N ASP C 102 -17.49 -48.72 -0.77
CA ASP C 102 -17.06 -50.11 -0.64
C ASP C 102 -17.75 -50.78 0.54
N LYS C 103 -17.87 -50.09 1.67
CA LYS C 103 -18.58 -50.64 2.81
C LYS C 103 -20.03 -50.93 2.46
N PHE C 104 -20.67 -50.02 1.72
CA PHE C 104 -22.07 -50.23 1.34
C PHE C 104 -22.21 -51.46 0.46
N ARG C 105 -21.41 -51.55 -0.60
CA ARG C 105 -21.50 -52.70 -1.48
C ARG C 105 -21.09 -53.99 -0.79
N ALA C 106 -20.35 -53.91 0.32
CA ALA C 106 -19.99 -55.12 1.06
C ALA C 106 -21.13 -55.57 1.97
N LYS C 107 -21.59 -54.69 2.86
CA LYS C 107 -22.60 -55.05 3.86
C LYS C 107 -23.90 -54.26 3.70
N GLY C 108 -24.08 -53.56 2.59
CA GLY C 108 -25.30 -52.79 2.40
C GLY C 108 -25.52 -51.74 3.48
N ARG C 109 -24.45 -51.11 3.94
CA ARG C 109 -24.56 -50.10 4.99
C ARG C 109 -24.95 -48.75 4.41
N LYS C 110 -25.94 -48.12 5.04
CA LYS C 110 -26.39 -46.81 4.62
C LYS C 110 -25.41 -45.73 5.10
N PRO C 111 -24.94 -44.84 4.22
CA PRO C 111 -23.95 -43.84 4.65
C PRO C 111 -24.59 -42.65 5.36
N CYS C 112 -25.10 -42.91 6.57
CA CYS C 112 -25.79 -41.87 7.31
C CYS C 112 -24.87 -40.71 7.68
N LYS C 113 -23.62 -41.01 8.03
CA LYS C 113 -22.72 -39.97 8.51
C LYS C 113 -22.42 -38.95 7.42
N LEU C 114 -22.34 -39.38 6.16
CA LEU C 114 -22.05 -38.44 5.08
C LEU C 114 -23.21 -37.46 4.88
N MET C 115 -24.45 -37.98 4.85
CA MET C 115 -25.60 -37.11 4.73
C MET C 115 -25.71 -36.19 5.93
N LEU C 116 -25.41 -36.70 7.12
CA LEU C 116 -25.40 -35.87 8.31
C LEU C 116 -24.37 -34.75 8.18
N GLN C 117 -23.20 -35.05 7.62
CA GLN C 117 -22.18 -34.03 7.43
C GLN C 117 -22.66 -32.93 6.48
N VAL C 118 -23.30 -33.33 5.39
CA VAL C 118 -23.80 -32.33 4.43
C VAL C 118 -24.86 -31.45 5.10
N VAL C 119 -25.81 -32.09 5.79
CA VAL C 119 -26.88 -31.34 6.46
C VAL C 119 -26.28 -30.42 7.52
N LYS C 120 -25.27 -30.90 8.24
CA LYS C 120 -24.61 -30.08 9.24
C LYS C 120 -23.97 -28.86 8.60
N ILE C 121 -23.28 -29.05 7.48
CA ILE C 121 -22.67 -27.90 6.81
C ILE C 121 -23.75 -26.85 6.52
N LEU C 122 -24.84 -27.29 5.90
CA LEU C 122 -25.90 -26.35 5.53
C LEU C 122 -26.44 -25.62 6.75
N VAL C 123 -26.90 -26.37 7.75
CA VAL C 123 -27.64 -25.77 8.86
C VAL C 123 -26.71 -24.93 9.73
N VAL C 124 -25.48 -25.39 9.96
CA VAL C 124 -24.55 -24.64 10.78
C VAL C 124 -24.18 -23.32 10.10
N THR C 125 -23.95 -23.35 8.78
CA THR C 125 -23.66 -22.09 8.10
C THR C 125 -24.84 -21.13 8.18
N VAL C 126 -26.06 -21.63 7.99
CA VAL C 126 -27.24 -20.78 8.06
C VAL C 126 -27.36 -20.19 9.46
N GLN C 127 -27.15 -21.01 10.49
CA GLN C 127 -27.23 -20.52 11.86
C GLN C 127 -26.19 -19.44 12.13
N LEU C 128 -24.98 -19.63 11.60
CA LEU C 128 -23.94 -18.62 11.80
C LEU C 128 -24.35 -17.29 11.18
N ILE C 129 -24.93 -17.32 9.98
CA ILE C 129 -25.36 -16.07 9.34
C ILE C 129 -26.48 -15.42 10.15
N LEU C 130 -27.46 -16.22 10.57
CA LEU C 130 -28.56 -15.67 11.35
C LEU C 130 -28.05 -15.01 12.63
N PHE C 131 -27.11 -15.65 13.32
CA PHE C 131 -26.52 -15.03 14.51
C PHE C 131 -25.77 -13.76 14.15
N GLY C 132 -25.03 -13.78 13.04
CA GLY C 132 -24.28 -12.61 12.62
C GLY C 132 -25.16 -11.39 12.47
N LEU C 133 -26.42 -11.58 12.09
CA LEU C 133 -27.33 -10.44 12.04
C LEU C 133 -27.38 -9.69 13.38
N SER C 134 -27.69 -10.40 14.47
CA SER C 134 -27.78 -9.76 15.77
C SER C 134 -26.43 -9.25 16.25
N ASN C 135 -25.37 -10.02 16.00
CA ASN C 135 -24.03 -9.59 16.39
C ASN C 135 -23.70 -8.25 15.75
N GLN C 136 -23.98 -8.12 14.45
CA GLN C 136 -23.74 -6.87 13.75
C GLN C 136 -24.57 -5.75 14.34
N LEU C 137 -25.84 -6.02 14.66
CA LEU C 137 -26.66 -4.97 15.27
C LEU C 137 -26.01 -4.42 16.53
N ALA C 138 -25.57 -5.32 17.42
CA ALA C 138 -24.99 -4.87 18.68
C ALA C 138 -23.69 -4.09 18.46
N VAL C 139 -22.81 -4.61 17.62
CA VAL C 139 -21.52 -3.96 17.41
C VAL C 139 -21.72 -2.58 16.79
N THR C 140 -22.63 -2.48 15.81
CA THR C 140 -22.91 -1.21 15.19
C THR C 140 -23.44 -0.20 16.20
N PHE C 141 -24.37 -0.62 17.06
CA PHE C 141 -24.88 0.29 18.07
C PHE C 141 -23.73 0.85 18.91
N ARG C 142 -22.88 -0.03 19.42
CA ARG C 142 -21.79 0.43 20.28
C ARG C 142 -20.89 1.43 19.55
N GLU C 143 -20.41 1.04 18.36
CA GLU C 143 -19.42 1.88 17.68
C GLU C 143 -20.00 3.21 17.25
N GLU C 144 -21.24 3.21 16.75
CA GLU C 144 -21.85 4.44 16.31
C GLU C 144 -22.10 5.39 17.48
N ASN C 145 -22.54 4.85 18.62
CA ASN C 145 -22.70 5.71 19.79
C ASN C 145 -21.36 6.29 20.22
N THR C 146 -20.28 5.50 20.15
CA THR C 146 -18.97 6.02 20.53
C THR C 146 -18.55 7.16 19.61
N ILE C 147 -18.74 7.00 18.30
CA ILE C 147 -18.39 8.06 17.36
C ILE C 147 -19.20 9.32 17.63
N ALA C 148 -20.51 9.14 17.89
CA ALA C 148 -21.35 10.29 18.21
C ALA C 148 -20.85 11.00 19.47
N PHE C 149 -20.44 10.24 20.49
CA PHE C 149 -19.90 10.86 21.70
C PHE C 149 -18.64 11.65 21.39
N ARG C 150 -17.76 11.10 20.55
CA ARG C 150 -16.54 11.84 20.21
C ARG C 150 -16.88 13.15 19.52
N HIS C 151 -17.85 13.14 18.60
CA HIS C 151 -18.21 14.39 17.93
C HIS C 151 -18.93 15.35 18.87
N LEU C 152 -19.64 14.84 19.88
CA LEU C 152 -20.40 15.72 20.76
C LEU C 152 -19.53 16.36 21.83
N PHE C 153 -18.58 15.62 22.41
CA PHE C 153 -17.91 16.06 23.62
C PHE C 153 -16.48 16.56 23.41
N LEU C 154 -15.85 16.26 22.27
CA LEU C 154 -14.48 16.67 22.01
C LEU C 154 -14.49 17.93 21.14
N LEU C 155 -13.95 19.01 21.68
CA LEU C 155 -13.97 20.30 20.98
C LEU C 155 -13.03 20.26 19.79
N GLY C 156 -13.58 20.51 18.60
CA GLY C 156 -12.78 20.53 17.39
C GLY C 156 -12.39 19.16 16.86
N TYR C 157 -13.09 18.11 17.28
CA TYR C 157 -12.75 16.77 16.81
C TYR C 157 -13.22 16.57 15.36
N SER C 158 -12.43 15.81 14.61
CA SER C 158 -12.82 15.39 13.26
C SER C 158 -12.40 13.95 13.07
N ASP C 159 -13.08 13.28 12.14
CA ASP C 159 -12.81 11.86 11.90
C ASP C 159 -11.38 11.67 11.41
N GLY C 160 -10.74 10.62 11.91
CA GLY C 160 -9.38 10.29 11.53
C GLY C 160 -8.29 10.97 12.33
N ALA C 161 -8.66 11.83 13.28
CA ALA C 161 -7.69 12.58 14.07
C ALA C 161 -7.49 11.99 15.46
N ASP C 162 -7.91 10.73 15.68
CA ASP C 162 -7.94 10.19 17.02
C ASP C 162 -6.54 10.13 17.64
N ASP C 163 -5.54 9.70 16.87
CA ASP C 163 -4.22 9.46 17.44
C ASP C 163 -3.35 10.71 17.48
N THR C 164 -3.79 11.82 16.90
CA THR C 164 -3.08 13.08 16.99
C THR C 164 -3.84 14.15 17.76
N PHE C 165 -5.08 13.90 18.13
CA PHE C 165 -5.88 14.89 18.86
C PHE C 165 -5.21 15.21 20.19
N ALA C 166 -4.85 16.49 20.38
CA ALA C 166 -4.13 16.89 21.58
C ALA C 166 -4.32 18.38 21.80
N ALA C 167 -4.00 18.82 23.01
CA ALA C 167 -3.99 20.22 23.38
C ALA C 167 -2.55 20.68 23.58
N TYR C 168 -2.30 21.96 23.31
CA TYR C 168 -0.95 22.49 23.34
C TYR C 168 -0.81 23.79 24.14
N THR C 169 -1.91 24.39 24.58
CA THR C 169 -1.87 25.57 25.42
C THR C 169 -2.85 25.40 26.58
N ARG C 170 -2.60 26.15 27.65
CA ARG C 170 -3.50 26.11 28.80
C ARG C 170 -4.92 26.48 28.41
N GLU C 171 -5.06 27.48 27.53
CA GLU C 171 -6.37 27.94 27.12
C GLU C 171 -7.10 26.86 26.33
N GLN C 172 -6.39 26.17 25.44
CA GLN C 172 -7.01 25.07 24.69
C GLN C 172 -7.52 23.98 25.62
N LEU C 173 -6.72 23.63 26.63
CA LEU C 173 -7.12 22.57 27.55
C LEU C 173 -8.35 22.99 28.36
N TYR C 174 -8.34 24.21 28.88
CA TYR C 174 -9.50 24.70 29.63
C TYR C 174 -10.74 24.71 28.75
N GLN C 175 -10.61 25.18 27.51
CA GLN C 175 -11.75 25.23 26.60
C GLN C 175 -12.27 23.83 26.31
N ALA C 176 -11.38 22.87 26.10
CA ALA C 176 -11.84 21.51 25.83
C ALA C 176 -12.59 20.92 27.01
N ILE C 177 -12.05 21.10 28.23
CA ILE C 177 -12.71 20.56 29.41
C ILE C 177 -14.09 21.18 29.58
N PHE C 178 -14.16 22.51 29.50
CA PHE C 178 -15.44 23.19 29.68
C PHE C 178 -16.41 22.84 28.58
N HIS C 179 -15.93 22.66 27.35
CA HIS C 179 -16.82 22.23 26.27
C HIS C 179 -17.41 20.86 26.55
N ALA C 180 -16.58 19.93 27.04
CA ALA C 180 -17.10 18.60 27.35
C ALA C 180 -18.20 18.69 28.42
N VAL C 181 -17.94 19.45 29.49
CA VAL C 181 -18.94 19.54 30.55
C VAL C 181 -20.20 20.23 30.07
N ASP C 182 -20.06 21.31 29.31
CA ASP C 182 -21.23 22.04 28.81
C ASP C 182 -22.05 21.18 27.87
N GLN C 183 -21.40 20.40 27.01
CA GLN C 183 -22.14 19.51 26.12
C GLN C 183 -22.84 18.42 26.91
N TYR C 184 -22.21 17.90 27.96
CA TYR C 184 -22.89 16.94 28.83
C TYR C 184 -24.15 17.56 29.42
N LEU C 185 -24.08 18.82 29.83
CA LEU C 185 -25.26 19.46 30.43
C LEU C 185 -26.32 19.81 29.40
N ALA C 186 -25.91 20.05 28.15
CA ALA C 186 -26.84 20.45 27.10
C ALA C 186 -27.32 19.29 26.25
N LEU C 187 -26.89 18.07 26.54
CA LEU C 187 -27.23 16.90 25.72
C LEU C 187 -28.71 16.79 25.37
N PRO C 188 -29.65 16.95 26.31
CA PRO C 188 -31.06 16.73 25.96
C PRO C 188 -31.59 17.66 24.89
N ASP C 189 -30.98 18.84 24.70
CA ASP C 189 -31.47 19.80 23.74
C ASP C 189 -30.80 19.70 22.37
N VAL C 190 -29.58 19.15 22.30
CA VAL C 190 -28.80 19.18 21.07
C VAL C 190 -28.62 17.81 20.45
N SER C 191 -28.60 16.74 21.24
CA SER C 191 -28.25 15.43 20.71
C SER C 191 -29.36 14.87 19.83
N LEU C 192 -28.96 14.17 18.77
CA LEU C 192 -29.91 13.46 17.92
C LEU C 192 -30.41 12.18 18.58
N GLY C 193 -29.60 11.56 19.44
CA GLY C 193 -30.05 10.42 20.21
C GLY C 193 -30.77 10.84 21.47
N ARG C 194 -31.44 9.87 22.09
CA ARG C 194 -32.17 10.08 23.34
C ARG C 194 -31.44 9.34 24.45
N TYR C 195 -30.88 10.09 25.38
CA TYR C 195 -30.08 9.54 26.47
C TYR C 195 -30.68 9.92 27.81
N ALA C 196 -30.48 9.05 28.80
CA ALA C 196 -30.89 9.32 30.17
C ALA C 196 -29.64 9.38 31.05
N TYR C 197 -29.71 10.21 32.08
CA TYR C 197 -28.60 10.38 32.99
C TYR C 197 -28.59 9.29 34.07
N VAL C 198 -27.41 9.03 34.60
CA VAL C 198 -27.20 8.10 35.70
C VAL C 198 -26.50 8.84 36.83
N ARG C 199 -27.01 8.69 38.05
CA ARG C 199 -26.48 9.39 39.21
C ARG C 199 -25.99 8.39 40.25
N GLY C 200 -25.01 8.82 41.04
CA GLY C 200 -24.52 8.00 42.13
C GLY C 200 -23.92 6.70 41.65
N GLY C 201 -24.11 5.65 42.44
CA GLY C 201 -23.62 4.33 42.06
C GLY C 201 -22.17 4.08 42.35
N GLY C 202 -21.59 4.75 43.35
CA GLY C 202 -20.22 4.50 43.74
C GLY C 202 -19.23 5.42 43.07
N ASP C 203 -17.96 5.16 43.36
CA ASP C 203 -16.90 6.01 42.86
C ASP C 203 -16.82 5.95 41.34
N PRO C 204 -16.38 7.04 40.69
CA PRO C 204 -15.95 8.31 41.26
C PRO C 204 -17.10 9.28 41.51
N TRP C 205 -18.34 8.84 41.38
CA TRP C 205 -19.50 9.72 41.53
C TRP C 205 -20.03 9.64 42.96
N THR C 206 -20.24 10.80 43.58
CA THR C 206 -20.97 10.85 44.83
C THR C 206 -22.46 10.69 44.57
N ASN C 207 -23.22 10.52 45.64
CA ASN C 207 -24.66 10.34 45.52
C ASN C 207 -25.28 11.56 44.85
N GLY C 208 -26.10 11.31 43.83
CA GLY C 208 -26.78 12.38 43.12
C GLY C 208 -25.93 13.08 42.08
N SER C 209 -24.70 12.64 41.84
CA SER C 209 -23.80 13.27 40.89
C SER C 209 -23.77 12.46 39.60
N GLY C 210 -23.87 13.15 38.46
CA GLY C 210 -23.87 12.48 37.17
C GLY C 210 -22.51 12.48 36.50
N LEU C 211 -21.74 13.55 36.69
CA LEU C 211 -20.45 13.70 36.04
C LEU C 211 -19.37 13.97 37.08
N ALA C 212 -18.23 13.30 36.93
CA ALA C 212 -17.08 13.50 37.81
C ALA C 212 -15.94 14.08 36.98
N LEU C 213 -15.43 15.24 37.41
CA LEU C 213 -14.32 15.91 36.73
C LEU C 213 -13.14 15.91 37.71
N CYS C 214 -12.17 15.04 37.48
CA CYS C 214 -11.09 14.80 38.43
C CYS C 214 -9.76 15.21 37.82
N GLN C 215 -8.91 15.82 38.63
CA GLN C 215 -7.53 16.11 38.25
C GLN C 215 -6.61 15.41 39.23
N ARG C 216 -5.59 14.74 38.70
CA ARG C 216 -4.62 13.98 39.47
C ARG C 216 -3.26 14.61 39.27
N TYR C 217 -2.59 14.92 40.39
CA TYR C 217 -1.29 15.59 40.38
C TYR C 217 -0.42 15.00 41.48
N TYR C 218 0.79 15.54 41.63
CA TYR C 218 1.71 15.06 42.65
C TYR C 218 1.43 15.74 43.99
N HIS C 219 1.59 14.98 45.07
CA HIS C 219 1.33 15.51 46.40
C HIS C 219 2.20 16.72 46.70
N ARG C 220 3.50 16.63 46.41
CA ARG C 220 4.41 17.76 46.48
C ARG C 220 5.15 17.85 45.16
N GLY C 221 5.00 18.96 44.46
CA GLY C 221 5.81 19.18 43.28
C GLY C 221 6.38 20.58 43.22
N HIS C 222 7.70 20.68 43.27
N HIS C 222 7.70 20.69 43.26
CA HIS C 222 8.41 21.94 43.06
CA HIS C 222 8.41 21.94 43.06
C HIS C 222 9.41 21.70 41.94
C HIS C 222 9.42 21.70 41.93
N VAL C 223 9.19 22.32 40.79
CA VAL C 223 9.99 22.11 39.59
C VAL C 223 10.64 23.44 39.23
N ASP C 224 11.98 23.47 39.22
CA ASP C 224 12.74 24.68 38.92
C ASP C 224 13.79 24.33 37.89
N PRO C 225 13.40 24.22 36.61
CA PRO C 225 14.41 23.97 35.56
C PRO C 225 15.41 25.09 35.42
N ALA C 226 15.05 26.32 35.82
CA ALA C 226 16.00 27.42 35.76
C ALA C 226 17.20 27.16 36.67
N ASN C 227 16.95 26.59 37.84
CA ASN C 227 18.01 26.22 38.78
C ASN C 227 18.40 24.76 38.65
N ASP C 228 17.83 24.04 37.69
CA ASP C 228 18.13 22.63 37.47
C ASP C 228 17.89 21.82 38.75
N THR C 229 16.71 22.00 39.34
CA THR C 229 16.42 21.33 40.60
C THR C 229 14.93 21.05 40.72
N PHE C 230 14.61 20.13 41.62
CA PHE C 230 13.20 19.83 41.89
C PHE C 230 13.09 19.12 43.24
N ASP C 231 11.86 19.12 43.75
CA ASP C 231 11.50 18.47 45.01
C ASP C 231 10.14 17.83 44.79
N ILE C 232 10.10 16.51 44.73
CA ILE C 232 8.92 15.77 44.32
C ILE C 232 8.60 14.71 45.36
N ASP C 233 7.34 14.66 45.79
CA ASP C 233 6.76 13.50 46.43
C ASP C 233 5.81 12.85 45.42
N PRO C 234 6.17 11.74 44.78
CA PRO C 234 5.39 11.24 43.64
C PRO C 234 4.06 10.61 44.01
N MET C 235 3.61 10.69 45.26
CA MET C 235 2.31 10.17 45.61
C MET C 235 1.23 10.98 44.92
N VAL C 236 0.29 10.30 44.27
CA VAL C 236 -0.70 10.95 43.43
C VAL C 236 -1.89 11.36 44.28
N VAL C 237 -2.31 12.62 44.14
CA VAL C 237 -3.48 13.17 44.79
C VAL C 237 -4.54 13.43 43.73
N THR C 238 -5.76 12.96 44.00
CA THR C 238 -6.91 13.14 43.12
C THR C 238 -7.86 14.15 43.75
N ASP C 239 -8.29 15.13 42.97
CA ASP C 239 -9.29 16.10 43.40
C ASP C 239 -10.42 16.10 42.38
N CYS C 240 -11.64 15.84 42.84
CA CYS C 240 -12.78 15.63 41.96
C CYS C 240 -13.86 16.67 42.23
N ILE C 241 -14.44 17.21 41.16
CA ILE C 241 -15.59 18.09 41.21
C ILE C 241 -16.79 17.30 40.67
N GLN C 242 -17.90 17.35 41.40
CA GLN C 242 -19.10 16.62 41.06
C GLN C 242 -20.10 17.55 40.39
N VAL C 243 -20.68 17.11 39.29
CA VAL C 243 -21.67 17.88 38.55
C VAL C 243 -22.94 17.05 38.45
N ASP C 244 -24.06 17.62 38.90
CA ASP C 244 -25.35 16.96 38.79
C ASP C 244 -25.97 17.23 37.43
N PRO C 245 -26.61 16.23 36.82
CA PRO C 245 -27.24 16.47 35.52
C PRO C 245 -28.35 17.50 35.66
N PRO C 246 -28.63 18.25 34.59
CA PRO C 246 -29.61 19.33 34.71
C PRO C 246 -31.00 18.81 35.04
N GLU C 247 -31.73 19.60 35.82
CA GLU C 247 -33.10 19.27 36.18
C GLU C 247 -34.03 19.68 35.04
N ARG C 248 -34.69 18.69 34.44
CA ARG C 248 -35.58 18.94 33.31
C ARG C 248 -37.03 18.71 33.71
N SER C 265 -18.49 25.85 41.45
CA SER C 265 -18.88 24.99 40.33
C SER C 265 -17.64 24.55 39.56
N TYR C 266 -17.87 23.77 38.50
CA TYR C 266 -16.76 23.26 37.70
C TYR C 266 -16.04 24.36 36.92
N LYS C 267 -16.69 25.50 36.70
CA LYS C 267 -16.04 26.58 35.97
C LYS C 267 -14.90 27.21 36.76
N ASN C 268 -14.83 26.98 38.07
CA ASN C 268 -13.76 27.48 38.91
C ASN C 268 -12.55 26.54 38.95
N LEU C 269 -12.52 25.53 38.08
CA LEU C 269 -11.42 24.58 38.07
C LEU C 269 -10.10 25.31 37.84
N THR C 270 -9.10 24.98 38.68
CA THR C 270 -7.77 25.57 38.58
C THR C 270 -6.77 24.44 38.51
N LEU C 271 -6.19 24.24 37.32
CA LEU C 271 -5.29 23.13 37.10
C LEU C 271 -3.89 23.44 37.62
N LYS C 272 -3.26 22.44 38.25
CA LYS C 272 -1.89 22.56 38.75
C LYS C 272 -0.95 22.02 37.68
N PHE C 273 -0.68 22.88 36.69
CA PHE C 273 -0.05 22.43 35.45
C PHE C 273 1.32 21.81 35.69
N HIS C 274 2.14 22.43 36.53
CA HIS C 274 3.53 22.00 36.65
C HIS C 274 3.68 20.63 37.28
N LYS C 275 2.69 20.16 38.04
CA LYS C 275 2.73 18.82 38.63
C LYS C 275 1.50 18.00 38.25
N LEU C 276 0.81 18.35 37.17
CA LEU C 276 -0.41 17.66 36.78
C LEU C 276 -0.08 16.32 36.13
N VAL C 277 -0.73 15.27 36.62
CA VAL C 277 -0.57 13.95 36.02
C VAL C 277 -1.62 13.72 34.93
N ASN C 278 -2.88 13.94 35.23
CA ASN C 278 -3.90 13.89 34.17
C ASN C 278 -5.20 14.51 34.66
N VAL C 279 -6.13 14.63 33.70
CA VAL C 279 -7.50 15.05 33.99
C VAL C 279 -8.44 14.03 33.36
N THR C 280 -9.50 13.68 34.08
CA THR C 280 -10.48 12.72 33.59
C THR C 280 -11.89 13.24 33.81
N ILE C 281 -12.77 12.90 32.88
CA ILE C 281 -14.19 13.18 32.98
C ILE C 281 -14.92 11.84 32.85
N HIS C 282 -15.72 11.50 33.86
CA HIS C 282 -16.44 10.24 33.91
C HIS C 282 -17.94 10.52 33.95
N PHE C 283 -18.70 9.85 33.10
CA PHE C 283 -20.16 9.91 33.24
C PHE C 283 -20.80 8.75 32.48
N ARG C 284 -22.04 8.45 32.83
CA ARG C 284 -22.77 7.33 32.24
C ARG C 284 -24.06 7.82 31.59
N LEU C 285 -24.41 7.21 30.47
CA LEU C 285 -25.64 7.52 29.74
C LEU C 285 -26.40 6.24 29.42
N LYS C 286 -27.72 6.29 29.55
CA LYS C 286 -28.57 5.14 29.23
C LYS C 286 -29.33 5.40 27.93
N THR C 287 -29.39 4.37 27.08
CA THR C 287 -30.08 4.49 25.81
C THR C 287 -30.69 3.12 25.47
N ILE C 288 -31.45 3.09 24.37
CA ILE C 288 -32.17 1.90 23.94
C ILE C 288 -31.82 1.62 22.48
N ASN C 289 -31.49 0.36 22.19
CA ASN C 289 -31.06 -0.05 20.84
C ASN C 289 -32.30 -0.43 20.03
N LEU C 290 -32.95 0.59 19.48
CA LEU C 290 -34.23 0.39 18.80
C LEU C 290 -34.07 -0.40 17.51
N GLN C 291 -32.91 -0.35 16.86
CA GLN C 291 -32.75 -0.99 15.56
C GLN C 291 -33.02 -2.48 15.62
N SER C 292 -32.95 -3.09 16.80
CA SER C 292 -33.25 -4.52 16.91
C SER C 292 -34.64 -4.85 16.39
N LEU C 293 -35.55 -3.88 16.37
CA LEU C 293 -36.89 -4.14 15.85
C LEU C 293 -36.86 -4.63 14.42
N ILE C 294 -35.85 -4.21 13.63
CA ILE C 294 -35.78 -4.66 12.24
C ILE C 294 -35.54 -6.17 12.18
N ASN C 295 -34.91 -6.74 13.19
CA ASN C 295 -34.67 -8.18 13.26
C ASN C 295 -35.75 -8.91 14.05
N ASN C 296 -36.88 -8.26 14.33
CA ASN C 296 -37.96 -8.85 15.11
C ASN C 296 -37.48 -9.30 16.49
N GLU C 297 -36.60 -8.50 17.08
CA GLU C 297 -36.09 -8.74 18.42
C GLU C 297 -36.48 -7.57 19.32
N ILE C 298 -36.62 -7.86 20.60
CA ILE C 298 -36.96 -6.82 21.58
C ILE C 298 -35.71 -5.98 21.86
N PRO C 299 -35.78 -4.66 21.74
CA PRO C 299 -34.60 -3.84 22.00
C PRO C 299 -34.07 -4.01 23.42
N ASP C 300 -32.74 -3.97 23.54
CA ASP C 300 -32.08 -4.02 24.83
C ASP C 300 -31.84 -2.60 25.35
N CYS C 301 -31.54 -2.52 26.65
CA CYS C 301 -31.20 -1.26 27.31
C CYS C 301 -29.69 -1.22 27.52
N TYR C 302 -29.02 -0.22 26.94
CA TYR C 302 -27.59 -0.06 27.04
C TYR C 302 -27.24 1.04 28.03
N THR C 303 -26.19 0.79 28.82
CA THR C 303 -25.55 1.82 29.63
C THR C 303 -24.13 2.01 29.11
N PHE C 304 -23.81 3.23 28.68
CA PHE C 304 -22.49 3.59 28.21
C PHE C 304 -21.77 4.33 29.32
N SER C 305 -20.64 3.80 29.75
CA SER C 305 -19.73 4.49 30.66
C SER C 305 -18.67 5.19 29.83
N VAL C 306 -18.66 6.52 29.89
CA VAL C 306 -17.82 7.37 29.05
C VAL C 306 -16.71 7.94 29.91
N LEU C 307 -15.47 7.77 29.44
CA LEU C 307 -14.27 8.30 30.08
C LEU C 307 -13.53 9.16 29.08
N ILE C 308 -13.33 10.43 29.42
CA ILE C 308 -12.54 11.36 28.61
C ILE C 308 -11.26 11.65 29.38
N THR C 309 -10.12 11.43 28.72
CA THR C 309 -8.81 11.55 29.35
C THR C 309 -7.99 12.62 28.66
N PHE C 310 -7.49 13.56 29.46
CA PHE C 310 -6.49 14.55 29.06
C PHE C 310 -5.19 14.14 29.76
N ASP C 311 -4.26 13.57 28.99
CA ASP C 311 -3.12 12.85 29.55
C ASP C 311 -1.87 13.72 29.53
N ASN C 312 -1.28 13.94 30.71
CA ASN C 312 -0.07 14.73 30.85
C ASN C 312 1.05 13.93 31.52
N LYS C 313 1.03 12.61 31.39
CA LYS C 313 2.02 11.78 32.05
C LYS C 313 3.43 12.00 31.50
N ALA C 314 3.56 12.50 30.28
CA ALA C 314 4.86 12.75 29.69
C ALA C 314 5.44 14.12 30.03
N HIS C 315 4.61 15.05 30.50
CA HIS C 315 5.07 16.38 30.90
C HIS C 315 5.90 17.03 29.79
N SER C 316 5.43 16.89 28.54
CA SER C 316 6.18 17.29 27.37
C SER C 316 5.60 18.53 26.69
N GLY C 317 4.62 19.19 27.29
CA GLY C 317 3.96 20.30 26.66
C GLY C 317 2.86 19.92 25.69
N ARG C 318 2.64 18.63 25.45
CA ARG C 318 1.59 18.13 24.59
C ARG C 318 0.72 17.18 25.39
N ILE C 319 -0.56 17.48 25.49
CA ILE C 319 -1.50 16.66 26.27
C ILE C 319 -2.50 16.01 25.32
N PRO C 320 -2.32 14.73 24.98
CA PRO C 320 -3.32 14.05 24.14
C PRO C 320 -4.66 13.89 24.85
N ILE C 321 -5.72 13.91 24.05
CA ILE C 321 -7.09 13.84 24.53
C ILE C 321 -7.76 12.66 23.86
N SER C 322 -8.40 11.81 24.67
CA SER C 322 -9.05 10.61 24.14
C SER C 322 -10.39 10.40 24.83
N LEU C 323 -11.28 9.69 24.14
CA LEU C 323 -12.59 9.31 24.66
C LEU C 323 -12.76 7.81 24.49
N GLU C 324 -13.19 7.13 25.54
CA GLU C 324 -13.44 5.70 25.51
C GLU C 324 -14.77 5.39 26.17
N THR C 325 -15.37 4.28 25.76
CA THR C 325 -16.67 3.87 26.26
C THR C 325 -16.66 2.39 26.62
N GLN C 326 -17.41 2.06 27.67
CA GLN C 326 -17.73 0.68 28.02
C GLN C 326 -19.23 0.50 27.97
N ALA C 327 -19.69 -0.51 27.24
CA ALA C 327 -21.12 -0.75 27.06
C ALA C 327 -21.55 -1.91 27.94
N HIS C 328 -22.66 -1.73 28.65
CA HIS C 328 -23.27 -2.78 29.47
C HIS C 328 -24.70 -2.97 29.00
N ILE C 329 -25.03 -4.19 28.59
CA ILE C 329 -26.34 -4.52 28.04
C ILE C 329 -27.20 -5.09 29.15
N GLN C 330 -28.49 -4.76 29.13
CA GLN C 330 -29.41 -5.23 30.15
C GLN C 330 -30.80 -5.34 29.54
N GLU C 331 -31.64 -6.15 30.17
CA GLU C 331 -33.03 -6.27 29.74
C GLU C 331 -33.85 -5.12 30.30
N CYS C 332 -34.63 -4.48 29.44
CA CYS C 332 -35.45 -3.36 29.86
C CYS C 332 -36.61 -3.84 30.71
N LYS C 333 -37.12 -2.94 31.56
CA LYS C 333 -38.17 -3.28 32.51
C LYS C 333 -39.52 -3.25 31.81
N HIS C 334 -40.12 -4.43 31.63
CA HIS C 334 -41.44 -4.56 31.02
C HIS C 334 -41.57 -3.69 29.78
N PRO C 335 -40.90 -4.03 28.69
CA PRO C 335 -41.08 -3.29 27.44
C PRO C 335 -42.35 -3.75 26.72
N SER C 336 -42.66 -3.08 25.62
CA SER C 336 -43.89 -3.37 24.89
C SER C 336 -43.67 -3.06 23.41
N VAL C 337 -43.77 -4.10 22.58
CA VAL C 337 -43.70 -3.96 21.13
C VAL C 337 -44.99 -4.50 20.54
N PHE C 338 -45.64 -3.70 19.71
CA PHE C 338 -46.95 -4.05 19.18
C PHE C 338 -46.82 -5.22 18.21
N GLN C 339 -47.50 -6.32 18.51
CA GLN C 339 -47.56 -7.48 17.63
C GLN C 339 -46.17 -7.87 17.13
N PHE C 345 -38.89 -18.66 14.13
CA PHE C 345 -38.51 -20.07 14.00
C PHE C 345 -37.08 -20.29 14.46
N ARG C 346 -36.44 -19.23 14.96
CA ARG C 346 -35.03 -19.32 15.33
C ARG C 346 -34.82 -20.37 16.42
N LEU C 347 -35.73 -20.45 17.39
CA LEU C 347 -35.62 -21.45 18.43
C LEU C 347 -35.67 -22.86 17.85
N LEU C 348 -36.62 -23.08 16.92
CA LEU C 348 -36.73 -24.40 16.30
C LEU C 348 -35.50 -24.71 15.46
N PHE C 349 -34.95 -23.72 14.75
CA PHE C 349 -33.73 -23.97 13.98
C PHE C 349 -32.56 -24.33 14.88
N ASP C 350 -32.44 -23.65 16.03
CA ASP C 350 -31.41 -24.00 16.98
C ASP C 350 -31.61 -25.42 17.49
N VAL C 351 -32.86 -25.80 17.77
CA VAL C 351 -33.13 -27.16 18.21
C VAL C 351 -32.73 -28.17 17.13
N VAL C 352 -33.00 -27.85 15.87
CA VAL C 352 -32.63 -28.75 14.78
C VAL C 352 -31.11 -28.89 14.69
N VAL C 353 -30.39 -27.77 14.82
CA VAL C 353 -28.93 -27.83 14.81
C VAL C 353 -28.43 -28.72 15.94
N ILE C 354 -29.02 -28.55 17.13
CA ILE C 354 -28.61 -29.35 18.28
C ILE C 354 -28.88 -30.83 18.01
N LEU C 355 -30.04 -31.15 17.43
CA LEU C 355 -30.37 -32.55 17.17
C LEU C 355 -29.39 -33.17 16.18
N THR C 356 -29.10 -32.44 15.09
CA THR C 356 -28.16 -32.96 14.10
C THR C 356 -26.78 -33.18 14.71
N CYS C 357 -26.31 -32.20 15.48
CA CYS C 357 -24.99 -32.33 16.09
C CYS C 357 -24.96 -33.48 17.10
N SER C 358 -26.04 -33.67 17.85
CA SER C 358 -26.09 -34.75 18.82
C SER C 358 -26.06 -36.11 18.14
N LEU C 359 -26.83 -36.27 17.06
CA LEU C 359 -26.82 -37.54 16.34
C LEU C 359 -25.45 -37.81 15.74
N SER C 360 -24.82 -36.77 15.15
CA SER C 360 -23.48 -36.95 14.61
C SER C 360 -22.49 -37.34 15.69
N PHE C 361 -22.58 -36.69 16.86
CA PHE C 361 -21.70 -37.03 17.97
C PHE C 361 -21.88 -38.46 18.41
N LEU C 362 -23.13 -38.92 18.51
CA LEU C 362 -23.39 -40.30 18.92
C LEU C 362 -22.81 -41.28 17.92
N LEU C 363 -23.03 -41.04 16.62
CA LEU C 363 -22.51 -41.94 15.61
C LEU C 363 -20.98 -41.98 15.63
N CYS C 364 -20.35 -40.81 15.76
CA CYS C 364 -18.89 -40.76 15.80
C CYS C 364 -18.35 -41.47 17.02
N ALA C 365 -19.01 -41.31 18.17
CA ALA C 365 -18.58 -42.00 19.38
C ALA C 365 -18.71 -43.51 19.24
N ARG C 366 -19.80 -43.96 18.61
CA ARG C 366 -19.96 -45.40 18.37
C ARG C 366 -18.85 -45.93 17.47
N SER C 367 -18.52 -45.18 16.41
CA SER C 367 -17.44 -45.61 15.52
C SER C 367 -16.11 -45.65 16.28
N LEU C 368 -15.84 -44.66 17.12
CA LEU C 368 -14.60 -44.64 17.87
C LEU C 368 -14.51 -45.82 18.83
N LEU C 369 -15.63 -46.15 19.49
CA LEU C 369 -15.64 -47.31 20.38
C LEU C 369 -15.39 -48.60 19.60
N ARG C 370 -16.02 -48.74 18.43
CA ARG C 370 -15.79 -49.93 17.62
C ARG C 370 -14.32 -50.03 17.22
N GLY C 371 -13.72 -48.92 16.81
CA GLY C 371 -12.31 -48.93 16.47
C GLY C 371 -11.43 -49.32 17.65
N PHE C 372 -11.75 -48.80 18.83
CA PHE C 372 -10.98 -49.15 20.02
C PHE C 372 -11.08 -50.64 20.33
N LEU C 373 -12.29 -51.20 20.20
CA LEU C 373 -12.47 -52.63 20.45
C LEU C 373 -11.68 -53.46 19.43
N LEU C 374 -11.71 -53.05 18.16
CA LEU C 374 -10.94 -53.78 17.15
C LEU C 374 -9.45 -53.69 17.44
N GLN C 375 -8.98 -52.53 17.88
CA GLN C 375 -7.57 -52.38 18.26
C GLN C 375 -7.23 -53.33 19.40
N ASN C 376 -8.09 -53.42 20.41
CA ASN C 376 -7.84 -54.33 21.52
C ASN C 376 -7.77 -55.77 21.02
N GLU C 377 -8.69 -56.16 20.15
CA GLU C 377 -8.69 -57.53 19.64
C GLU C 377 -7.42 -57.83 18.86
N PHE C 378 -6.98 -56.88 18.02
CA PHE C 378 -5.76 -57.09 17.25
C PHE C 378 -4.54 -57.21 18.16
N VAL C 379 -4.43 -56.33 19.16
CA VAL C 379 -3.29 -56.40 20.07
C VAL C 379 -3.31 -57.72 20.82
N GLY C 380 -4.50 -58.20 21.19
CA GLY C 380 -4.60 -59.51 21.81
C GLY C 380 -4.13 -60.62 20.89
N PHE C 381 -4.54 -60.55 19.61
CA PHE C 381 -4.12 -61.55 18.63
C PHE C 381 -2.62 -61.50 18.36
N MET C 382 -1.95 -60.40 18.69
CA MET C 382 -0.50 -60.32 18.59
C MET C 382 0.23 -61.11 19.69
N TRP C 383 -0.47 -61.98 20.42
CA TRP C 383 0.10 -62.80 21.49
C TRP C 383 1.17 -62.06 22.28
N SER C 391 3.07 -52.06 19.92
CA SER C 391 3.64 -50.74 20.12
C SER C 391 2.55 -49.69 20.13
N LEU C 392 2.94 -48.42 20.30
CA LEU C 392 1.98 -47.32 20.37
C LEU C 392 1.55 -46.86 18.98
N TRP C 393 2.50 -46.48 18.13
CA TRP C 393 2.16 -45.94 16.83
C TRP C 393 1.30 -46.89 16.02
N GLU C 394 1.45 -48.20 16.23
CA GLU C 394 0.57 -49.15 15.54
C GLU C 394 -0.84 -49.11 16.11
N ARG C 395 -0.99 -48.81 17.41
CA ARG C 395 -2.32 -48.65 17.98
C ARG C 395 -3.01 -47.40 17.45
N LEU C 396 -2.26 -46.34 17.17
CA LEU C 396 -2.84 -45.11 16.67
C LEU C 396 -3.40 -45.26 15.26
N GLU C 397 -3.07 -46.35 14.56
CA GLU C 397 -3.68 -46.60 13.26
C GLU C 397 -5.18 -46.88 13.37
N PHE C 398 -5.64 -47.25 14.55
CA PHE C 398 -7.05 -47.55 14.77
C PHE C 398 -7.86 -46.35 15.26
N VAL C 399 -7.21 -45.21 15.44
CA VAL C 399 -7.88 -44.00 15.93
C VAL C 399 -8.15 -43.09 14.74
N ASN C 400 -9.43 -42.83 14.47
CA ASN C 400 -9.84 -41.96 13.38
C ASN C 400 -9.79 -40.52 13.87
N GLY C 401 -8.73 -39.80 13.49
CA GLY C 401 -8.62 -38.41 13.91
C GLY C 401 -9.74 -37.55 13.38
N TRP C 402 -10.27 -37.88 12.20
CA TRP C 402 -11.37 -37.13 11.64
C TRP C 402 -12.58 -37.17 12.56
N TYR C 403 -12.82 -38.31 13.21
CA TYR C 403 -13.96 -38.41 14.11
C TYR C 403 -13.72 -37.65 15.42
N ILE C 404 -12.46 -37.58 15.87
CA ILE C 404 -12.15 -36.72 17.01
C ILE C 404 -12.45 -35.27 16.64
N LEU C 405 -12.04 -34.85 15.44
CA LEU C 405 -12.36 -33.51 14.96
C LEU C 405 -13.87 -33.30 14.91
N LEU C 406 -14.60 -34.31 14.44
CA LEU C 406 -16.05 -34.17 14.30
C LEU C 406 -16.73 -34.03 15.66
N VAL C 407 -16.31 -34.82 16.66
CA VAL C 407 -16.92 -34.71 17.98
C VAL C 407 -16.57 -33.38 18.62
N THR C 408 -15.34 -32.91 18.43
CA THR C 408 -14.99 -31.59 18.93
C THR C 408 -15.86 -30.51 18.29
N SER C 409 -16.07 -30.61 16.97
CA SER C 409 -16.92 -29.66 16.28
C SER C 409 -18.36 -29.72 16.80
N ASP C 410 -18.86 -30.93 17.07
CA ASP C 410 -20.21 -31.06 17.60
C ASP C 410 -20.32 -30.41 18.98
N VAL C 411 -19.32 -30.62 19.84
CA VAL C 411 -19.35 -29.99 21.16
C VAL C 411 -19.35 -28.48 21.04
N LEU C 412 -18.47 -27.96 20.18
CA LEU C 412 -18.41 -26.51 19.99
C LEU C 412 -19.73 -25.96 19.46
N THR C 413 -20.33 -26.65 18.48
CA THR C 413 -21.58 -26.20 17.91
C THR C 413 -22.70 -26.20 18.94
N ILE C 414 -22.78 -27.26 19.75
CA ILE C 414 -23.84 -27.33 20.76
C ILE C 414 -23.66 -26.24 21.80
N SER C 415 -22.42 -26.02 22.25
CA SER C 415 -22.19 -24.96 23.23
C SER C 415 -22.54 -23.59 22.65
N GLY C 416 -22.14 -23.34 21.41
CA GLY C 416 -22.47 -22.07 20.78
C GLY C 416 -23.96 -21.88 20.61
N THR C 417 -24.68 -22.95 20.26
CA THR C 417 -26.12 -22.85 20.09
C THR C 417 -26.81 -22.59 21.42
N ILE C 418 -26.37 -23.25 22.48
CA ILE C 418 -26.92 -22.98 23.81
C ILE C 418 -26.66 -21.52 24.19
N MET C 419 -25.44 -21.04 23.96
CA MET C 419 -25.11 -19.66 24.30
C MET C 419 -25.95 -18.69 23.49
N LYS C 420 -26.18 -19.00 22.21
CA LYS C 420 -27.00 -18.14 21.36
C LYS C 420 -28.44 -18.11 21.85
N ILE C 421 -28.98 -19.26 22.24
CA ILE C 421 -30.34 -19.30 22.78
C ILE C 421 -30.42 -18.45 24.04
N GLY C 422 -29.41 -18.56 24.91
CA GLY C 422 -29.40 -17.75 26.11
C GLY C 422 -29.35 -16.27 25.82
N ILE C 423 -28.53 -15.87 24.84
CA ILE C 423 -28.45 -14.46 24.47
C ILE C 423 -29.78 -13.97 23.93
N GLU C 424 -30.42 -14.75 23.05
CA GLU C 424 -31.73 -14.37 22.54
C GLU C 424 -32.78 -14.34 23.65
N ALA C 425 -32.64 -15.21 24.65
CA ALA C 425 -33.51 -15.17 25.82
C ALA C 425 -33.16 -14.04 26.77
N LYS C 426 -32.12 -13.27 26.48
CA LYS C 426 -31.66 -12.15 27.30
C LYS C 426 -31.06 -12.59 28.63
N ASN C 427 -30.72 -13.88 28.75
CA ASN C 427 -29.99 -14.34 29.92
C ASN C 427 -28.50 -14.06 29.85
N LEU C 428 -27.97 -13.81 28.65
CA LEU C 428 -26.55 -13.55 28.46
C LEU C 428 -26.39 -12.42 27.45
N ALA C 429 -25.17 -11.87 27.41
CA ALA C 429 -24.84 -10.83 26.44
C ALA C 429 -23.44 -11.00 25.87
N SER C 430 -22.87 -12.21 25.92
CA SER C 430 -21.51 -12.46 25.47
C SER C 430 -21.52 -12.76 23.97
N TYR C 431 -21.73 -11.71 23.19
CA TYR C 431 -21.82 -11.86 21.74
C TYR C 431 -20.52 -12.36 21.14
N ASP C 432 -19.38 -11.84 21.61
CA ASP C 432 -18.11 -12.22 21.01
C ASP C 432 -17.78 -13.69 21.23
N VAL C 433 -18.02 -14.20 22.44
CA VAL C 433 -17.73 -15.60 22.72
C VAL C 433 -18.60 -16.51 21.86
N CYS C 434 -19.89 -16.18 21.76
CA CYS C 434 -20.79 -16.96 20.93
C CYS C 434 -20.36 -16.93 19.47
N SER C 435 -19.99 -15.75 18.98
CA SER C 435 -19.56 -15.63 17.59
C SER C 435 -18.32 -16.47 17.33
N ILE C 436 -17.36 -16.44 18.25
CA ILE C 436 -16.14 -17.22 18.06
C ILE C 436 -16.45 -18.71 18.06
N LEU C 437 -17.28 -19.15 19.01
CA LEU C 437 -17.64 -20.57 19.06
C LEU C 437 -18.31 -21.00 17.76
N LEU C 438 -19.31 -20.25 17.30
CA LEU C 438 -20.07 -20.66 16.12
C LEU C 438 -19.20 -20.60 14.87
N GLY C 439 -18.35 -19.57 14.74
CA GLY C 439 -17.50 -19.48 13.57
C GLY C 439 -16.46 -20.58 13.51
N THR C 440 -15.84 -20.89 14.64
CA THR C 440 -14.89 -22.00 14.67
C THR C 440 -15.59 -23.31 14.35
N SER C 441 -16.80 -23.51 14.88
CA SER C 441 -17.54 -24.73 14.58
C SER C 441 -17.89 -24.81 13.10
N THR C 442 -18.26 -23.68 12.49
CA THR C 442 -18.57 -23.67 11.07
C THR C 442 -17.34 -24.04 10.23
N LEU C 443 -16.19 -23.44 10.57
CA LEU C 443 -14.96 -23.78 9.85
C LEU C 443 -14.64 -25.26 9.99
N LEU C 444 -14.77 -25.80 11.21
CA LEU C 444 -14.46 -27.22 11.42
C LEU C 444 -15.44 -28.12 10.68
N VAL C 445 -16.72 -27.73 10.63
CA VAL C 445 -17.71 -28.52 9.91
C VAL C 445 -17.38 -28.55 8.42
N TRP C 446 -16.99 -27.39 7.86
CA TRP C 446 -16.59 -27.38 6.45
C TRP C 446 -15.35 -28.22 6.22
N VAL C 447 -14.37 -28.16 7.14
CA VAL C 447 -13.14 -28.92 6.95
C VAL C 447 -13.38 -30.41 7.05
N GLY C 448 -14.30 -30.82 7.93
CA GLY C 448 -14.49 -32.24 8.21
C GLY C 448 -14.97 -33.06 7.02
N VAL C 449 -15.46 -32.41 5.96
CA VAL C 449 -15.96 -33.15 4.81
C VAL C 449 -14.82 -33.76 4.01
N ILE C 450 -13.58 -33.33 4.24
CA ILE C 450 -12.44 -33.89 3.52
C ILE C 450 -12.15 -35.32 3.94
N ARG C 451 -12.72 -35.77 5.07
CA ARG C 451 -12.57 -37.15 5.48
C ARG C 451 -12.98 -38.12 4.38
N TYR C 452 -13.99 -37.76 3.60
CA TYR C 452 -14.51 -38.65 2.57
C TYR C 452 -13.75 -38.51 1.25
N LEU C 453 -13.13 -37.36 1.01
CA LEU C 453 -12.19 -37.25 -0.10
C LEU C 453 -10.89 -37.99 0.19
N THR C 454 -10.59 -38.22 1.46
CA THR C 454 -9.33 -38.89 1.82
C THR C 454 -9.22 -40.29 1.22
N PHE C 455 -10.34 -40.92 0.87
CA PHE C 455 -10.31 -42.29 0.37
C PHE C 455 -9.80 -42.41 -1.06
N PHE C 456 -9.66 -41.29 -1.78
CA PHE C 456 -9.29 -41.31 -3.19
C PHE C 456 -8.00 -40.53 -3.38
N HIS C 457 -7.02 -41.19 -4.02
CA HIS C 457 -5.67 -40.64 -4.08
C HIS C 457 -5.64 -39.29 -4.80
N ASN C 458 -6.36 -39.17 -5.91
CA ASN C 458 -6.28 -37.94 -6.69
C ASN C 458 -6.82 -36.75 -5.92
N TYR C 459 -7.73 -36.97 -4.98
CA TYR C 459 -8.30 -35.91 -4.16
C TYR C 459 -7.65 -35.81 -2.78
N ASN C 460 -6.64 -36.63 -2.50
CA ASN C 460 -6.01 -36.69 -1.19
C ASN C 460 -4.58 -36.17 -1.19
N ILE C 461 -4.20 -35.37 -2.19
CA ILE C 461 -2.81 -34.92 -2.30
C ILE C 461 -2.42 -34.09 -1.09
N LEU C 462 -3.27 -33.12 -0.72
CA LEU C 462 -2.92 -32.20 0.34
C LEU C 462 -2.73 -32.92 1.67
N ILE C 463 -3.69 -33.76 2.04
CA ILE C 463 -3.63 -34.43 3.35
C ILE C 463 -2.45 -35.40 3.40
N ALA C 464 -2.23 -36.16 2.32
CA ALA C 464 -1.11 -37.10 2.30
C ALA C 464 0.22 -36.37 2.41
N THR C 465 0.38 -35.27 1.66
CA THR C 465 1.62 -34.51 1.76
C THR C 465 1.81 -33.94 3.15
N LEU C 466 0.74 -33.41 3.76
CA LEU C 466 0.85 -32.89 5.11
C LEU C 466 1.29 -33.98 6.08
N ARG C 467 0.69 -35.16 5.97
CA ARG C 467 1.05 -36.27 6.85
C ARG C 467 2.52 -36.62 6.70
N VAL C 468 3.01 -36.70 5.46
CA VAL C 468 4.39 -37.10 5.25
C VAL C 468 5.36 -35.99 5.68
N ALA C 469 4.96 -34.74 5.55
CA ALA C 469 5.89 -33.62 5.71
C ALA C 469 5.92 -33.03 7.11
N LEU C 470 4.88 -33.21 7.91
CA LEU C 470 4.80 -32.52 9.20
C LEU C 470 6.02 -32.71 10.09
N PRO C 471 6.58 -33.91 10.24
CA PRO C 471 7.73 -34.06 11.16
C PRO C 471 8.93 -33.20 10.77
N SER C 472 9.39 -33.32 9.52
CA SER C 472 10.54 -32.55 9.09
C SER C 472 10.25 -31.06 9.11
N VAL C 473 9.03 -30.67 8.75
CA VAL C 473 8.68 -29.25 8.77
C VAL C 473 8.75 -28.71 10.19
N MET C 474 8.24 -29.47 11.16
CA MET C 474 8.30 -29.03 12.55
C MET C 474 9.73 -28.95 13.04
N ARG C 475 10.57 -29.94 12.67
CA ARG C 475 11.97 -29.90 13.07
C ARG C 475 12.67 -28.68 12.51
N PHE C 476 12.40 -28.34 11.25
CA PHE C 476 12.98 -27.16 10.62
C PHE C 476 12.50 -25.88 11.31
N CYS C 477 11.21 -25.80 11.60
CA CYS C 477 10.66 -24.63 12.28
C CYS C 477 11.27 -24.46 13.65
N CYS C 478 11.63 -25.56 14.32
CA CYS C 478 12.28 -25.44 15.62
C CYS C 478 13.55 -24.60 15.53
N CYS C 479 14.39 -24.88 14.53
CA CYS C 479 15.63 -24.13 14.39
C CYS C 479 15.38 -22.71 13.90
N VAL C 480 14.41 -22.53 13.00
CA VAL C 480 14.17 -21.18 12.46
C VAL C 480 13.56 -20.27 13.51
N ALA C 481 12.84 -20.83 14.48
CA ALA C 481 12.07 -20.02 15.42
C ALA C 481 12.99 -19.22 16.35
N VAL C 482 14.13 -19.78 16.73
CA VAL C 482 15.03 -19.05 17.64
C VAL C 482 15.58 -17.81 16.95
N ILE C 483 15.98 -17.94 15.68
CA ILE C 483 16.42 -16.78 14.92
C ILE C 483 15.29 -15.75 14.81
N TYR C 484 14.08 -16.24 14.51
CA TYR C 484 12.95 -15.33 14.40
C TYR C 484 12.71 -14.57 15.70
N LEU C 485 12.79 -15.26 16.83
CA LEU C 485 12.54 -14.62 18.13
C LEU C 485 13.63 -13.63 18.48
N GLY C 486 14.90 -13.97 18.19
CA GLY C 486 15.97 -13.02 18.40
C GLY C 486 15.74 -11.74 17.61
N TYR C 487 15.38 -11.88 16.33
CA TYR C 487 15.06 -10.71 15.52
C TYR C 487 13.88 -9.94 16.11
N CYS C 488 12.84 -10.65 16.55
CA CYS C 488 11.68 -9.99 17.12
C CYS C 488 12.06 -9.12 18.31
N PHE C 489 12.78 -9.69 19.27
CA PHE C 489 13.15 -8.93 20.46
C PHE C 489 14.05 -7.75 20.11
N CYS C 490 15.07 -8.01 19.29
CA CYS C 490 15.99 -6.94 18.91
C CYS C 490 15.25 -5.78 18.25
N GLY C 491 14.41 -6.08 17.26
CA GLY C 491 13.67 -5.03 16.60
C GLY C 491 12.72 -4.31 17.53
N TRP C 492 12.00 -5.06 18.36
CA TRP C 492 11.04 -4.46 19.28
C TRP C 492 11.72 -3.43 20.17
N ILE C 493 12.88 -3.76 20.72
CA ILE C 493 13.48 -2.84 21.68
C ILE C 493 14.27 -1.74 21.00
N VAL C 494 15.07 -2.08 19.98
CA VAL C 494 15.95 -1.08 19.36
C VAL C 494 15.14 -0.12 18.48
N LEU C 495 14.25 -0.66 17.63
CA LEU C 495 13.56 0.15 16.64
C LEU C 495 12.17 0.59 17.06
N GLY C 496 11.60 -0.01 18.11
CA GLY C 496 10.25 0.32 18.51
C GLY C 496 10.01 1.79 18.80
N PRO C 497 10.91 2.48 19.51
CA PRO C 497 10.70 3.91 19.75
C PRO C 497 10.73 4.77 18.50
N TYR C 498 11.31 4.28 17.40
CA TYR C 498 11.46 5.07 16.18
C TYR C 498 10.59 4.62 15.02
N HIS C 499 10.02 3.42 15.09
CA HIS C 499 9.33 2.82 13.95
C HIS C 499 7.91 2.46 14.36
N VAL C 500 6.93 2.99 13.64
CA VAL C 500 5.53 2.78 13.98
C VAL C 500 5.14 1.31 13.88
N LYS C 501 5.88 0.52 13.12
CA LYS C 501 5.57 -0.89 12.93
C LYS C 501 6.25 -1.79 13.96
N PHE C 502 7.00 -1.23 14.91
CA PHE C 502 7.73 -2.00 15.90
C PHE C 502 7.34 -1.63 17.32
N ARG C 503 6.17 -1.03 17.51
CA ARG C 503 5.80 -0.50 18.82
C ARG C 503 5.67 -1.61 19.87
N SER C 504 5.04 -2.72 19.51
CA SER C 504 4.78 -3.81 20.44
C SER C 504 5.30 -5.11 19.85
N LEU C 505 5.44 -6.12 20.72
CA LEU C 505 5.97 -7.41 20.29
C LEU C 505 5.07 -8.07 19.25
N SER C 506 3.75 -8.04 19.48
CA SER C 506 2.83 -8.63 18.50
C SER C 506 2.90 -7.90 17.17
N MET C 507 3.00 -6.56 17.21
CA MET C 507 3.14 -5.79 15.98
C MET C 507 4.46 -6.10 15.27
N VAL C 508 5.53 -6.29 16.05
CA VAL C 508 6.81 -6.66 15.47
C VAL C 508 6.71 -8.01 14.78
N SER C 509 6.06 -8.98 15.41
CA SER C 509 5.88 -10.28 14.80
C SER C 509 5.07 -10.17 13.51
N GLU C 510 4.02 -9.36 13.52
CA GLU C 510 3.23 -9.16 12.31
C GLU C 510 4.08 -8.57 11.20
N CYS C 511 4.89 -7.55 11.52
CA CYS C 511 5.71 -6.90 10.50
C CYS C 511 6.72 -7.87 9.92
N LEU C 512 7.39 -8.63 10.78
CA LEU C 512 8.41 -9.57 10.29
C LEU C 512 7.77 -10.69 9.48
N PHE C 513 6.61 -11.20 9.92
CA PHE C 513 5.93 -12.24 9.15
C PHE C 513 5.50 -11.71 7.79
N SER C 514 5.02 -10.47 7.73
CA SER C 514 4.67 -9.87 6.44
C SER C 514 5.91 -9.70 5.56
N LEU C 515 7.04 -9.31 6.15
CA LEU C 515 8.26 -9.18 5.37
C LEU C 515 8.72 -10.52 4.81
N ILE C 516 8.56 -11.59 5.59
CA ILE C 516 8.93 -12.92 5.10
C ILE C 516 8.18 -13.22 3.81
N ASN C 517 6.92 -12.78 3.72
CA ASN C 517 6.10 -13.01 2.55
C ASN C 517 6.20 -11.88 1.53
N GLY C 518 7.19 -11.00 1.67
CA GLY C 518 7.43 -9.97 0.67
C GLY C 518 6.44 -8.82 0.69
N ASP C 519 5.76 -8.58 1.80
CA ASP C 519 4.71 -7.57 1.88
C ASP C 519 5.20 -6.37 2.68
N ASP C 520 4.93 -5.18 2.16
CA ASP C 520 5.10 -3.92 2.90
C ASP C 520 6.57 -3.62 3.17
N MET C 521 7.42 -3.91 2.17
CA MET C 521 8.87 -3.78 2.35
C MET C 521 9.32 -2.33 2.27
N PHE C 522 8.97 -1.64 1.18
CA PHE C 522 9.50 -0.30 0.97
C PHE C 522 8.98 0.67 2.04
N VAL C 523 7.74 0.51 2.48
CA VAL C 523 7.23 1.39 3.52
CA VAL C 523 7.21 1.36 3.53
C VAL C 523 7.98 1.16 4.82
N THR C 524 8.32 -0.10 5.11
CA THR C 524 9.13 -0.40 6.30
C THR C 524 10.49 0.29 6.21
N PHE C 525 11.12 0.24 5.04
CA PHE C 525 12.38 0.96 4.86
C PHE C 525 12.19 2.48 5.00
N ALA C 526 11.10 3.01 4.45
CA ALA C 526 10.92 4.45 4.38
C ALA C 526 10.59 5.05 5.74
N ALA C 527 9.95 4.28 6.63
CA ALA C 527 9.63 4.81 7.94
C ALA C 527 10.88 5.27 8.68
N MET C 528 12.03 4.65 8.40
CA MET C 528 13.29 5.00 9.05
C MET C 528 14.04 6.13 8.36
N GLN C 529 13.64 6.52 7.15
CA GLN C 529 14.38 7.56 6.43
C GLN C 529 14.33 8.90 7.14
N ALA C 530 13.39 9.09 8.07
CA ALA C 530 13.34 10.33 8.83
C ALA C 530 14.47 10.43 9.84
N GLN C 531 14.95 9.29 10.34
CA GLN C 531 16.02 9.28 11.33
C GLN C 531 17.40 9.37 10.71
N GLN C 532 17.52 9.31 9.37
CA GLN C 532 18.84 9.36 8.76
C GLN C 532 19.56 10.66 9.06
N GLY C 533 18.83 11.75 9.24
CA GLY C 533 19.44 13.04 9.50
C GLY C 533 19.54 13.41 10.95
N ARG C 534 18.87 12.63 11.82
CA ARG C 534 18.82 12.91 13.25
C ARG C 534 19.53 11.86 14.09
N SER C 535 19.15 10.59 13.94
CA SER C 535 19.81 9.47 14.62
C SER C 535 20.41 8.57 13.53
N SER C 536 21.62 8.91 13.10
CA SER C 536 22.21 8.21 11.95
C SER C 536 22.64 6.79 12.33
N LEU C 537 23.15 6.61 13.54
CA LEU C 537 23.60 5.28 13.96
C LEU C 537 22.43 4.30 13.99
N VAL C 538 21.29 4.74 14.53
CA VAL C 538 20.10 3.89 14.57
C VAL C 538 19.63 3.59 13.16
N TRP C 539 19.72 4.57 12.26
CA TRP C 539 19.32 4.34 10.86
C TRP C 539 20.21 3.30 10.19
N LEU C 540 21.52 3.38 10.41
CA LEU C 540 22.42 2.39 9.84
C LEU C 540 22.14 1.01 10.40
N PHE C 541 21.89 0.93 11.71
CA PHE C 541 21.54 -0.36 12.30
C PHE C 541 20.25 -0.90 11.71
N SER C 542 19.27 -0.04 11.47
CA SER C 542 18.02 -0.49 10.86
C SER C 542 18.26 -0.99 9.44
N GLN C 543 19.13 -0.32 8.70
CA GLN C 543 19.51 -0.80 7.37
C GLN C 543 20.03 -2.23 7.45
N LEU C 544 21.02 -2.46 8.32
CA LEU C 544 21.60 -3.80 8.43
CA LEU C 544 21.60 -3.80 8.43
C LEU C 544 20.55 -4.80 8.88
N TYR C 545 19.76 -4.45 9.88
CA TYR C 545 18.73 -5.34 10.41
C TYR C 545 17.76 -5.78 9.32
N LEU C 546 17.19 -4.81 8.60
CA LEU C 546 16.17 -5.13 7.61
C LEU C 546 16.76 -5.92 6.45
N TYR C 547 17.90 -5.48 5.91
CA TYR C 547 18.49 -6.19 4.78
C TYR C 547 18.83 -7.63 5.16
N SER C 548 19.48 -7.83 6.32
CA SER C 548 19.86 -9.17 6.71
C SER C 548 18.64 -10.06 6.93
N PHE C 549 17.63 -9.54 7.64
CA PHE C 549 16.45 -10.35 7.90
C PHE C 549 15.76 -10.76 6.60
N ILE C 550 15.52 -9.78 5.71
CA ILE C 550 14.80 -10.08 4.48
C ILE C 550 15.57 -11.10 3.65
N SER C 551 16.87 -10.86 3.45
CA SER C 551 17.65 -11.79 2.64
C SER C 551 17.61 -13.19 3.24
N LEU C 552 17.95 -13.31 4.52
CA LEU C 552 18.04 -14.62 5.15
C LEU C 552 16.71 -15.37 5.06
N PHE C 553 15.61 -14.69 5.36
CA PHE C 553 14.36 -15.43 5.51
C PHE C 553 13.69 -15.69 4.17
N ILE C 554 13.70 -14.73 3.25
CA ILE C 554 13.07 -14.96 1.95
C ILE C 554 13.89 -15.94 1.12
N TYR C 555 15.21 -15.77 1.08
CA TYR C 555 16.00 -16.52 0.11
C TYR C 555 16.50 -17.86 0.64
N MET C 556 16.72 -18.01 1.94
CA MET C 556 17.22 -19.26 2.51
C MET C 556 16.15 -20.03 3.24
N VAL C 557 15.49 -19.42 4.22
CA VAL C 557 14.52 -20.15 5.04
C VAL C 557 13.35 -20.64 4.18
N LEU C 558 12.75 -19.73 3.41
CA LEU C 558 11.55 -20.08 2.66
C LEU C 558 11.86 -21.08 1.55
N SER C 559 13.02 -20.92 0.90
CA SER C 559 13.40 -21.87 -0.14
C SER C 559 13.48 -23.29 0.41
N LEU C 560 14.12 -23.46 1.57
CA LEU C 560 14.25 -24.78 2.16
C LEU C 560 12.89 -25.30 2.65
N PHE C 561 12.05 -24.41 3.17
CA PHE C 561 10.71 -24.81 3.61
C PHE C 561 9.93 -25.40 2.44
N ILE C 562 9.88 -24.66 1.33
CA ILE C 562 9.15 -25.14 0.15
C ILE C 562 9.81 -26.39 -0.40
N ALA C 563 11.14 -26.47 -0.34
CA ALA C 563 11.83 -27.67 -0.82
C ALA C 563 11.43 -28.90 -0.01
N LEU C 564 11.35 -28.76 1.31
CA LEU C 564 10.91 -29.87 2.15
C LEU C 564 9.49 -30.28 1.78
N ILE C 565 8.59 -29.31 1.63
CA ILE C 565 7.20 -29.64 1.32
C ILE C 565 7.10 -30.35 -0.02
N THR C 566 7.81 -29.84 -1.03
CA THR C 566 7.71 -30.44 -2.38
C THR C 566 8.40 -31.79 -2.45
N GLY C 567 9.48 -31.99 -1.68
CA GLY C 567 10.07 -33.32 -1.59
C GLY C 567 9.13 -34.32 -0.95
N ALA C 568 8.44 -33.89 0.12
CA ALA C 568 7.43 -34.76 0.72
C ALA C 568 6.35 -35.11 -0.28
N TYR C 569 5.91 -34.12 -1.08
CA TYR C 569 4.94 -34.41 -2.14
C TYR C 569 5.51 -35.41 -3.14
N ASP C 570 6.77 -35.24 -3.53
CA ASP C 570 7.40 -36.17 -4.45
C ASP C 570 7.41 -37.59 -3.89
N THR C 571 7.53 -37.72 -2.57
CA THR C 571 7.51 -39.05 -1.98
C THR C 571 6.18 -39.75 -2.22
N ILE C 572 5.06 -39.02 -2.07
CA ILE C 572 3.74 -39.62 -2.16
C ILE C 572 3.17 -39.46 -3.56
N LYS C 573 4.01 -39.06 -4.52
CA LYS C 573 3.56 -38.88 -5.89
C LYS C 573 3.38 -40.23 -6.58
N LEU D 89 45.35 -41.38 19.92
CA LEU D 89 45.20 -40.05 19.34
C LEU D 89 43.89 -39.94 18.57
N ARG D 90 43.61 -40.95 17.74
CA ARG D 90 42.40 -40.91 16.94
C ARG D 90 41.16 -40.85 17.82
N ARG D 91 41.17 -41.58 18.94
CA ARG D 91 40.04 -41.50 19.87
C ARG D 91 39.91 -40.11 20.47
N ARG D 92 41.03 -39.44 20.74
CA ARG D 92 40.97 -38.08 21.28
C ARG D 92 40.31 -37.14 20.29
N LEU D 93 40.70 -37.22 19.01
CA LEU D 93 40.06 -36.39 17.99
C LEU D 93 38.59 -36.74 17.85
N LYS D 94 38.25 -38.03 17.90
CA LYS D 94 36.86 -38.44 17.81
C LYS D 94 36.05 -37.80 18.93
N TYR D 95 36.57 -37.86 20.16
CA TYR D 95 35.86 -37.27 21.30
C TYR D 95 35.78 -35.76 21.17
N PHE D 96 36.76 -35.15 20.51
CA PHE D 96 36.74 -33.70 20.35
C PHE D 96 35.54 -33.24 19.53
N PHE D 97 35.02 -34.10 18.66
CA PHE D 97 33.94 -33.75 17.74
C PHE D 97 32.63 -34.42 18.13
N MET D 98 32.50 -34.84 19.39
CA MET D 98 31.35 -35.57 19.88
C MET D 98 30.31 -34.62 20.47
N SER D 99 29.05 -35.04 20.42
CA SER D 99 27.95 -34.21 20.87
C SER D 99 27.89 -34.18 22.40
N PRO D 100 27.19 -33.19 22.97
CA PRO D 100 27.17 -33.08 24.44
C PRO D 100 26.64 -34.34 25.13
N CYS D 101 25.58 -34.95 24.59
CA CYS D 101 25.08 -36.19 25.18
C CYS D 101 26.09 -37.32 25.02
N ASP D 102 26.68 -37.45 23.82
CA ASP D 102 27.69 -38.47 23.59
C ASP D 102 28.92 -38.23 24.44
N LYS D 103 29.36 -36.96 24.55
CA LYS D 103 30.48 -36.64 25.41
C LYS D 103 30.18 -37.00 26.86
N PHE D 104 28.95 -36.74 27.32
CA PHE D 104 28.60 -37.04 28.69
C PHE D 104 28.63 -38.54 28.94
N ARG D 105 27.98 -39.32 28.07
CA ARG D 105 28.00 -40.77 28.25
C ARG D 105 29.40 -41.35 28.09
N ALA D 106 30.31 -40.63 27.43
CA ALA D 106 31.68 -41.12 27.30
C ALA D 106 32.50 -40.84 28.55
N LYS D 107 32.59 -39.57 28.96
CA LYS D 107 33.41 -39.18 30.10
C LYS D 107 32.60 -38.61 31.26
N GLY D 108 31.28 -38.76 31.25
CA GLY D 108 30.46 -38.21 32.33
C GLY D 108 30.63 -36.72 32.49
N ARG D 109 30.78 -36.00 31.39
CA ARG D 109 30.97 -34.55 31.45
C ARG D 109 29.64 -33.83 31.62
N LYS D 110 29.64 -32.83 32.50
CA LYS D 110 28.43 -32.05 32.75
C LYS D 110 28.29 -30.97 31.67
N PRO D 111 27.13 -30.88 31.00
CA PRO D 111 26.99 -29.90 29.90
C PRO D 111 26.72 -28.49 30.43
N CYS D 112 27.74 -27.92 31.08
CA CYS D 112 27.56 -26.60 31.69
C CYS D 112 27.28 -25.52 30.66
N LYS D 113 27.92 -25.61 29.48
CA LYS D 113 27.80 -24.54 28.50
C LYS D 113 26.37 -24.42 27.99
N LEU D 114 25.67 -25.55 27.84
CA LEU D 114 24.28 -25.49 27.35
C LEU D 114 23.37 -24.81 28.36
N MET D 115 23.50 -25.17 29.64
CA MET D 115 22.71 -24.52 30.68
C MET D 115 23.05 -23.04 30.75
N LEU D 116 24.34 -22.71 30.62
CA LEU D 116 24.75 -21.31 30.60
C LEU D 116 24.10 -20.57 29.44
N GLN D 117 24.03 -21.22 28.27
CA GLN D 117 23.41 -20.58 27.11
C GLN D 117 21.93 -20.31 27.36
N VAL D 118 21.22 -21.26 27.95
CA VAL D 118 19.80 -21.05 28.22
C VAL D 118 19.61 -19.91 29.21
N VAL D 119 20.39 -19.92 30.29
CA VAL D 119 20.31 -18.86 31.29
C VAL D 119 20.65 -17.52 30.67
N LYS D 120 21.65 -17.50 29.78
CA LYS D 120 22.03 -16.27 29.11
C LYS D 120 20.89 -15.74 28.26
N ILE D 121 20.23 -16.61 27.50
CA ILE D 121 19.10 -16.17 26.71
C ILE D 121 18.08 -15.47 27.60
N LEU D 122 17.70 -16.15 28.70
CA LEU D 122 16.70 -15.59 29.60
C LEU D 122 17.12 -14.21 30.12
N VAL D 123 18.31 -14.15 30.75
CA VAL D 123 18.69 -12.95 31.47
C VAL D 123 18.98 -11.80 30.51
N VAL D 124 19.62 -12.09 29.37
CA VAL D 124 19.92 -11.05 28.40
C VAL D 124 18.65 -10.47 27.82
N THR D 125 17.66 -11.32 27.49
CA THR D 125 16.40 -10.79 26.98
C THR D 125 15.71 -9.92 28.02
N VAL D 126 15.69 -10.38 29.28
CA VAL D 126 15.05 -9.58 30.32
C VAL D 126 15.75 -8.23 30.48
N GLN D 127 17.09 -8.24 30.47
CA GLN D 127 17.84 -7.00 30.59
C GLN D 127 17.55 -6.07 29.43
N LEU D 128 17.44 -6.61 28.22
CA LEU D 128 17.12 -5.76 27.07
C LEU D 128 15.77 -5.08 27.25
N ILE D 129 14.76 -5.82 27.72
CA ILE D 129 13.44 -5.23 27.93
C ILE D 129 13.50 -4.14 29.00
N LEU D 130 14.19 -4.44 30.11
CA LEU D 130 14.29 -3.47 31.20
C LEU D 130 14.97 -2.19 30.71
N PHE D 131 16.02 -2.31 29.92
CA PHE D 131 16.66 -1.12 29.35
C PHE D 131 15.71 -0.40 28.41
N GLY D 132 14.97 -1.15 27.59
CA GLY D 132 14.04 -0.54 26.67
C GLY D 132 13.05 0.38 27.36
N LEU D 133 12.69 0.06 28.60
CA LEU D 133 11.80 0.98 29.33
C LEU D 133 12.38 2.40 29.38
N SER D 134 13.63 2.53 29.86
CA SER D 134 14.24 3.86 29.98
C SER D 134 14.50 4.47 28.61
N ASN D 135 14.93 3.65 27.64
CA ASN D 135 15.17 4.17 26.30
C ASN D 135 13.91 4.78 25.73
N GLN D 136 12.78 4.09 25.89
CA GLN D 136 11.51 4.61 25.42
C GLN D 136 11.14 5.91 26.13
N LEU D 137 11.37 5.97 27.44
CA LEU D 137 11.08 7.20 28.16
C LEU D 137 11.84 8.38 27.54
N ALA D 138 13.14 8.21 27.30
CA ALA D 138 13.94 9.31 26.77
C ALA D 138 13.47 9.71 25.37
N VAL D 139 13.26 8.73 24.50
CA VAL D 139 12.87 9.03 23.12
C VAL D 139 11.52 9.73 23.09
N THR D 140 10.57 9.25 23.90
CA THR D 140 9.25 9.87 23.96
C THR D 140 9.35 11.31 24.42
N PHE D 141 10.15 11.57 25.47
CA PHE D 141 10.30 12.95 25.92
C PHE D 141 10.77 13.84 24.78
N ARG D 142 11.85 13.43 24.10
CA ARG D 142 12.39 14.26 23.02
C ARG D 142 11.35 14.52 21.94
N GLU D 143 10.72 13.46 21.43
CA GLU D 143 9.83 13.62 20.29
C GLU D 143 8.59 14.43 20.66
N GLU D 144 8.01 14.18 21.83
CA GLU D 144 6.81 14.91 22.22
C GLU D 144 7.12 16.38 22.43
N ASN D 145 8.27 16.70 23.03
CA ASN D 145 8.63 18.12 23.16
C ASN D 145 8.81 18.77 21.80
N THR D 146 9.39 18.04 20.84
CA THR D 146 9.55 18.61 19.50
C THR D 146 8.20 18.89 18.86
N ILE D 147 7.25 17.96 18.98
CA ILE D 147 5.92 18.18 18.40
C ILE D 147 5.25 19.37 19.06
N ALA D 148 5.37 19.48 20.39
CA ALA D 148 4.79 20.63 21.08
C ALA D 148 5.41 21.93 20.59
N PHE D 149 6.73 21.95 20.36
CA PHE D 149 7.37 23.15 19.85
C PHE D 149 6.83 23.51 18.47
N ARG D 150 6.64 22.51 17.60
CA ARG D 150 6.09 22.80 16.28
C ARG D 150 4.70 23.42 16.39
N HIS D 151 3.85 22.88 17.27
CA HIS D 151 2.52 23.46 17.42
C HIS D 151 2.56 24.84 18.07
N LEU D 152 3.57 25.11 18.91
CA LEU D 152 3.60 26.39 19.61
C LEU D 152 4.17 27.51 18.74
N PHE D 153 5.20 27.23 17.95
CA PHE D 153 5.98 28.28 17.32
C PHE D 153 5.71 28.47 15.83
N LEU D 154 5.11 27.50 15.16
CA LEU D 154 4.84 27.59 13.73
C LEU D 154 3.40 28.01 13.51
N LEU D 155 3.22 29.16 12.86
CA LEU D 155 1.89 29.73 12.66
C LEU D 155 1.12 28.89 11.64
N GLY D 156 -0.04 28.38 12.06
CA GLY D 156 -0.87 27.59 11.18
C GLY D 156 -0.40 26.18 10.93
N TYR D 157 0.48 25.65 11.79
CA TYR D 157 0.98 24.30 11.61
C TYR D 157 -0.08 23.27 11.99
N SER D 158 -0.10 22.16 11.26
CA SER D 158 -0.94 21.02 11.60
C SER D 158 -0.15 19.75 11.36
N ASP D 159 -0.56 18.69 12.05
CA ASP D 159 0.17 17.42 11.97
C ASP D 159 0.11 16.87 10.55
N GLY D 160 1.23 16.32 10.09
CA GLY D 160 1.33 15.75 8.77
C GLY D 160 1.69 16.72 7.66
N ALA D 161 1.86 18.01 7.97
CA ALA D 161 2.15 19.01 6.96
C ALA D 161 3.62 19.43 6.96
N ASP D 162 4.50 18.62 7.57
CA ASP D 162 5.89 19.04 7.77
C ASP D 162 6.60 19.29 6.44
N ASP D 163 6.40 18.40 5.45
CA ASP D 163 7.17 18.47 4.23
C ASP D 163 6.58 19.42 3.20
N THR D 164 5.40 19.98 3.45
CA THR D 164 4.81 20.98 2.57
C THR D 164 4.62 22.34 3.24
N PHE D 165 4.88 22.45 4.54
CA PHE D 165 4.73 23.72 5.24
C PHE D 165 5.66 24.76 4.62
N ALA D 166 5.07 25.86 4.12
CA ALA D 166 5.85 26.87 3.45
C ALA D 166 5.08 28.18 3.43
N ALA D 167 5.81 29.26 3.17
CA ALA D 167 5.22 30.58 2.98
C ALA D 167 5.32 30.96 1.51
N TYR D 168 4.36 31.77 1.05
CA TYR D 168 4.29 32.15 -0.35
C TYR D 168 4.11 33.65 -0.58
N THR D 169 3.95 34.45 0.47
CA THR D 169 3.87 35.89 0.35
C THR D 169 4.73 36.54 1.42
N ARG D 170 5.16 37.78 1.15
CA ARG D 170 5.95 38.53 2.12
C ARG D 170 5.21 38.64 3.45
N GLU D 171 3.89 38.87 3.38
CA GLU D 171 3.10 39.05 4.59
C GLU D 171 3.03 37.76 5.40
N GLN D 172 2.86 36.62 4.72
CA GLN D 172 2.86 35.35 5.43
C GLN D 172 4.18 35.11 6.15
N LEU D 173 5.30 35.41 5.48
CA LEU D 173 6.61 35.19 6.09
C LEU D 173 6.81 36.09 7.30
N TYR D 174 6.46 37.37 7.17
CA TYR D 174 6.58 38.28 8.31
C TYR D 174 5.71 37.81 9.46
N GLN D 175 4.48 37.41 9.18
CA GLN D 175 3.58 36.95 10.23
C GLN D 175 4.12 35.71 10.92
N ALA D 176 4.67 34.77 10.15
CA ALA D 176 5.22 33.56 10.77
C ALA D 176 6.40 33.89 11.68
N ILE D 177 7.31 34.75 11.21
CA ILE D 177 8.48 35.10 12.02
C ILE D 177 8.04 35.78 13.31
N PHE D 178 7.14 36.77 13.20
CA PHE D 178 6.69 37.49 14.38
C PHE D 178 5.90 36.58 15.31
N HIS D 179 5.13 35.64 14.77
CA HIS D 179 4.43 34.69 15.61
C HIS D 179 5.39 33.84 16.41
N ALA D 180 6.46 33.36 15.76
CA ALA D 180 7.45 32.56 16.47
C ALA D 180 8.07 33.36 17.62
N VAL D 181 8.48 34.59 17.35
CA VAL D 181 9.11 35.39 18.41
C VAL D 181 8.12 35.69 19.53
N ASP D 182 6.89 36.07 19.18
CA ASP D 182 5.88 36.39 20.19
C ASP D 182 5.56 35.18 21.05
N GLN D 183 5.46 34.01 20.45
CA GLN D 183 5.20 32.80 21.22
C GLN D 183 6.38 32.48 22.13
N TYR D 184 7.61 32.70 21.66
CA TYR D 184 8.76 32.52 22.53
C TYR D 184 8.68 33.44 23.74
N LEU D 185 8.23 34.68 23.53
CA LEU D 185 8.14 35.62 24.64
C LEU D 185 6.96 35.30 25.56
N ALA D 186 5.90 34.70 25.04
CA ALA D 186 4.70 34.40 25.81
C ALA D 186 4.69 33.00 26.39
N LEU D 187 5.72 32.20 26.14
CA LEU D 187 5.75 30.80 26.58
C LEU D 187 5.33 30.60 28.04
N PRO D 188 5.83 31.37 29.01
CA PRO D 188 5.50 31.06 30.42
C PRO D 188 4.01 31.14 30.73
N ASP D 189 3.24 31.91 29.95
CA ASP D 189 1.82 32.08 30.23
C ASP D 189 0.92 31.12 29.47
N VAL D 190 1.38 30.57 28.34
CA VAL D 190 0.52 29.79 27.48
C VAL D 190 0.90 28.31 27.44
N SER D 191 2.17 27.97 27.62
CA SER D 191 2.61 26.60 27.41
C SER D 191 2.10 25.68 28.52
N LEU D 192 1.78 24.45 28.13
CA LEU D 192 1.41 23.43 29.10
C LEU D 192 2.63 22.87 29.81
N GLY D 193 3.80 22.89 29.17
CA GLY D 193 5.03 22.50 29.82
C GLY D 193 5.66 23.64 30.59
N ARG D 194 6.63 23.29 31.42
CA ARG D 194 7.37 24.25 32.23
C ARG D 194 8.80 24.34 31.67
N TYR D 195 9.12 25.49 31.09
CA TYR D 195 10.41 25.70 30.45
C TYR D 195 11.13 26.87 31.10
N ALA D 196 12.45 26.80 31.08
CA ALA D 196 13.31 27.88 31.55
C ALA D 196 14.14 28.40 30.40
N TYR D 197 14.44 29.70 30.42
CA TYR D 197 15.20 30.34 29.37
C TYR D 197 16.70 30.16 29.59
N VAL D 198 17.45 30.22 28.50
CA VAL D 198 18.91 30.17 28.51
C VAL D 198 19.42 31.41 27.79
N ARG D 199 20.40 32.08 28.41
CA ARG D 199 20.94 33.32 27.87
C ARG D 199 22.44 33.16 27.62
N GLY D 200 22.94 33.93 26.65
CA GLY D 200 24.37 33.95 26.38
C GLY D 200 24.87 32.60 25.91
N GLY D 201 26.11 32.28 26.31
CA GLY D 201 26.68 30.99 25.99
C GLY D 201 27.27 30.87 24.60
N GLY D 202 27.70 31.98 24.01
CA GLY D 202 28.36 31.94 22.72
C GLY D 202 27.41 32.19 21.56
N ASP D 203 27.99 32.10 20.36
CA ASP D 203 27.24 32.40 19.15
C ASP D 203 26.10 31.40 18.96
N PRO D 204 24.99 31.82 18.34
CA PRO D 204 24.71 33.14 17.79
C PRO D 204 24.15 34.12 18.81
N TRP D 205 24.14 33.76 20.09
CA TRP D 205 23.57 34.62 21.12
C TRP D 205 24.65 35.48 21.76
N THR D 206 24.38 36.78 21.87
CA THR D 206 25.22 37.64 22.67
C THR D 206 24.90 37.44 24.15
N ASN D 207 25.73 38.03 25.00
CA ASN D 207 25.53 37.89 26.44
C ASN D 207 24.18 38.46 26.84
N GLY D 208 23.42 37.68 27.61
CA GLY D 208 22.12 38.09 28.07
C GLY D 208 21.00 37.95 27.07
N SER D 209 21.26 37.39 25.89
CA SER D 209 20.26 37.23 24.85
C SER D 209 19.77 35.79 24.83
N GLY D 210 18.45 35.62 24.74
CA GLY D 210 17.85 34.30 24.73
C GLY D 210 17.52 33.81 23.34
N LEU D 211 17.12 34.72 22.45
CA LEU D 211 16.71 34.35 21.10
C LEU D 211 17.51 35.15 20.09
N ALA D 212 17.97 34.46 19.04
CA ALA D 212 18.70 35.10 17.94
C ALA D 212 17.86 34.98 16.67
N LEU D 213 17.56 36.11 16.04
CA LEU D 213 16.79 36.16 14.80
C LEU D 213 17.72 36.69 13.71
N CYS D 214 18.21 35.81 12.86
CA CYS D 214 19.25 36.15 11.90
C CYS D 214 18.71 36.01 10.48
N GLN D 215 19.10 36.95 9.62
CA GLN D 215 18.82 36.86 8.19
C GLN D 215 20.15 36.86 7.44
N ARG D 216 20.28 35.95 6.49
CA ARG D 216 21.49 35.78 5.69
C ARG D 216 21.16 36.07 4.24
N TYR D 217 21.92 36.98 3.63
CA TYR D 217 21.69 37.42 2.26
C TYR D 217 23.04 37.59 1.56
N TYR D 218 23.00 38.02 0.30
CA TYR D 218 24.22 38.23 -0.47
C TYR D 218 24.81 39.61 -0.17
N HIS D 219 26.14 39.68 -0.15
CA HIS D 219 26.81 40.94 0.16
C HIS D 219 26.42 42.03 -0.83
N ARG D 220 26.44 41.71 -2.13
CA ARG D 220 25.93 42.60 -3.17
C ARG D 220 24.97 41.80 -4.04
N GLY D 221 23.72 42.22 -4.10
CA GLY D 221 22.79 41.61 -5.01
C GLY D 221 21.97 42.62 -5.78
N HIS D 222 22.12 42.66 -7.09
N HIS D 222 22.12 42.64 -7.09
CA HIS D 222 21.29 43.46 -7.98
CA HIS D 222 21.29 43.46 -7.97
C HIS D 222 20.71 42.50 -9.01
C HIS D 222 20.71 42.52 -9.02
N VAL D 223 19.39 42.31 -8.97
CA VAL D 223 18.71 41.36 -9.84
C VAL D 223 17.72 42.14 -10.69
N ASP D 224 17.88 42.09 -12.02
CA ASP D 224 17.02 42.80 -12.96
C ASP D 224 16.60 41.81 -14.03
N PRO D 225 15.62 40.94 -13.73
CA PRO D 225 15.11 40.03 -14.77
C PRO D 225 14.43 40.77 -15.91
N ALA D 226 13.96 42.00 -15.69
CA ALA D 226 13.38 42.77 -16.78
C ALA D 226 14.41 43.02 -17.87
N ASN D 227 15.64 43.34 -17.48
CA ASN D 227 16.74 43.54 -18.42
C ASN D 227 17.58 42.29 -18.59
N ASP D 228 17.18 41.17 -18.00
CA ASP D 228 17.92 39.92 -18.07
C ASP D 228 19.38 40.12 -17.64
N THR D 229 19.56 40.70 -16.46
CA THR D 229 20.91 40.98 -15.99
C THR D 229 20.96 40.92 -14.47
N PHE D 230 22.17 40.77 -13.96
CA PHE D 230 22.38 40.80 -12.52
C PHE D 230 23.83 41.11 -12.20
N ASP D 231 24.05 41.51 -10.97
CA ASP D 231 25.37 41.81 -10.41
C ASP D 231 25.39 41.25 -9.00
N ILE D 232 26.15 40.17 -8.80
CA ILE D 232 26.11 39.41 -7.56
C ILE D 232 27.52 39.25 -7.03
N ASP D 233 27.70 39.56 -5.75
CA ASP D 233 28.84 39.08 -4.97
C ASP D 233 28.31 38.02 -4.02
N PRO D 234 28.54 36.72 -4.26
CA PRO D 234 27.85 35.68 -3.50
C PRO D 234 28.34 35.50 -2.07
N MET D 235 29.20 36.38 -1.57
CA MET D 235 29.59 36.31 -0.15
C MET D 235 28.36 36.53 0.72
N VAL D 236 28.17 35.65 1.70
CA VAL D 236 26.98 35.66 2.54
C VAL D 236 27.22 36.58 3.72
N VAL D 237 26.28 37.50 3.95
CA VAL D 237 26.29 38.40 5.08
C VAL D 237 25.15 38.01 6.02
N THR D 238 25.47 37.89 7.30
CA THR D 238 24.52 37.54 8.34
C THR D 238 24.25 38.77 9.20
N ASP D 239 22.97 39.07 9.44
CA ASP D 239 22.56 40.15 10.31
C ASP D 239 21.61 39.58 11.35
N CYS D 240 21.95 39.74 12.63
CA CYS D 240 21.23 39.11 13.72
C CYS D 240 20.66 40.15 14.67
N ILE D 241 19.42 39.93 15.09
CA ILE D 241 18.75 40.71 16.11
C ILE D 241 18.63 39.84 17.36
N GLN D 242 19.02 40.39 18.50
CA GLN D 242 19.02 39.67 19.76
C GLN D 242 17.80 40.05 20.57
N VAL D 243 17.12 39.05 21.12
CA VAL D 243 15.93 39.24 21.94
C VAL D 243 16.18 38.61 23.30
N ASP D 244 16.04 39.40 24.35
CA ASP D 244 16.17 38.90 25.70
C ASP D 244 14.85 38.30 26.17
N PRO D 245 14.88 37.18 26.89
CA PRO D 245 13.64 36.59 27.38
C PRO D 245 12.96 37.54 28.36
N PRO D 246 11.63 37.49 28.44
CA PRO D 246 10.93 38.47 29.27
C PRO D 246 11.29 38.34 30.74
N GLU D 247 11.28 39.48 31.43
CA GLU D 247 11.59 39.51 32.85
C GLU D 247 10.32 39.18 33.64
N ARG D 248 10.36 38.07 34.38
CA ARG D 248 9.21 37.62 35.15
C ARG D 248 9.46 37.76 36.64
N SER D 265 13.77 47.06 17.97
CA SER D 265 13.36 45.72 18.36
C SER D 265 13.20 44.82 17.14
N TYR D 266 12.82 43.56 17.38
CA TYR D 266 12.68 42.61 16.29
C TYR D 266 11.51 42.95 15.37
N LYS D 267 10.54 43.74 15.84
CA LYS D 267 9.41 44.10 15.00
C LYS D 267 9.81 45.00 13.84
N ASN D 268 10.98 45.63 13.91
CA ASN D 268 11.49 46.48 12.84
C ASN D 268 12.26 45.70 11.79
N LEU D 269 12.20 44.37 11.83
CA LEU D 269 12.92 43.56 10.86
C LEU D 269 12.50 43.91 9.44
N THR D 270 13.48 44.13 8.57
CA THR D 270 13.25 44.45 7.17
C THR D 270 14.03 43.45 6.33
N LEU D 271 13.31 42.54 5.68
CA LEU D 271 13.94 41.47 4.92
C LEU D 271 14.37 41.95 3.54
N LYS D 272 15.56 41.53 3.11
CA LYS D 272 16.08 41.87 1.78
C LYS D 272 15.71 40.72 0.84
N PHE D 273 14.45 40.76 0.38
CA PHE D 273 13.86 39.59 -0.27
C PHE D 273 14.63 39.17 -1.52
N HIS D 274 15.03 40.14 -2.35
CA HIS D 274 15.57 39.80 -3.66
C HIS D 274 16.92 39.09 -3.57
N LYS D 275 17.66 39.27 -2.48
CA LYS D 275 18.95 38.60 -2.29
C LYS D 275 18.98 37.80 -0.99
N LEU D 276 17.82 37.44 -0.44
CA LEU D 276 17.76 36.73 0.83
C LEU D 276 18.12 35.27 0.64
N VAL D 277 19.06 34.78 1.45
CA VAL D 277 19.41 33.37 1.44
C VAL D 277 18.56 32.58 2.40
N ASN D 278 18.48 33.00 3.66
CA ASN D 278 17.53 32.36 4.58
C ASN D 278 17.34 33.22 5.83
N VAL D 279 16.40 32.79 6.66
CA VAL D 279 16.16 33.37 7.97
C VAL D 279 16.15 32.24 8.99
N THR D 280 16.77 32.48 10.15
CA THR D 280 16.84 31.48 11.19
C THR D 280 16.50 32.11 12.54
N ILE D 281 15.85 31.31 13.39
CA ILE D 281 15.55 31.67 14.76
C ILE D 281 16.16 30.59 15.65
N HIS D 282 17.05 31.00 16.56
CA HIS D 282 17.75 30.08 17.45
C HIS D 282 17.40 30.42 18.90
N PHE D 283 17.03 29.41 19.67
CA PHE D 283 16.89 29.63 21.11
C PHE D 283 16.93 28.29 21.84
N ARG D 284 17.20 28.34 23.14
CA ARG D 284 17.31 27.16 23.96
C ARG D 284 16.32 27.21 25.11
N LEU D 285 15.76 26.05 25.46
CA LEU D 285 14.82 25.91 26.57
C LEU D 285 15.26 24.77 27.48
N LYS D 286 15.13 24.96 28.78
CA LYS D 286 15.47 23.94 29.76
C LYS D 286 14.20 23.35 30.38
N THR D 287 14.16 22.04 30.52
CA THR D 287 13.01 21.36 31.10
C THR D 287 13.48 20.13 31.85
N ILE D 288 12.55 19.47 32.53
CA ILE D 288 12.84 18.30 33.36
C ILE D 288 11.91 17.17 32.94
N ASN D 289 12.50 15.97 32.74
CA ASN D 289 11.76 14.80 32.28
C ASN D 289 11.19 14.06 33.50
N LEU D 290 10.03 14.54 33.96
CA LEU D 290 9.46 14.02 35.20
C LEU D 290 8.96 12.59 35.05
N GLN D 291 8.59 12.17 33.85
CA GLN D 291 7.99 10.85 33.68
C GLN D 291 8.90 9.74 34.16
N SER D 292 10.21 9.98 34.25
CA SER D 292 11.13 8.97 34.75
C SER D 292 10.73 8.47 36.13
N LEU D 293 10.00 9.27 36.91
CA LEU D 293 9.57 8.82 38.22
C LEU D 293 8.74 7.54 38.14
N ILE D 294 8.03 7.32 37.04
CA ILE D 294 7.24 6.09 36.92
C ILE D 294 8.13 4.86 36.87
N ASN D 295 9.37 5.01 36.42
CA ASN D 295 10.34 3.92 36.39
C ASN D 295 11.24 3.91 37.61
N ASN D 296 10.91 4.67 38.65
CA ASN D 296 11.72 4.73 39.86
C ASN D 296 13.13 5.24 39.55
N GLU D 297 13.24 6.17 38.61
CA GLU D 297 14.49 6.79 38.24
C GLU D 297 14.42 8.29 38.54
N ILE D 298 15.57 8.87 38.82
CA ILE D 298 15.64 10.32 39.09
C ILE D 298 15.52 11.06 37.77
N PRO D 299 14.61 12.04 37.65
CA PRO D 299 14.48 12.76 36.38
C PRO D 299 15.77 13.47 35.99
N ASP D 300 16.02 13.50 34.67
CA ASP D 300 17.15 14.23 34.11
C ASP D 300 16.73 15.65 33.73
N CYS D 301 17.74 16.50 33.53
CA CYS D 301 17.53 17.87 33.07
C CYS D 301 17.88 17.95 31.58
N TYR D 302 16.91 18.34 30.77
CA TYR D 302 17.09 18.44 29.33
C TYR D 302 17.25 19.89 28.91
N THR D 303 18.15 20.13 27.96
CA THR D 303 18.25 21.40 27.26
C THR D 303 17.94 21.14 25.79
N PHE D 304 16.90 21.80 25.28
CA PHE D 304 16.51 21.70 23.88
C PHE D 304 17.01 22.94 23.16
N SER D 305 17.85 22.72 22.15
CA SER D 305 18.26 23.78 21.23
C SER D 305 17.33 23.74 20.02
N VAL D 306 16.55 24.81 19.84
CA VAL D 306 15.51 24.90 18.83
C VAL D 306 16.00 25.82 17.72
N LEU D 307 15.92 25.32 16.48
CA LEU D 307 16.28 26.06 15.28
C LEU D 307 15.07 26.06 14.35
N ILE D 308 14.59 27.26 14.02
CA ILE D 308 13.51 27.43 13.05
C ILE D 308 14.12 28.05 11.80
N THR D 309 13.90 27.41 10.66
CA THR D 309 14.51 27.82 9.39
C THR D 309 13.43 28.19 8.39
N PHE D 310 13.54 29.39 7.82
CA PHE D 310 12.77 29.84 6.68
C PHE D 310 13.75 29.88 5.51
N ASP D 311 13.64 28.91 4.60
CA ASP D 311 14.69 28.63 3.62
C ASP D 311 14.31 29.21 2.27
N ASN D 312 15.18 30.07 1.72
CA ASN D 312 14.97 30.71 0.44
C ASN D 312 16.12 30.44 -0.52
N LYS D 313 16.85 29.34 -0.33
CA LYS D 313 18.01 29.06 -1.16
C LYS D 313 17.65 28.81 -2.62
N ALA D 314 16.42 28.40 -2.90
CA ALA D 314 15.99 28.16 -4.27
C ALA D 314 15.52 29.41 -4.99
N HIS D 315 15.19 30.48 -4.26
CA HIS D 315 14.75 31.73 -4.86
C HIS D 315 13.61 31.50 -5.85
N SER D 316 12.65 30.66 -5.46
CA SER D 316 11.60 30.19 -6.35
C SER D 316 10.23 30.76 -6.00
N GLY D 317 10.15 31.70 -5.05
CA GLY D 317 8.88 32.21 -4.61
C GLY D 317 8.20 31.37 -3.55
N ARG D 318 8.77 30.22 -3.19
CA ARG D 318 8.25 29.36 -2.14
C ARG D 318 9.34 29.18 -1.10
N ILE D 319 9.04 29.52 0.15
CA ILE D 319 10.01 29.45 1.23
C ILE D 319 9.55 28.41 2.24
N PRO D 320 10.10 27.19 2.22
CA PRO D 320 9.72 26.20 3.23
C PRO D 320 10.18 26.60 4.63
N ILE D 321 9.39 26.18 5.61
CA ILE D 321 9.61 26.50 7.01
C ILE D 321 9.72 25.20 7.78
N SER D 322 10.77 25.07 8.59
CA SER D 322 11.00 23.86 9.36
C SER D 322 11.46 24.20 10.77
N LEU D 323 11.23 23.27 11.68
CA LEU D 323 11.68 23.38 13.07
C LEU D 323 12.43 22.10 13.43
N GLU D 324 13.62 22.26 14.01
CA GLU D 324 14.43 21.14 14.45
C GLU D 324 14.94 21.38 15.87
N THR D 325 15.22 20.29 16.57
CA THR D 325 15.65 20.35 17.96
C THR D 325 16.85 19.43 18.17
N GLN D 326 17.75 19.86 19.06
CA GLN D 326 18.82 19.04 19.57
C GLN D 326 18.69 18.96 21.09
N ALA D 327 18.70 17.75 21.63
CA ALA D 327 18.50 17.52 23.05
C ALA D 327 19.83 17.20 23.72
N HIS D 328 20.11 17.87 24.83
CA HIS D 328 21.28 17.60 25.65
C HIS D 328 20.81 17.22 27.04
N ILE D 329 21.20 16.02 27.49
CA ILE D 329 20.78 15.49 28.78
C ILE D 329 21.87 15.77 29.80
N GLN D 330 21.48 16.14 31.01
CA GLN D 330 22.42 16.46 32.07
C GLN D 330 21.81 16.07 33.40
N GLU D 331 22.68 15.88 34.39
CA GLU D 331 22.22 15.59 35.74
C GLU D 331 21.82 16.89 36.42
N CYS D 332 20.66 16.88 37.07
CA CYS D 332 20.17 18.06 37.76
C CYS D 332 20.97 18.30 39.03
N LYS D 333 21.00 19.57 39.47
CA LYS D 333 21.79 19.97 40.63
C LYS D 333 21.03 19.62 41.90
N HIS D 334 21.51 18.61 42.63
CA HIS D 334 20.94 18.22 43.91
C HIS D 334 19.42 18.12 43.83
N PRO D 335 18.87 17.15 43.12
CA PRO D 335 17.43 16.95 43.11
C PRO D 335 16.98 16.21 44.38
N SER D 336 15.66 16.08 44.52
CA SER D 336 15.10 15.45 45.71
C SER D 336 13.80 14.74 45.32
N VAL D 337 13.77 13.44 45.51
CA VAL D 337 12.57 12.62 45.31
C VAL D 337 12.26 11.93 46.62
N PHE D 338 11.03 12.08 47.10
CA PHE D 338 10.65 11.55 48.40
C PHE D 338 10.62 10.03 48.37
N GLN D 339 11.41 9.41 49.24
CA GLN D 339 11.43 7.96 49.38
C GLN D 339 11.51 7.24 48.03
N PHE D 345 16.82 -3.50 42.03
CA PHE D 345 17.64 -4.69 41.83
C PHE D 345 18.33 -4.65 40.47
N ARG D 346 18.16 -3.54 39.75
CA ARG D 346 18.70 -3.47 38.40
C ARG D 346 20.22 -3.61 38.41
N LEU D 347 20.89 -3.00 39.38
CA LEU D 347 22.34 -3.14 39.47
C LEU D 347 22.74 -4.59 39.69
N LEU D 348 22.02 -5.29 40.58
CA LEU D 348 22.32 -6.70 40.83
C LEU D 348 22.05 -7.55 39.59
N PHE D 349 20.96 -7.25 38.86
CA PHE D 349 20.68 -7.99 37.64
C PHE D 349 21.77 -7.78 36.60
N ASP D 350 22.26 -6.54 36.48
CA ASP D 350 23.37 -6.28 35.57
C ASP D 350 24.61 -7.06 36.00
N VAL D 351 24.87 -7.12 37.30
CA VAL D 351 26.01 -7.88 37.80
C VAL D 351 25.85 -9.36 37.45
N VAL D 352 24.63 -9.88 37.58
CA VAL D 352 24.38 -11.29 37.25
C VAL D 352 24.62 -11.54 35.77
N VAL D 353 24.14 -10.63 34.91
CA VAL D 353 24.38 -10.77 33.48
C VAL D 353 25.87 -10.78 33.19
N ILE D 354 26.62 -9.87 33.83
CA ILE D 354 28.06 -9.81 33.63
C ILE D 354 28.72 -11.11 34.07
N LEU D 355 28.29 -11.65 35.21
CA LEU D 355 28.88 -12.89 35.71
C LEU D 355 28.62 -14.05 34.74
N THR D 356 27.39 -14.17 34.26
CA THR D 356 27.05 -15.25 33.34
C THR D 356 27.87 -15.13 32.06
N CYS D 357 27.94 -13.92 31.50
CA CYS D 357 28.70 -13.72 30.26
C CYS D 357 30.18 -13.98 30.48
N SER D 358 30.72 -13.59 31.64
CA SER D 358 32.13 -13.83 31.91
C SER D 358 32.43 -15.31 32.01
N LEU D 359 31.59 -16.07 32.72
CA LEU D 359 31.81 -17.50 32.82
C LEU D 359 31.70 -18.17 31.46
N SER D 360 30.71 -17.77 30.65
CA SER D 360 30.59 -18.32 29.32
C SER D 360 31.82 -18.00 28.47
N PHE D 361 32.31 -16.77 28.57
CA PHE D 361 33.52 -16.38 27.83
C PHE D 361 34.71 -17.23 28.25
N LEU D 362 34.88 -17.44 29.54
CA LEU D 362 36.01 -18.25 30.01
C LEU D 362 35.91 -19.68 29.50
N LEU D 363 34.72 -20.27 29.57
CA LEU D 363 34.57 -21.65 29.09
C LEU D 363 34.82 -21.75 27.59
N CYS D 364 34.30 -20.79 26.82
CA CYS D 364 34.51 -20.82 25.37
C CYS D 364 35.99 -20.63 25.04
N ALA D 365 36.68 -19.75 25.76
CA ALA D 365 38.11 -19.55 25.51
C ALA D 365 38.89 -20.81 25.84
N ARG D 366 38.54 -21.50 26.93
CA ARG D 366 39.20 -22.75 27.26
C ARG D 366 38.97 -23.79 26.17
N SER D 367 37.74 -23.88 25.66
CA SER D 367 37.46 -24.82 24.59
C SER D 367 38.26 -24.49 23.33
N LEU D 368 38.36 -23.21 23.00
CA LEU D 368 39.12 -22.80 21.82
C LEU D 368 40.60 -23.14 21.98
N LEU D 369 41.14 -22.92 23.18
CA LEU D 369 42.54 -23.27 23.43
C LEU D 369 42.76 -24.77 23.30
N ARG D 370 41.83 -25.57 23.83
CA ARG D 370 41.97 -27.02 23.70
C ARG D 370 41.92 -27.44 22.24
N GLY D 371 41.01 -26.85 21.46
CA GLY D 371 40.96 -27.16 20.05
C GLY D 371 42.24 -26.78 19.32
N PHE D 372 42.81 -25.62 19.66
CA PHE D 372 44.06 -25.19 19.04
C PHE D 372 45.19 -26.16 19.37
N LEU D 373 45.27 -26.61 20.62
CA LEU D 373 46.31 -27.56 21.00
C LEU D 373 46.13 -28.89 20.27
N LEU D 374 44.89 -29.36 20.15
CA LEU D 374 44.65 -30.60 19.40
C LEU D 374 45.04 -30.44 17.94
N GLN D 375 44.73 -29.28 17.35
CA GLN D 375 45.15 -28.99 15.99
C GLN D 375 46.66 -29.05 15.85
N ASN D 376 47.38 -28.45 16.81
CA ASN D 376 48.84 -28.50 16.76
C ASN D 376 49.33 -29.93 16.84
N GLU D 377 48.76 -30.73 17.74
CA GLU D 377 49.19 -32.11 17.87
C GLU D 377 48.96 -32.90 16.59
N PHE D 378 47.79 -32.70 15.96
CA PHE D 378 47.50 -33.43 14.73
C PHE D 378 48.45 -33.02 13.61
N VAL D 379 48.70 -31.71 13.47
CA VAL D 379 49.63 -31.24 12.44
C VAL D 379 51.02 -31.83 12.68
N GLY D 380 51.44 -31.89 13.94
CA GLY D 380 52.70 -32.52 14.26
C GLY D 380 52.72 -33.99 13.89
N PHE D 381 51.63 -34.70 14.17
CA PHE D 381 51.55 -36.12 13.82
C PHE D 381 51.52 -36.34 12.32
N MET D 382 51.20 -35.32 11.53
CA MET D 382 51.28 -35.41 10.07
C MET D 382 52.71 -35.38 9.54
N TRP D 383 53.71 -35.54 10.41
CA TRP D 383 55.13 -35.55 10.04
C TRP D 383 55.44 -34.53 8.94
N SER D 391 47.91 -28.28 5.53
CA SER D 391 47.24 -27.22 4.78
C SER D 391 46.52 -26.27 5.73
N LEU D 392 45.79 -25.31 5.17
CA LEU D 392 45.07 -24.32 5.96
C LEU D 392 43.63 -24.76 6.24
N TRP D 393 42.87 -25.05 5.18
CA TRP D 393 41.47 -25.42 5.36
C TRP D 393 41.32 -26.61 6.29
N GLU D 394 42.28 -27.54 6.29
CA GLU D 394 42.22 -28.66 7.22
C GLU D 394 42.44 -28.17 8.66
N ARG D 395 43.22 -27.11 8.85
CA ARG D 395 43.39 -26.56 10.19
C ARG D 395 42.12 -25.89 10.70
N LEU D 396 41.39 -25.21 9.82
CA LEU D 396 40.16 -24.55 10.23
C LEU D 396 39.10 -25.54 10.72
N GLU D 397 39.22 -26.82 10.39
CA GLU D 397 38.29 -27.81 10.92
C GLU D 397 38.33 -27.87 12.45
N PHE D 398 39.43 -27.45 13.06
CA PHE D 398 39.59 -27.47 14.51
C PHE D 398 39.10 -26.19 15.18
N VAL D 399 38.63 -25.21 14.41
CA VAL D 399 38.17 -23.94 14.95
C VAL D 399 36.65 -23.96 15.01
N ASN D 400 36.11 -23.82 16.21
CA ASN D 400 34.66 -23.79 16.40
C ASN D 400 34.18 -22.35 16.20
N GLY D 401 33.58 -22.09 15.03
CA GLY D 401 33.07 -20.76 14.76
C GLY D 401 31.97 -20.35 15.71
N TRP D 402 31.18 -21.32 16.19
CA TRP D 402 30.13 -21.01 17.13
C TRP D 402 30.69 -20.40 18.41
N TYR D 403 31.87 -20.87 18.84
CA TYR D 403 32.47 -20.31 20.06
C TYR D 403 33.06 -18.93 19.81
N ILE D 404 33.55 -18.66 18.60
CA ILE D 404 33.94 -17.30 18.26
C ILE D 404 32.72 -16.38 18.34
N LEU D 405 31.60 -16.84 17.79
CA LEU D 405 30.37 -16.06 17.89
C LEU D 405 29.97 -15.85 19.35
N LEU D 406 30.10 -16.89 20.17
CA LEU D 406 29.71 -16.78 21.57
C LEU D 406 30.58 -15.78 22.32
N VAL D 407 31.90 -15.80 22.10
CA VAL D 407 32.77 -14.87 22.79
C VAL D 407 32.51 -13.44 22.30
N THR D 408 32.25 -13.26 21.01
CA THR D 408 31.87 -11.94 20.52
C THR D 408 30.60 -11.45 21.18
N SER D 409 29.61 -12.34 21.31
CA SER D 409 28.36 -11.97 21.98
C SER D 409 28.61 -11.61 23.44
N ASP D 410 29.47 -12.36 24.12
CA ASP D 410 29.78 -12.05 25.51
C ASP D 410 30.43 -10.69 25.64
N VAL D 411 31.37 -10.37 24.75
CA VAL D 411 32.02 -9.07 24.80
C VAL D 411 31.00 -7.96 24.57
N LEU D 412 30.12 -8.13 23.57
CA LEU D 412 29.11 -7.13 23.29
C LEU D 412 28.18 -6.96 24.48
N THR D 413 27.75 -8.07 25.09
CA THR D 413 26.84 -7.99 26.23
C THR D 413 27.49 -7.29 27.40
N ILE D 414 28.75 -7.60 27.70
CA ILE D 414 29.43 -6.96 28.82
C ILE D 414 29.60 -5.47 28.58
N SER D 415 30.00 -5.09 27.36
CA SER D 415 30.15 -3.67 27.06
C SER D 415 28.82 -2.95 27.17
N GLY D 416 27.75 -3.55 26.65
CA GLY D 416 26.43 -2.94 26.75
C GLY D 416 25.97 -2.81 28.18
N THR D 417 26.25 -3.81 29.01
CA THR D 417 25.85 -3.75 30.42
C THR D 417 26.62 -2.66 31.16
N ILE D 418 27.92 -2.53 30.87
CA ILE D 418 28.69 -1.46 31.49
C ILE D 418 28.14 -0.09 31.07
N MET D 419 27.83 0.06 29.79
CA MET D 419 27.27 1.33 29.32
C MET D 419 25.92 1.61 29.98
N LYS D 420 25.09 0.57 30.13
CA LYS D 420 23.79 0.73 30.78
C LYS D 420 23.96 1.16 32.23
N ILE D 421 24.91 0.54 32.95
CA ILE D 421 25.17 0.94 34.33
C ILE D 421 25.62 2.39 34.38
N GLY D 422 26.51 2.79 33.46
CA GLY D 422 26.95 4.17 33.43
C GLY D 422 25.82 5.14 33.16
N ILE D 423 24.92 4.78 32.24
CA ILE D 423 23.79 5.65 31.94
C ILE D 423 22.87 5.77 33.14
N GLU D 424 22.58 4.65 33.81
CA GLU D 424 21.76 4.70 35.01
C GLU D 424 22.43 5.46 36.13
N ALA D 425 23.77 5.47 36.16
CA ALA D 425 24.50 6.28 37.13
C ALA D 425 24.64 7.73 36.70
N LYS D 426 24.07 8.10 35.54
CA LYS D 426 24.10 9.46 35.00
C LYS D 426 25.50 9.88 34.55
N ASN D 427 26.43 8.94 34.43
CA ASN D 427 27.74 9.23 33.87
C ASN D 427 27.70 9.36 32.35
N LEU D 428 26.75 8.71 31.69
CA LEU D 428 26.64 8.73 30.24
C LEU D 428 25.18 8.97 29.85
N ALA D 429 24.98 9.31 28.57
CA ALA D 429 23.63 9.50 28.04
C ALA D 429 23.48 8.92 26.63
N SER D 430 24.35 8.00 26.23
CA SER D 430 24.33 7.42 24.89
C SER D 430 23.35 6.25 24.83
N TYR D 431 22.06 6.60 24.84
CA TYR D 431 21.02 5.58 24.84
C TYR D 431 21.06 4.74 23.57
N ASP D 432 21.27 5.38 22.41
CA ASP D 432 21.21 4.65 21.15
C ASP D 432 22.33 3.61 21.05
N VAL D 433 23.55 3.98 21.45
CA VAL D 433 24.66 3.05 21.37
C VAL D 433 24.42 1.85 22.28
N CYS D 434 23.97 2.12 23.51
CA CYS D 434 23.68 1.03 24.44
C CYS D 434 22.58 0.13 23.90
N SER D 435 21.52 0.72 23.34
CA SER D 435 20.43 -0.08 22.79
C SER D 435 20.92 -0.96 21.66
N ILE D 436 21.75 -0.41 20.77
CA ILE D 436 22.25 -1.21 19.66
C ILE D 436 23.12 -2.36 20.17
N LEU D 437 24.02 -2.06 21.11
CA LEU D 437 24.87 -3.12 21.66
C LEU D 437 24.04 -4.23 22.28
N LEU D 438 23.08 -3.87 23.14
CA LEU D 438 22.30 -4.88 23.84
C LEU D 438 21.40 -5.66 22.89
N GLY D 439 20.80 -4.98 21.91
CA GLY D 439 19.95 -5.70 20.97
C GLY D 439 20.73 -6.67 20.09
N THR D 440 21.90 -6.22 19.59
CA THR D 440 22.74 -7.14 18.81
C THR D 440 23.18 -8.31 19.66
N SER D 441 23.54 -8.06 20.93
CA SER D 441 23.94 -9.15 21.80
C SER D 441 22.79 -10.12 22.03
N THR D 442 21.57 -9.60 22.19
CA THR D 442 20.41 -10.48 22.38
C THR D 442 20.18 -11.34 21.14
N LEU D 443 20.26 -10.74 19.96
CA LEU D 443 20.09 -11.51 18.74
C LEU D 443 21.14 -12.61 18.63
N LEU D 444 22.40 -12.29 18.92
CA LEU D 444 23.46 -13.28 18.83
C LEU D 444 23.30 -14.37 19.88
N VAL D 445 22.84 -14.02 21.08
CA VAL D 445 22.62 -15.02 22.11
C VAL D 445 21.51 -15.98 21.68
N TRP D 446 20.44 -15.46 21.09
CA TRP D 446 19.39 -16.35 20.59
C TRP D 446 19.91 -17.23 19.47
N VAL D 447 20.72 -16.67 18.57
CA VAL D 447 21.21 -17.44 17.43
C VAL D 447 22.17 -18.54 17.89
N GLY D 448 22.97 -18.27 18.92
CA GLY D 448 24.02 -19.19 19.31
C GLY D 448 23.53 -20.54 19.80
N VAL D 449 22.24 -20.65 20.13
CA VAL D 449 21.72 -21.92 20.63
C VAL D 449 21.62 -22.96 19.53
N ILE D 450 21.72 -22.55 18.26
CA ILE D 450 21.66 -23.50 17.15
C ILE D 450 22.91 -24.37 17.09
N ARG D 451 23.98 -23.98 17.77
CA ARG D 451 25.18 -24.81 17.81
C ARG D 451 24.86 -26.23 18.28
N TYR D 452 23.90 -26.38 19.18
CA TYR D 452 23.56 -27.69 19.72
C TYR D 452 22.58 -28.44 18.85
N LEU D 453 21.74 -27.74 18.10
CA LEU D 453 20.94 -28.39 17.06
C LEU D 453 21.81 -28.87 15.90
N THR D 454 22.99 -28.27 15.72
CA THR D 454 23.85 -28.64 14.60
C THR D 454 24.26 -30.10 14.64
N PHE D 455 24.22 -30.75 15.80
CA PHE D 455 24.67 -32.13 15.92
C PHE D 455 23.70 -33.14 15.32
N PHE D 456 22.48 -32.73 14.99
CA PHE D 456 21.44 -33.63 14.52
C PHE D 456 21.01 -33.23 13.12
N HIS D 457 21.05 -34.19 12.19
CA HIS D 457 20.86 -33.88 10.79
C HIS D 457 19.49 -33.29 10.52
N ASN D 458 18.44 -33.86 11.12
CA ASN D 458 17.09 -33.40 10.83
C ASN D 458 16.88 -31.96 11.26
N TYR D 459 17.63 -31.50 12.26
CA TYR D 459 17.53 -30.13 12.75
C TYR D 459 18.62 -29.22 12.19
N ASN D 460 19.49 -29.73 11.32
CA ASN D 460 20.65 -28.99 10.84
C ASN D 460 20.54 -28.65 9.35
N ILE D 461 19.34 -28.69 8.78
CA ILE D 461 19.18 -28.50 7.35
C ILE D 461 19.66 -27.11 6.93
N LEU D 462 19.24 -26.08 7.66
CA LEU D 462 19.54 -24.70 7.26
C LEU D 462 21.05 -24.44 7.28
N ILE D 463 21.72 -24.82 8.37
CA ILE D 463 23.14 -24.54 8.50
C ILE D 463 23.95 -25.32 7.48
N ALA D 464 23.60 -26.59 7.27
CA ALA D 464 24.32 -27.40 6.29
C ALA D 464 24.15 -26.85 4.89
N THR D 465 22.93 -26.46 4.53
CA THR D 465 22.71 -25.88 3.21
C THR D 465 23.48 -24.57 3.05
N LEU D 466 23.48 -23.72 4.08
CA LEU D 466 24.25 -22.49 4.01
C LEU D 466 25.73 -22.78 3.79
N ARG D 467 26.27 -23.73 4.55
CA ARG D 467 27.67 -24.10 4.39
C ARG D 467 27.96 -24.52 2.95
N VAL D 468 27.12 -25.40 2.39
CA VAL D 468 27.40 -25.90 1.05
C VAL D 468 27.20 -24.83 -0.02
N ALA D 469 26.27 -23.90 0.21
CA ALA D 469 25.84 -22.99 -0.85
C ALA D 469 26.58 -21.66 -0.86
N LEU D 470 27.17 -21.24 0.26
CA LEU D 470 27.74 -19.89 0.35
C LEU D 470 28.72 -19.57 -0.77
N PRO D 471 29.67 -20.43 -1.13
CA PRO D 471 30.62 -20.05 -2.19
C PRO D 471 29.96 -19.70 -3.51
N SER D 472 29.12 -20.59 -4.04
CA SER D 472 28.46 -20.34 -5.31
C SER D 472 27.55 -19.13 -5.22
N VAL D 473 26.85 -18.96 -4.10
CA VAL D 473 25.96 -17.83 -3.93
C VAL D 473 26.75 -16.53 -3.98
N MET D 474 27.90 -16.49 -3.30
CA MET D 474 28.72 -15.29 -3.32
C MET D 474 29.25 -15.01 -4.72
N ARG D 475 29.68 -16.05 -5.44
CA ARG D 475 30.17 -15.85 -6.79
C ARG D 475 29.07 -15.29 -7.70
N PHE D 476 27.85 -15.82 -7.56
CA PHE D 476 26.71 -15.30 -8.32
C PHE D 476 26.42 -13.84 -7.97
N CYS D 477 26.43 -13.52 -6.68
CA CYS D 477 26.17 -12.15 -6.24
C CYS D 477 27.21 -11.19 -6.79
N CYS D 478 28.45 -11.65 -6.94
CA CYS D 478 29.49 -10.80 -7.51
C CYS D 478 29.06 -10.27 -8.88
N CYS D 479 28.59 -11.16 -9.76
CA CYS D 479 28.19 -10.74 -11.09
C CYS D 479 26.90 -9.92 -11.06
N VAL D 480 25.95 -10.30 -10.19
CA VAL D 480 24.68 -9.57 -10.16
C VAL D 480 24.87 -8.15 -9.62
N ALA D 481 25.86 -7.95 -8.75
CA ALA D 481 25.98 -6.68 -8.04
C ALA D 481 26.35 -5.54 -8.98
N VAL D 482 27.15 -5.80 -10.02
CA VAL D 482 27.54 -4.73 -10.92
C VAL D 482 26.32 -4.22 -11.70
N ILE D 483 25.46 -5.13 -12.16
CA ILE D 483 24.23 -4.72 -12.82
C ILE D 483 23.36 -3.93 -11.85
N TYR D 484 23.25 -4.43 -10.61
CA TYR D 484 22.45 -3.72 -9.61
C TYR D 484 22.96 -2.31 -9.39
N LEU D 485 24.28 -2.13 -9.28
CA LEU D 485 24.85 -0.83 -9.03
C LEU D 485 24.67 0.11 -10.22
N GLY D 486 24.84 -0.42 -11.44
CA GLY D 486 24.57 0.40 -12.60
C GLY D 486 23.14 0.91 -12.61
N TYR D 487 22.18 0.03 -12.32
CA TYR D 487 20.79 0.46 -12.23
C TYR D 487 20.60 1.49 -11.13
N CYS D 488 21.23 1.28 -9.96
CA CYS D 488 21.08 2.22 -8.87
C CYS D 488 21.54 3.62 -9.27
N PHE D 489 22.74 3.73 -9.85
CA PHE D 489 23.27 5.03 -10.21
C PHE D 489 22.41 5.68 -11.29
N CYS D 490 22.05 4.91 -12.33
CA CYS D 490 21.25 5.46 -13.42
C CYS D 490 19.93 5.99 -12.89
N GLY D 491 19.22 5.19 -12.09
CA GLY D 491 17.95 5.64 -11.55
C GLY D 491 18.10 6.84 -10.64
N TRP D 492 19.11 6.82 -9.76
CA TRP D 492 19.32 7.91 -8.84
C TRP D 492 19.47 9.23 -9.57
N ILE D 493 20.28 9.24 -10.64
CA ILE D 493 20.56 10.53 -11.28
C ILE D 493 19.45 10.91 -12.27
N VAL D 494 18.98 9.96 -13.08
CA VAL D 494 18.02 10.31 -14.13
C VAL D 494 16.64 10.55 -13.53
N LEU D 495 16.18 9.65 -12.65
CA LEU D 495 14.81 9.69 -12.15
C LEU D 495 14.66 10.39 -10.81
N GLY D 496 15.76 10.60 -10.07
CA GLY D 496 15.67 11.19 -8.75
C GLY D 496 14.95 12.53 -8.69
N PRO D 497 15.22 13.45 -9.62
CA PRO D 497 14.52 14.74 -9.60
C PRO D 497 13.02 14.62 -9.83
N TYR D 498 12.54 13.52 -10.41
CA TYR D 498 11.13 13.37 -10.77
C TYR D 498 10.39 12.35 -9.93
N HIS D 499 11.08 11.49 -9.19
CA HIS D 499 10.48 10.35 -8.52
C HIS D 499 10.81 10.41 -7.04
N VAL D 500 9.78 10.42 -6.19
CA VAL D 500 9.99 10.55 -4.75
C VAL D 500 10.76 9.36 -4.18
N LYS D 501 10.75 8.22 -4.86
CA LYS D 501 11.43 7.02 -4.39
C LYS D 501 12.87 6.91 -4.87
N PHE D 502 13.37 7.91 -5.61
CA PHE D 502 14.72 7.88 -6.16
C PHE D 502 15.54 9.09 -5.71
N ARG D 503 15.14 9.75 -4.62
CA ARG D 503 15.78 11.01 -4.25
C ARG D 503 17.25 10.81 -3.87
N SER D 504 17.55 9.76 -3.11
CA SER D 504 18.90 9.51 -2.64
C SER D 504 19.31 8.09 -3.01
N LEU D 505 20.63 7.85 -2.95
CA LEU D 505 21.16 6.56 -3.34
C LEU D 505 20.63 5.44 -2.45
N SER D 506 20.57 5.67 -1.13
CA SER D 506 20.02 4.66 -0.23
C SER D 506 18.54 4.42 -0.51
N MET D 507 17.79 5.48 -0.80
CA MET D 507 16.39 5.32 -1.18
C MET D 507 16.26 4.52 -2.47
N VAL D 508 17.14 4.77 -3.44
CA VAL D 508 17.10 4.03 -4.70
C VAL D 508 17.37 2.56 -4.45
N SER D 509 18.37 2.25 -3.62
CA SER D 509 18.66 0.86 -3.30
C SER D 509 17.47 0.20 -2.62
N GLU D 510 16.82 0.91 -1.68
CA GLU D 510 15.64 0.35 -1.02
C GLU D 510 14.53 0.07 -2.03
N CYS D 511 14.27 1.02 -2.93
CA CYS D 511 13.22 0.84 -3.92
C CYS D 511 13.50 -0.35 -4.83
N LEU D 512 14.74 -0.45 -5.32
CA LEU D 512 15.07 -1.56 -6.22
C LEU D 512 15.03 -2.90 -5.50
N PHE D 513 15.51 -2.94 -4.26
CA PHE D 513 15.44 -4.19 -3.50
C PHE D 513 14.00 -4.60 -3.25
N SER D 514 13.12 -3.63 -2.97
CA SER D 514 11.71 -3.94 -2.80
C SER D 514 11.10 -4.44 -4.12
N LEU D 515 11.49 -3.83 -5.24
CA LEU D 515 10.98 -4.28 -6.53
C LEU D 515 11.43 -5.72 -6.83
N ILE D 516 12.67 -6.05 -6.48
CA ILE D 516 13.15 -7.42 -6.68
C ILE D 516 12.22 -8.41 -6.00
N ASN D 517 11.71 -8.05 -4.82
CA ASN D 517 10.81 -8.91 -4.07
C ASN D 517 9.35 -8.67 -4.39
N GLY D 518 9.05 -7.96 -5.48
CA GLY D 518 7.69 -7.79 -5.93
C GLY D 518 6.85 -6.82 -5.10
N ASP D 519 7.49 -5.90 -4.40
CA ASP D 519 6.79 -4.98 -3.50
C ASP D 519 6.74 -3.59 -4.08
N ASP D 520 5.56 -2.97 -4.01
CA ASP D 520 5.39 -1.54 -4.28
C ASP D 520 5.62 -1.23 -5.77
N MET D 521 5.16 -2.12 -6.64
CA MET D 521 5.42 -2.00 -8.07
C MET D 521 4.53 -0.94 -8.72
N PHE D 522 3.21 -1.07 -8.57
CA PHE D 522 2.30 -0.18 -9.27
C PHE D 522 2.48 1.26 -8.81
N VAL D 523 2.73 1.49 -7.53
CA VAL D 523 2.93 2.85 -7.06
CA VAL D 523 2.95 2.84 -7.03
C VAL D 523 4.19 3.44 -7.67
N THR D 524 5.24 2.62 -7.82
CA THR D 524 6.45 3.08 -8.49
C THR D 524 6.16 3.49 -9.93
N PHE D 525 5.36 2.69 -10.64
CA PHE D 525 4.97 3.07 -11.99
C PHE D 525 4.13 4.34 -11.99
N ALA D 526 3.22 4.48 -11.03
CA ALA D 526 2.26 5.57 -11.05
C ALA D 526 2.90 6.90 -10.71
N ALA D 527 3.96 6.88 -9.90
CA ALA D 527 4.63 8.14 -9.56
C ALA D 527 5.10 8.89 -10.80
N MET D 528 5.43 8.16 -11.86
CA MET D 528 5.90 8.76 -13.10
C MET D 528 4.78 9.17 -14.05
N GLN D 529 3.55 8.74 -13.80
CA GLN D 529 2.46 9.05 -14.73
C GLN D 529 2.19 10.55 -14.82
N ALA D 530 2.66 11.34 -13.84
CA ALA D 530 2.48 12.78 -13.91
C ALA D 530 3.39 13.40 -14.97
N GLN D 531 4.55 12.80 -15.22
CA GLN D 531 5.49 13.34 -16.20
C GLN D 531 5.15 12.95 -17.63
N GLN D 532 4.14 12.10 -17.85
CA GLN D 532 3.80 11.71 -19.21
C GLN D 532 3.37 12.91 -20.05
N GLY D 533 2.58 13.80 -19.47
CA GLY D 533 2.10 14.97 -20.19
C GLY D 533 3.13 16.07 -20.33
N ARG D 534 4.07 16.16 -19.38
CA ARG D 534 5.03 17.26 -19.32
C ARG D 534 6.40 16.89 -19.87
N SER D 535 7.04 15.86 -19.31
CA SER D 535 8.35 15.39 -19.77
C SER D 535 8.17 13.96 -20.28
N SER D 536 7.81 13.84 -21.56
CA SER D 536 7.45 12.55 -22.11
C SER D 536 8.67 11.66 -22.33
N LEU D 537 9.81 12.24 -22.71
CA LEU D 537 11.00 11.45 -22.95
C LEU D 537 11.47 10.77 -21.66
N VAL D 538 11.46 11.52 -20.56
CA VAL D 538 11.84 10.94 -19.27
C VAL D 538 10.86 9.85 -18.87
N TRP D 539 9.57 10.05 -19.16
CA TRP D 539 8.58 9.03 -18.84
C TRP D 539 8.82 7.75 -19.63
N LEU D 540 9.13 7.87 -20.92
CA LEU D 540 9.43 6.68 -21.72
C LEU D 540 10.67 5.98 -21.21
N PHE D 541 11.70 6.75 -20.86
CA PHE D 541 12.90 6.14 -20.29
C PHE D 541 12.58 5.42 -18.99
N SER D 542 11.72 6.00 -18.15
CA SER D 542 11.33 5.34 -16.91
C SER D 542 10.58 4.05 -17.18
N GLN D 543 9.71 4.06 -18.20
CA GLN D 543 9.02 2.82 -18.60
C GLN D 543 10.04 1.73 -18.92
N LEU D 544 11.00 2.05 -19.80
CA LEU D 544 11.99 1.03 -20.18
CA LEU D 544 11.99 1.04 -20.18
C LEU D 544 12.81 0.58 -18.98
N TYR D 545 13.25 1.54 -18.16
CA TYR D 545 14.06 1.23 -16.99
C TYR D 545 13.34 0.27 -16.06
N LEU D 546 12.11 0.60 -15.68
CA LEU D 546 11.39 -0.20 -14.70
C LEU D 546 11.05 -1.57 -15.26
N TYR D 547 10.52 -1.63 -16.49
CA TYR D 547 10.17 -2.93 -17.06
C TYR D 547 11.40 -3.83 -17.17
N SER D 548 12.51 -3.30 -17.70
CA SER D 548 13.69 -4.12 -17.87
C SER D 548 14.23 -4.60 -16.53
N PHE D 549 14.32 -3.71 -15.54
CA PHE D 549 14.85 -4.10 -14.24
C PHE D 549 13.98 -5.19 -13.61
N ILE D 550 12.67 -4.98 -13.57
CA ILE D 550 11.78 -5.93 -12.91
C ILE D 550 11.87 -7.28 -13.60
N SER D 551 11.75 -7.30 -14.93
CA SER D 551 11.80 -8.58 -15.64
C SER D 551 13.12 -9.30 -15.36
N LEU D 552 14.24 -8.60 -15.57
CA LEU D 552 15.55 -9.25 -15.44
C LEU D 552 15.74 -9.80 -14.04
N PHE D 553 15.41 -9.02 -13.01
CA PHE D 553 15.79 -9.43 -11.67
C PHE D 553 14.81 -10.43 -11.08
N ILE D 554 13.51 -10.26 -11.29
CA ILE D 554 12.55 -11.21 -10.74
C ILE D 554 12.62 -12.54 -11.47
N TYR D 555 12.68 -12.51 -12.80
CA TYR D 555 12.50 -13.74 -13.56
C TYR D 555 13.80 -14.49 -13.84
N MET D 556 14.93 -13.79 -13.93
CA MET D 556 16.21 -14.44 -14.23
C MET D 556 17.10 -14.53 -12.99
N VAL D 557 17.39 -13.41 -12.35
CA VAL D 557 18.33 -13.41 -11.23
C VAL D 557 17.80 -14.26 -10.07
N LEU D 558 16.56 -14.00 -9.67
CA LEU D 558 16.02 -14.67 -8.49
C LEU D 558 15.81 -16.16 -8.75
N SER D 559 15.38 -16.51 -9.97
CA SER D 559 15.20 -17.92 -10.29
C SER D 559 16.51 -18.69 -10.13
N LEU D 560 17.60 -18.13 -10.66
CA LEU D 560 18.89 -18.80 -10.55
C LEU D 560 19.39 -18.82 -9.11
N PHE D 561 19.14 -17.75 -8.36
CA PHE D 561 19.53 -17.72 -6.95
C PHE D 561 18.86 -18.86 -6.18
N ILE D 562 17.54 -18.97 -6.32
CA ILE D 562 16.81 -20.04 -5.63
C ILE D 562 17.25 -21.39 -6.15
N ALA D 563 17.54 -21.50 -7.45
CA ALA D 563 17.99 -22.77 -8.01
C ALA D 563 19.31 -23.20 -7.39
N LEU D 564 20.24 -22.26 -7.23
CA LEU D 564 21.51 -22.58 -6.58
C LEU D 564 21.27 -23.05 -5.14
N ILE D 565 20.43 -22.33 -4.40
CA ILE D 565 20.19 -22.70 -3.01
C ILE D 565 19.56 -24.09 -2.91
N THR D 566 18.57 -24.36 -3.75
CA THR D 566 17.88 -25.65 -3.67
C THR D 566 18.75 -26.79 -4.18
N GLY D 567 19.63 -26.54 -5.16
CA GLY D 567 20.59 -27.55 -5.56
C GLY D 567 21.57 -27.87 -4.45
N ALA D 568 22.03 -26.84 -3.75
CA ALA D 568 22.88 -27.08 -2.59
C ALA D 568 22.16 -27.92 -1.54
N TYR D 569 20.88 -27.62 -1.31
CA TYR D 569 20.10 -28.45 -0.40
C TYR D 569 20.01 -29.88 -0.89
N ASP D 570 19.78 -30.06 -2.20
CA ASP D 570 19.72 -31.40 -2.76
C ASP D 570 21.02 -32.17 -2.53
N THR D 571 22.15 -31.46 -2.53
CA THR D 571 23.43 -32.12 -2.29
C THR D 571 23.47 -32.73 -0.88
N ILE D 572 22.98 -32.00 0.12
CA ILE D 572 23.09 -32.44 1.51
C ILE D 572 21.80 -33.15 1.94
N LYS D 573 20.96 -33.52 0.97
CA LYS D 573 19.71 -34.19 1.28
C LYS D 573 19.97 -35.67 1.58
#